data_7MIF
#
_entry.id   7MIF
#
loop_
_entity.id
_entity.type
_entity.pdbx_description
1 polymer 'CTP synthase 1'
2 non-polymer GLUTAMINE
3 non-polymer N-(1-{2-[(cyclopropanesulfonyl)amino]-1,3-thiazol-4-yl}cyclopropyl)-5-(6-ethoxypyrazin-2-yl)pyridine-2-carboxamide
4 non-polymer 'MAGNESIUM ION'
5 non-polymer "URIDINE 5'-TRIPHOSPHATE"
#
_entity_poly.entity_id   1
_entity_poly.type   'polypeptide(L)'
_entity_poly.pdbx_seq_one_letter_code
;MKYILVTGGVISGIGKGIIASSVGTILKSCGLHVTSIKIDPYINIDAGTFSPYEHGEVFVLDDGGEVDLDLGNYERFLDI
RLTKDNNLTTGKIYQYVINKERKGDYLGKTVQVVPHITDAIQEWVMRQALIPVDEDGLEPQVCVIELGGTVGDIESMPFI
EAFRQFQFKVKRENFCNIHVSLVPQPSSTGEQKTKPTQNSVRELRGLGLSPDLVVCRCSNPLDTSVKEKISMFCHVEPEQ
VICVHDVSSIYRVPLLLEEQGVVDYFLRRLDLPIERQPRKMLMKWKEMADRYDRLLETCSIALVGKYTKFSDSYASVIKA
LEHSALAINHKLEIKYIDSADLEPITSQEEPVRYHEAWQKLCSAHGVLVPGGFGVRGTEGKIQAIAWARNQKKPFLGVCL
GMQLAVVEFSRNVLGWQDANSTEFDPTTSHPVVVDMPEHNPGQMGGTMRLGKRRTLFQTKNSVMRKLYGDADYLEERHRH
RFEVNPVWKKCLEEQGLKFVGQDVEGERMEIVELEDHPFFVGVQYHPEFLSRPIKPSPPYFGLLLASVGRLSHYLQKGCR
LSPRDTYSDRSGSSSPDSEITELKFPSINHD
;
_entity_poly.pdbx_strand_id   C,G,H,I
#
# COMPACT_ATOMS: atom_id res chain seq x y z
N MET A 1 -21.33 13.21 -21.74
CA MET A 1 -20.62 12.62 -22.88
C MET A 1 -20.75 11.09 -22.90
N LYS A 2 -19.78 10.42 -23.54
CA LYS A 2 -19.47 9.02 -23.31
C LYS A 2 -17.93 8.99 -23.24
N TYR A 3 -17.38 8.31 -22.24
CA TYR A 3 -15.96 8.24 -21.96
C TYR A 3 -15.50 6.79 -21.90
N ILE A 4 -14.34 6.54 -22.50
CA ILE A 4 -13.61 5.29 -22.34
C ILE A 4 -12.21 5.69 -21.85
N LEU A 5 -11.89 5.35 -20.59
CA LEU A 5 -10.52 5.45 -20.09
C LEU A 5 -9.74 4.20 -20.50
N VAL A 6 -8.46 4.36 -20.85
CA VAL A 6 -7.56 3.28 -21.20
C VAL A 6 -6.31 3.41 -20.31
N THR A 7 -6.16 2.50 -19.34
CA THR A 7 -5.07 2.52 -18.36
C THR A 7 -4.03 1.42 -18.68
N GLY A 8 -2.75 1.68 -18.37
CA GLY A 8 -1.65 0.76 -18.60
C GLY A 8 -1.34 -0.01 -17.32
N GLY A 9 -0.98 -1.29 -17.48
CA GLY A 9 -0.92 -2.21 -16.36
C GLY A 9 0.50 -2.49 -15.85
N VAL A 10 1.33 -3.12 -16.70
CA VAL A 10 2.54 -3.82 -16.25
C VAL A 10 3.82 -3.08 -16.67
N ILE A 11 3.80 -2.56 -17.90
CA ILE A 11 4.87 -1.82 -18.53
C ILE A 11 4.22 -0.86 -19.54
N SER A 12 5.00 0.11 -20.02
CA SER A 12 4.73 0.90 -21.20
C SER A 12 5.17 0.13 -22.47
N GLY A 13 4.94 0.70 -23.65
CA GLY A 13 5.45 0.17 -24.93
C GLY A 13 4.55 -0.91 -25.52
N ILE A 14 3.73 -1.57 -24.71
CA ILE A 14 2.80 -2.66 -25.06
C ILE A 14 1.62 -2.31 -26.00
N GLY A 15 1.66 -1.12 -26.62
CA GLY A 15 0.75 -0.76 -27.70
C GLY A 15 -0.58 -0.22 -27.18
N LYS A 16 -0.66 0.23 -25.92
CA LYS A 16 -1.83 0.87 -25.32
C LYS A 16 -2.41 2.04 -26.15
N GLY A 17 -1.52 2.82 -26.78
CA GLY A 17 -1.89 3.91 -27.66
C GLY A 17 -2.47 3.41 -28.98
N ILE A 18 -2.06 2.22 -29.44
CA ILE A 18 -2.64 1.57 -30.61
C ILE A 18 -4.04 1.03 -30.26
N ILE A 19 -4.22 0.47 -29.05
CA ILE A 19 -5.52 0.03 -28.54
C ILE A 19 -6.52 1.19 -28.43
N ALA A 20 -6.11 2.31 -27.83
CA ALA A 20 -6.91 3.54 -27.75
C ALA A 20 -7.33 4.07 -29.13
N SER A 21 -6.37 4.10 -30.06
CA SER A 21 -6.57 4.50 -31.44
C SER A 21 -7.51 3.53 -32.20
N SER A 22 -7.31 2.23 -32.00
CA SER A 22 -8.14 1.16 -32.60
C SER A 22 -9.58 1.20 -32.08
N VAL A 23 -9.76 1.40 -30.78
CA VAL A 23 -11.07 1.60 -30.16
C VAL A 23 -11.76 2.87 -30.70
N GLY A 24 -11.01 3.95 -30.91
CA GLY A 24 -11.51 5.18 -31.53
C GLY A 24 -11.95 4.96 -32.99
N THR A 25 -11.20 4.18 -33.79
CA THR A 25 -11.57 3.91 -35.19
C THR A 25 -12.78 2.96 -35.29
N ILE A 26 -12.90 2.03 -34.34
CA ILE A 26 -14.06 1.15 -34.14
C ILE A 26 -15.34 1.96 -33.82
N LEU A 27 -15.24 2.89 -32.86
CA LEU A 27 -16.32 3.82 -32.52
C LEU A 27 -16.70 4.72 -33.71
N LYS A 28 -15.70 5.23 -34.43
CA LYS A 28 -15.91 6.04 -35.63
C LYS A 28 -16.59 5.26 -36.77
N SER A 29 -16.24 3.99 -36.92
CA SER A 29 -16.90 3.05 -37.83
C SER A 29 -18.35 2.72 -37.44
N CYS A 30 -18.72 2.94 -36.17
CA CYS A 30 -20.10 2.86 -35.69
C CYS A 30 -20.89 4.16 -35.99
N GLY A 31 -20.29 5.13 -36.68
CA GLY A 31 -20.93 6.37 -37.12
C GLY A 31 -20.82 7.47 -36.06
N LEU A 32 -20.00 7.29 -35.02
CA LEU A 32 -19.83 8.26 -33.95
C LEU A 32 -18.73 9.28 -34.33
N HIS A 33 -18.94 10.54 -33.97
CA HIS A 33 -17.89 11.54 -33.88
C HIS A 33 -17.08 11.23 -32.61
N VAL A 34 -15.75 11.20 -32.70
CA VAL A 34 -14.89 10.74 -31.62
C VAL A 34 -13.72 11.72 -31.48
N THR A 35 -13.41 12.07 -30.23
CA THR A 35 -12.23 12.82 -29.82
C THR A 35 -11.38 11.90 -28.93
N SER A 36 -10.16 12.33 -28.60
CA SER A 36 -9.25 11.57 -27.77
C SER A 36 -8.34 12.51 -26.98
N ILE A 37 -7.93 12.06 -25.79
CA ILE A 37 -7.07 12.78 -24.87
C ILE A 37 -5.98 11.81 -24.42
N LYS A 38 -4.73 12.29 -24.39
CA LYS A 38 -3.61 11.58 -23.78
C LYS A 38 -3.29 12.31 -22.49
N ILE A 39 -3.24 11.58 -21.39
CA ILE A 39 -2.67 12.06 -20.14
C ILE A 39 -1.27 11.46 -20.04
N ASP A 40 -0.26 12.31 -19.90
CA ASP A 40 1.14 11.93 -19.66
C ASP A 40 1.53 12.39 -18.26
N PRO A 41 1.63 11.45 -17.28
CA PRO A 41 2.11 11.75 -15.92
C PRO A 41 3.58 12.21 -15.79
N TYR A 42 4.00 13.20 -16.58
CA TYR A 42 5.25 13.93 -16.42
C TYR A 42 4.94 15.39 -16.05
N ILE A 43 5.95 16.07 -15.52
CA ILE A 43 5.86 17.41 -14.96
C ILE A 43 6.07 18.49 -16.06
N ASN A 44 6.39 18.05 -17.28
CA ASN A 44 6.65 18.89 -18.43
C ASN A 44 5.36 19.50 -18.96
N ILE A 45 5.38 20.80 -19.26
CA ILE A 45 4.34 21.47 -20.00
C ILE A 45 4.66 21.28 -21.49
N ASP A 46 4.02 20.27 -22.08
CA ASP A 46 4.20 19.80 -23.46
C ASP A 46 5.53 19.03 -23.63
N ALA A 47 5.67 18.35 -24.77
CA ALA A 47 6.83 17.50 -25.09
C ALA A 47 7.97 18.29 -25.78
N GLY A 48 7.74 19.59 -26.02
CA GLY A 48 8.56 20.55 -26.76
C GLY A 48 9.93 20.88 -26.14
N THR A 49 10.52 19.92 -25.41
CA THR A 49 11.80 20.05 -24.73
C THR A 49 12.55 18.69 -24.68
N PHE A 50 11.94 17.61 -25.17
CA PHE A 50 12.53 16.27 -25.10
C PHE A 50 13.58 16.06 -26.19
N SER A 51 14.78 15.63 -25.78
CA SER A 51 15.77 14.97 -26.63
C SER A 51 15.16 13.65 -27.15
N PRO A 52 14.89 13.46 -28.47
CA PRO A 52 14.00 12.40 -28.98
C PRO A 52 14.32 10.95 -28.60
N TYR A 53 15.42 10.66 -27.92
CA TYR A 53 15.70 9.36 -27.35
C TYR A 53 14.80 9.02 -26.14
N GLU A 54 14.19 10.03 -25.52
CA GLU A 54 13.19 9.92 -24.46
C GLU A 54 11.87 10.46 -25.03
N HIS A 55 10.82 9.62 -25.01
CA HIS A 55 9.46 9.91 -25.51
C HIS A 55 9.50 10.45 -26.94
N GLY A 56 10.14 9.65 -27.80
CA GLY A 56 10.62 10.05 -29.12
C GLY A 56 9.50 10.42 -30.08
N GLU A 57 9.84 11.31 -31.03
CA GLU A 57 8.98 11.90 -32.05
C GLU A 57 7.93 12.79 -31.40
N VAL A 58 8.30 14.07 -31.19
CA VAL A 58 7.33 15.07 -30.76
C VAL A 58 6.50 15.45 -32.00
N PHE A 59 5.21 15.17 -31.89
CA PHE A 59 4.23 15.35 -32.95
C PHE A 59 3.70 16.77 -32.83
N VAL A 60 3.73 17.54 -33.91
CA VAL A 60 3.32 18.93 -33.88
C VAL A 60 1.93 19.09 -34.48
N LEU A 61 1.00 19.52 -33.63
CA LEU A 61 -0.38 19.86 -33.92
C LEU A 61 -0.48 21.21 -34.63
N ASP A 62 -1.66 21.49 -35.21
CA ASP A 62 -1.97 22.72 -35.93
C ASP A 62 -1.72 24.01 -35.14
N ASP A 63 -2.04 23.99 -33.85
CA ASP A 63 -1.86 25.11 -32.92
C ASP A 63 -0.41 25.28 -32.44
N GLY A 64 0.50 24.39 -32.87
CA GLY A 64 1.90 24.43 -32.46
C GLY A 64 2.15 23.56 -31.22
N GLY A 65 1.20 22.71 -30.83
CA GLY A 65 1.35 21.78 -29.72
C GLY A 65 2.34 20.68 -30.10
N GLU A 66 3.54 20.74 -29.51
CA GLU A 66 4.58 19.71 -29.53
C GLU A 66 4.21 18.65 -28.49
N VAL A 67 3.50 17.60 -28.91
CA VAL A 67 2.93 16.59 -28.05
C VAL A 67 3.51 15.19 -28.35
N ASP A 68 3.17 14.21 -27.52
CA ASP A 68 3.58 12.81 -27.66
C ASP A 68 3.06 12.18 -28.98
N LEU A 69 3.80 11.19 -29.51
CA LEU A 69 3.47 10.47 -30.75
C LEU A 69 2.09 9.79 -30.77
N ASP A 70 1.54 9.44 -29.59
CA ASP A 70 0.19 8.86 -29.46
C ASP A 70 -0.93 9.79 -29.92
N LEU A 71 -0.76 11.11 -29.79
CA LEU A 71 -1.67 12.10 -30.36
C LEU A 71 -1.67 12.04 -31.90
N GLY A 72 -0.52 11.66 -32.46
CA GLY A 72 -0.36 11.45 -33.90
C GLY A 72 -0.97 10.13 -34.34
N ASN A 73 -0.95 9.09 -33.49
CA ASN A 73 -1.66 7.83 -33.73
C ASN A 73 -3.17 8.06 -33.77
N TYR A 74 -3.70 8.88 -32.85
CA TYR A 74 -5.11 9.29 -32.87
C TYR A 74 -5.49 9.97 -34.19
N GLU A 75 -4.69 10.96 -34.65
CA GLU A 75 -4.90 11.63 -35.95
C GLU A 75 -4.78 10.72 -37.19
N ARG A 76 -4.21 9.51 -37.08
CA ARG A 76 -4.04 8.60 -38.20
C ARG A 76 -5.05 7.45 -38.20
N PHE A 77 -5.49 7.00 -37.03
CA PHE A 77 -6.59 6.04 -36.92
C PHE A 77 -7.98 6.71 -37.04
N LEU A 78 -8.09 7.96 -36.60
CA LEU A 78 -9.31 8.75 -36.61
C LEU A 78 -9.02 10.02 -37.43
N ASP A 79 -9.97 10.42 -38.28
CA ASP A 79 -9.90 11.68 -39.04
C ASP A 79 -10.23 12.87 -38.13
N ILE A 80 -9.24 13.25 -37.31
CA ILE A 80 -9.31 14.32 -36.33
C ILE A 80 -8.07 15.23 -36.42
N ARG A 81 -8.20 16.44 -35.86
CA ARG A 81 -7.17 17.46 -35.74
C ARG A 81 -7.26 17.99 -34.29
N LEU A 82 -6.26 17.65 -33.47
CA LEU A 82 -6.26 17.90 -32.03
C LEU A 82 -5.64 19.25 -31.66
N THR A 83 -5.87 19.66 -30.41
CA THR A 83 -5.32 20.87 -29.80
C THR A 83 -4.29 20.45 -28.71
N LYS A 84 -3.42 21.39 -28.29
CA LYS A 84 -2.36 21.17 -27.28
C LYS A 84 -2.86 20.42 -26.03
N ASP A 85 -4.02 20.89 -25.55
CA ASP A 85 -4.63 20.48 -24.30
C ASP A 85 -5.30 19.10 -24.35
N ASN A 86 -5.35 18.48 -25.53
CA ASN A 86 -5.61 17.04 -25.67
C ASN A 86 -4.41 16.22 -25.17
N ASN A 87 -3.23 16.82 -25.00
CA ASN A 87 -2.14 16.27 -24.19
C ASN A 87 -2.20 16.96 -22.82
N LEU A 88 -2.79 16.26 -21.85
CA LEU A 88 -2.83 16.67 -20.44
C LEU A 88 -1.56 16.14 -19.75
N THR A 89 -1.04 16.87 -18.77
CA THR A 89 0.14 16.50 -18.00
C THR A 89 -0.03 16.98 -16.55
N THR A 90 0.78 16.45 -15.63
CA THR A 90 0.81 16.96 -14.24
C THR A 90 1.33 18.41 -14.19
N GLY A 91 2.28 18.76 -15.07
CA GLY A 91 2.83 20.11 -15.17
C GLY A 91 1.74 21.11 -15.52
N LYS A 92 0.93 20.78 -16.52
CA LYS A 92 -0.18 21.60 -16.99
C LYS A 92 -1.29 21.75 -15.92
N ILE A 93 -1.68 20.65 -15.29
CA ILE A 93 -2.79 20.67 -14.34
C ILE A 93 -2.40 21.28 -12.98
N TYR A 94 -1.17 21.01 -12.49
CA TYR A 94 -0.67 21.63 -11.26
C TYR A 94 -0.43 23.13 -11.46
N GLN A 95 0.16 23.54 -12.60
CA GLN A 95 0.35 24.95 -12.93
C GLN A 95 -0.97 25.72 -13.06
N TYR A 96 -1.99 25.09 -13.66
CA TYR A 96 -3.37 25.57 -13.71
C TYR A 96 -3.94 25.87 -12.31
N VAL A 97 -3.89 24.86 -11.42
CA VAL A 97 -4.35 24.99 -10.03
C VAL A 97 -3.55 26.01 -9.21
N ILE A 98 -2.22 26.06 -9.39
CA ILE A 98 -1.34 27.03 -8.73
C ILE A 98 -1.66 28.47 -9.15
N ASN A 99 -1.81 28.71 -10.45
CA ASN A 99 -2.17 30.03 -10.99
C ASN A 99 -3.57 30.47 -10.52
N LYS A 100 -4.51 29.52 -10.50
CA LYS A 100 -5.87 29.68 -10.01
C LYS A 100 -5.93 29.99 -8.49
N GLU A 101 -5.01 29.39 -7.71
CA GLU A 101 -4.77 29.68 -6.30
C GLU A 101 -4.22 31.09 -6.09
N ARG A 102 -3.15 31.46 -6.83
CA ARG A 102 -2.54 32.79 -6.79
C ARG A 102 -3.51 33.92 -7.19
N LYS A 103 -4.43 33.62 -8.13
CA LYS A 103 -5.56 34.47 -8.49
C LYS A 103 -6.60 34.65 -7.36
N GLY A 104 -6.62 33.77 -6.37
CA GLY A 104 -7.60 33.78 -5.28
C GLY A 104 -8.91 33.11 -5.68
N ASP A 105 -8.97 32.42 -6.83
CA ASP A 105 -10.18 31.78 -7.38
C ASP A 105 -10.69 30.61 -6.53
N TYR A 106 -9.82 30.03 -5.70
CA TYR A 106 -10.17 29.02 -4.70
C TYR A 106 -10.61 29.64 -3.36
N LEU A 107 -10.90 30.95 -3.35
CA LEU A 107 -11.66 31.68 -2.33
C LEU A 107 -11.06 31.63 -0.91
N GLY A 108 -9.73 31.64 -0.84
CA GLY A 108 -8.97 31.67 0.40
C GLY A 108 -8.98 30.32 1.15
N LYS A 109 -9.51 29.25 0.54
CA LYS A 109 -9.47 27.90 1.11
C LYS A 109 -8.09 27.26 0.90
N THR A 110 -7.87 26.12 1.58
CA THR A 110 -6.78 25.19 1.27
C THR A 110 -6.98 24.64 -0.16
N VAL A 111 -5.89 24.48 -0.92
CA VAL A 111 -5.88 23.76 -2.17
C VAL A 111 -4.90 22.60 -1.99
N GLN A 112 -5.31 21.43 -2.47
CA GLN A 112 -4.68 20.15 -2.20
C GLN A 112 -5.12 19.19 -3.31
N VAL A 113 -4.34 18.12 -3.52
CA VAL A 113 -4.48 17.25 -4.68
C VAL A 113 -5.89 16.64 -4.81
N VAL A 114 -6.37 16.07 -3.71
CA VAL A 114 -7.76 15.69 -3.56
C VAL A 114 -8.38 16.72 -2.59
N PRO A 115 -9.42 17.48 -3.00
CA PRO A 115 -10.13 17.37 -4.27
C PRO A 115 -9.51 18.11 -5.47
N HIS A 116 -8.86 19.26 -5.26
CA HIS A 116 -8.73 20.34 -6.23
C HIS A 116 -8.01 20.03 -7.55
N ILE A 117 -6.95 19.22 -7.50
CA ILE A 117 -6.26 18.74 -8.70
C ILE A 117 -7.11 17.70 -9.43
N THR A 118 -7.72 16.78 -8.67
CA THR A 118 -8.58 15.75 -9.22
C THR A 118 -9.91 16.31 -9.79
N ASP A 119 -10.40 17.44 -9.27
CA ASP A 119 -11.44 18.27 -9.88
C ASP A 119 -10.97 18.84 -11.22
N ALA A 120 -9.81 19.52 -11.21
CA ALA A 120 -9.20 20.15 -12.38
C ALA A 120 -8.98 19.20 -13.57
N ILE A 121 -8.59 17.95 -13.29
CA ILE A 121 -8.51 16.87 -14.26
C ILE A 121 -9.87 16.60 -14.94
N GLN A 122 -10.95 16.49 -14.14
CA GLN A 122 -12.31 16.27 -14.63
C GLN A 122 -12.83 17.46 -15.44
N GLU A 123 -12.56 18.69 -14.99
CA GLU A 123 -12.83 19.92 -15.73
C GLU A 123 -12.16 19.93 -17.12
N TRP A 124 -10.90 19.48 -17.18
CA TRP A 124 -10.09 19.40 -18.39
C TRP A 124 -10.67 18.37 -19.38
N VAL A 125 -10.96 17.18 -18.86
CA VAL A 125 -11.56 16.07 -19.60
C VAL A 125 -12.98 16.39 -20.13
N MET A 126 -13.73 17.22 -19.39
CA MET A 126 -15.02 17.76 -19.83
C MET A 126 -14.87 18.78 -20.96
N ARG A 127 -13.94 19.74 -20.81
CA ARG A 127 -13.63 20.75 -21.83
C ARG A 127 -13.21 20.12 -23.17
N GLN A 128 -12.14 19.30 -23.14
CA GLN A 128 -11.53 18.74 -24.33
C GLN A 128 -12.38 17.68 -25.05
N ALA A 129 -13.37 17.12 -24.35
CA ALA A 129 -14.35 16.21 -24.93
C ALA A 129 -15.42 16.91 -25.76
N LEU A 130 -15.71 18.18 -25.46
CA LEU A 130 -16.73 18.97 -26.14
C LEU A 130 -16.21 19.57 -27.47
N ILE A 131 -14.89 19.69 -27.61
CA ILE A 131 -14.26 20.31 -28.78
C ILE A 131 -14.41 19.39 -30.02
N PRO A 132 -15.06 19.87 -31.11
CA PRO A 132 -15.17 19.11 -32.36
C PRO A 132 -13.82 19.06 -33.11
N VAL A 133 -12.94 18.16 -32.67
CA VAL A 133 -11.65 17.89 -33.27
C VAL A 133 -11.76 17.12 -34.60
N ASP A 134 -12.91 16.48 -34.84
CA ASP A 134 -13.27 15.80 -36.08
C ASP A 134 -13.28 16.74 -37.29
N GLU A 135 -13.19 16.16 -38.49
CA GLU A 135 -13.22 16.85 -39.78
C GLU A 135 -14.53 17.61 -40.14
N ASP A 136 -15.43 17.78 -39.17
CA ASP A 136 -16.65 18.57 -39.27
C ASP A 136 -16.94 19.07 -37.84
N GLY A 137 -17.60 20.22 -37.72
CA GLY A 137 -17.79 20.98 -36.48
C GLY A 137 -18.85 20.38 -35.54
N LEU A 138 -19.18 19.10 -35.67
CA LEU A 138 -20.16 18.39 -34.85
C LEU A 138 -19.46 17.84 -33.61
N GLU A 139 -20.16 17.96 -32.46
CA GLU A 139 -19.66 17.59 -31.14
C GLU A 139 -19.32 16.08 -31.06
N PRO A 140 -18.17 15.70 -30.46
CA PRO A 140 -17.84 14.29 -30.20
C PRO A 140 -18.91 13.57 -29.36
N GLN A 141 -19.33 12.41 -29.85
CA GLN A 141 -20.30 11.53 -29.20
C GLN A 141 -19.62 10.59 -28.18
N VAL A 142 -18.29 10.45 -28.26
CA VAL A 142 -17.49 9.67 -27.33
C VAL A 142 -16.05 10.22 -27.30
N CYS A 143 -15.37 10.07 -26.15
CA CYS A 143 -14.01 10.53 -25.90
C CYS A 143 -13.21 9.35 -25.35
N VAL A 144 -12.14 8.95 -26.05
CA VAL A 144 -11.21 7.93 -25.58
C VAL A 144 -10.05 8.62 -24.86
N ILE A 145 -9.92 8.40 -23.55
CA ILE A 145 -8.90 9.02 -22.73
C ILE A 145 -7.84 7.95 -22.43
N GLU A 146 -6.58 8.20 -22.77
CA GLU A 146 -5.49 7.29 -22.45
C GLU A 146 -4.68 7.85 -21.29
N LEU A 147 -4.51 7.04 -20.24
CA LEU A 147 -3.58 7.33 -19.16
C LEU A 147 -2.24 6.66 -19.49
N GLY A 148 -1.24 7.51 -19.75
CA GLY A 148 0.13 7.13 -20.05
C GLY A 148 0.79 6.51 -18.82
N GLY A 149 1.66 5.52 -19.06
CA GLY A 149 2.44 4.88 -18.03
C GLY A 149 1.65 3.73 -17.41
N THR A 150 2.11 3.28 -16.25
CA THR A 150 1.50 2.21 -15.48
C THR A 150 0.82 2.81 -14.25
N VAL A 151 -0.34 2.25 -13.91
CA VAL A 151 -1.09 2.61 -12.72
C VAL A 151 -0.37 2.21 -11.43
N GLY A 152 -0.50 3.06 -10.40
CA GLY A 152 0.09 2.83 -9.08
C GLY A 152 1.51 3.37 -8.97
N ASP A 153 2.03 3.99 -10.04
CA ASP A 153 3.15 4.93 -9.96
C ASP A 153 2.61 6.25 -9.40
N ILE A 154 3.43 6.93 -8.58
CA ILE A 154 3.04 8.11 -7.82
C ILE A 154 2.40 9.25 -8.64
N GLU A 155 2.86 9.41 -9.89
CA GLU A 155 2.35 10.40 -10.83
C GLU A 155 0.98 10.06 -11.42
N SER A 156 0.61 8.76 -11.50
CA SER A 156 -0.65 8.33 -12.12
C SER A 156 -1.82 8.30 -11.11
N MET A 157 -1.51 8.31 -9.81
CA MET A 157 -2.50 8.29 -8.72
C MET A 157 -3.56 9.41 -8.71
N PRO A 158 -3.19 10.70 -8.96
CA PRO A 158 -4.18 11.79 -9.08
C PRO A 158 -5.22 11.57 -10.19
N PHE A 159 -4.77 11.05 -11.33
CA PHE A 159 -5.63 10.81 -12.47
C PHE A 159 -6.59 9.66 -12.23
N ILE A 160 -6.13 8.54 -11.67
CA ILE A 160 -7.03 7.43 -11.32
C ILE A 160 -8.04 7.84 -10.23
N GLU A 161 -7.61 8.66 -9.24
CA GLU A 161 -8.50 9.24 -8.24
C GLU A 161 -9.56 10.17 -8.86
N ALA A 162 -9.17 10.99 -9.85
CA ALA A 162 -10.09 11.79 -10.65
C ALA A 162 -11.11 10.93 -11.41
N PHE A 163 -10.67 9.86 -12.08
CA PHE A 163 -11.57 8.95 -12.78
C PHE A 163 -12.46 8.10 -11.86
N ARG A 164 -11.96 7.82 -10.64
CA ARG A 164 -12.71 7.17 -9.57
C ARG A 164 -13.89 8.04 -9.09
N GLN A 165 -13.73 9.37 -9.11
CA GLN A 165 -14.81 10.32 -8.88
C GLN A 165 -15.70 10.44 -10.12
N PHE A 166 -15.07 10.54 -11.29
CA PHE A 166 -15.72 10.84 -12.58
C PHE A 166 -16.82 9.84 -12.93
N GLN A 167 -16.58 8.55 -12.69
CA GLN A 167 -17.55 7.45 -12.86
C GLN A 167 -18.83 7.57 -12.01
N PHE A 168 -18.85 8.48 -11.05
CA PHE A 168 -20.00 8.78 -10.20
C PHE A 168 -20.51 10.22 -10.42
N LYS A 169 -19.75 11.05 -11.14
CA LYS A 169 -20.09 12.42 -11.52
C LYS A 169 -20.94 12.39 -12.78
N VAL A 170 -20.38 11.80 -13.84
CA VAL A 170 -21.15 11.27 -14.96
C VAL A 170 -21.62 9.86 -14.54
N LYS A 171 -22.67 9.33 -15.17
CA LYS A 171 -23.23 8.03 -14.79
C LYS A 171 -22.42 6.91 -15.46
N ARG A 172 -22.61 5.66 -15.00
CA ARG A 172 -21.81 4.53 -15.47
C ARG A 172 -21.98 4.26 -16.98
N GLU A 173 -23.16 4.54 -17.55
CA GLU A 173 -23.39 4.53 -18.99
C GLU A 173 -22.53 5.55 -19.77
N ASN A 174 -21.99 6.55 -19.08
CA ASN A 174 -21.13 7.58 -19.66
C ASN A 174 -19.65 7.30 -19.43
N PHE A 175 -19.26 6.26 -18.67
CA PHE A 175 -17.86 6.04 -18.32
C PHE A 175 -17.56 4.54 -18.30
N CYS A 176 -16.67 4.11 -19.19
CA CYS A 176 -16.12 2.77 -19.30
C CYS A 176 -14.60 2.87 -19.08
N ASN A 177 -13.96 1.79 -18.63
CA ASN A 177 -12.53 1.71 -18.37
C ASN A 177 -11.97 0.42 -18.97
N ILE A 178 -10.99 0.54 -19.88
CA ILE A 178 -10.18 -0.57 -20.38
C ILE A 178 -8.86 -0.59 -19.61
N HIS A 179 -8.40 -1.78 -19.21
CA HIS A 179 -7.05 -1.96 -18.70
C HIS A 179 -6.24 -2.71 -19.75
N VAL A 180 -5.14 -2.11 -20.23
CA VAL A 180 -4.20 -2.74 -21.14
C VAL A 180 -3.01 -3.27 -20.31
N SER A 181 -2.94 -4.59 -20.21
CA SER A 181 -1.93 -5.30 -19.44
C SER A 181 -0.98 -6.07 -20.40
N LEU A 182 0.06 -6.68 -19.83
CA LEU A 182 0.97 -7.58 -20.50
C LEU A 182 0.76 -8.95 -19.86
N VAL A 183 0.72 -10.00 -20.68
CA VAL A 183 0.82 -11.37 -20.22
C VAL A 183 2.15 -11.92 -20.79
N PRO A 184 3.26 -11.84 -20.02
CA PRO A 184 4.56 -12.32 -20.52
C PRO A 184 4.60 -13.85 -20.67
N GLN A 185 5.41 -14.31 -21.63
CA GLN A 185 5.61 -15.72 -21.92
C GLN A 185 7.13 -15.99 -21.93
N PRO A 186 7.75 -16.20 -20.75
CA PRO A 186 9.22 -16.25 -20.61
C PRO A 186 9.88 -17.44 -21.32
N SER A 187 11.10 -17.22 -21.84
CA SER A 187 12.03 -18.27 -22.27
C SER A 187 12.36 -19.27 -21.13
N SER A 188 12.36 -18.75 -19.89
CA SER A 188 12.56 -19.49 -18.65
C SER A 188 11.38 -20.42 -18.29
N THR A 189 10.22 -20.32 -18.95
CA THR A 189 8.99 -20.93 -18.44
C THR A 189 8.02 -21.48 -19.52
N GLY A 190 7.90 -20.83 -20.68
CA GLY A 190 7.04 -21.22 -21.79
C GLY A 190 5.54 -20.94 -21.55
N GLU A 191 5.08 -20.98 -20.30
CA GLU A 191 3.75 -20.58 -19.84
C GLU A 191 3.48 -19.08 -20.07
N GLN A 192 2.22 -18.75 -20.34
CA GLN A 192 1.70 -17.39 -20.38
C GLN A 192 1.33 -16.97 -18.96
N LYS A 193 2.15 -16.10 -18.36
CA LYS A 193 2.10 -15.78 -16.94
C LYS A 193 1.11 -14.63 -16.70
N THR A 194 -0.07 -14.98 -16.20
CA THR A 194 -1.14 -14.01 -15.90
C THR A 194 -0.91 -13.18 -14.62
N LYS A 195 -0.02 -13.63 -13.72
CA LYS A 195 0.25 -13.01 -12.41
C LYS A 195 0.39 -11.46 -12.39
N PRO A 196 1.22 -10.84 -13.27
CA PRO A 196 1.27 -9.38 -13.37
C PRO A 196 -0.07 -8.69 -13.71
N THR A 197 -0.89 -9.27 -14.60
CA THR A 197 -2.23 -8.79 -14.88
C THR A 197 -3.17 -8.83 -13.67
N GLN A 198 -3.10 -9.92 -12.88
CA GLN A 198 -3.88 -10.09 -11.64
C GLN A 198 -3.52 -8.99 -10.62
N ASN A 199 -2.22 -8.82 -10.40
CA ASN A 199 -1.65 -7.87 -9.44
C ASN A 199 -1.89 -6.41 -9.88
N SER A 200 -1.80 -6.15 -11.18
CA SER A 200 -2.10 -4.86 -11.79
C SER A 200 -3.59 -4.48 -11.66
N VAL A 201 -4.50 -5.42 -11.94
CA VAL A 201 -5.93 -5.20 -11.77
C VAL A 201 -6.34 -5.14 -10.28
N ARG A 202 -5.66 -5.90 -9.42
CA ARG A 202 -5.76 -5.81 -7.96
C ARG A 202 -5.39 -4.40 -7.45
N GLU A 203 -4.27 -3.87 -7.96
CA GLU A 203 -3.79 -2.52 -7.69
C GLU A 203 -4.76 -1.44 -8.20
N LEU A 204 -5.24 -1.58 -9.44
CA LEU A 204 -6.22 -0.67 -10.07
C LEU A 204 -7.53 -0.60 -9.29
N ARG A 205 -8.03 -1.75 -8.81
CA ARG A 205 -9.21 -1.82 -7.96
C ARG A 205 -8.97 -1.23 -6.56
N GLY A 206 -7.74 -1.28 -6.06
CA GLY A 206 -7.30 -0.59 -4.84
C GLY A 206 -7.37 0.93 -5.02
N LEU A 207 -7.11 1.43 -6.25
CA LEU A 207 -7.29 2.82 -6.64
C LEU A 207 -8.75 3.15 -7.03
N GLY A 208 -9.64 2.15 -7.00
CA GLY A 208 -11.08 2.32 -7.13
C GLY A 208 -11.60 2.25 -8.57
N LEU A 209 -10.81 1.74 -9.53
CA LEU A 209 -11.24 1.51 -10.90
C LEU A 209 -11.33 0.00 -11.13
N SER A 210 -12.45 -0.45 -11.69
CA SER A 210 -12.55 -1.78 -12.27
C SER A 210 -12.13 -1.66 -13.75
N PRO A 211 -11.40 -2.65 -14.29
CA PRO A 211 -11.50 -2.94 -15.73
C PRO A 211 -12.93 -3.36 -16.10
N ASP A 212 -13.54 -2.64 -17.05
CA ASP A 212 -14.72 -3.11 -17.77
C ASP A 212 -14.28 -4.04 -18.90
N LEU A 213 -13.13 -3.75 -19.52
CA LEU A 213 -12.42 -4.65 -20.42
C LEU A 213 -11.00 -4.83 -19.89
N VAL A 214 -10.50 -6.07 -19.93
CA VAL A 214 -9.10 -6.37 -19.70
C VAL A 214 -8.51 -6.77 -21.05
N VAL A 215 -7.64 -5.92 -21.60
CA VAL A 215 -6.92 -6.18 -22.83
C VAL A 215 -5.53 -6.68 -22.45
N CYS A 216 -5.24 -7.92 -22.82
CA CYS A 216 -3.95 -8.57 -22.60
C CYS A 216 -3.13 -8.32 -23.86
N ARG A 217 -1.99 -7.62 -23.74
CA ARG A 217 -0.95 -7.66 -24.75
C ARG A 217 -0.23 -9.01 -24.63
N CYS A 218 -0.61 -9.89 -25.53
CA CYS A 218 -0.04 -11.22 -25.70
C CYS A 218 1.08 -11.11 -26.76
N SER A 219 2.01 -12.06 -26.76
CA SER A 219 2.81 -12.31 -27.96
C SER A 219 1.99 -13.24 -28.85
N ASN A 220 2.04 -14.54 -28.55
CA ASN A 220 1.18 -15.59 -29.10
C ASN A 220 -0.18 -15.52 -28.38
N PRO A 221 -1.30 -15.84 -29.08
CA PRO A 221 -2.66 -15.86 -28.50
C PRO A 221 -2.79 -16.58 -27.13
N LEU A 222 -3.64 -16.05 -26.24
CA LEU A 222 -3.96 -16.69 -24.97
C LEU A 222 -4.59 -18.07 -25.16
N ASP A 223 -4.19 -19.04 -24.33
CA ASP A 223 -4.99 -20.25 -24.11
C ASP A 223 -6.27 -19.88 -23.33
N THR A 224 -7.29 -20.70 -23.53
CA THR A 224 -8.56 -20.74 -22.80
C THR A 224 -8.36 -20.70 -21.27
N SER A 225 -7.47 -21.56 -20.74
CA SER A 225 -7.15 -21.66 -19.32
C SER A 225 -6.61 -20.34 -18.72
N VAL A 226 -5.77 -19.66 -19.49
CA VAL A 226 -5.14 -18.39 -19.15
C VAL A 226 -6.18 -17.25 -19.17
N LYS A 227 -7.06 -17.24 -20.17
CA LYS A 227 -8.20 -16.32 -20.25
C LYS A 227 -9.17 -16.51 -19.07
N GLU A 228 -9.49 -17.77 -18.75
CA GLU A 228 -10.33 -18.13 -17.59
C GLU A 228 -9.70 -17.72 -16.26
N LYS A 229 -8.39 -17.98 -16.08
CA LYS A 229 -7.62 -17.53 -14.92
C LYS A 229 -7.61 -16.00 -14.77
N ILE A 230 -7.42 -15.27 -15.88
CA ILE A 230 -7.53 -13.81 -15.92
C ILE A 230 -8.95 -13.34 -15.54
N SER A 231 -9.99 -13.94 -16.12
CA SER A 231 -11.39 -13.64 -15.83
C SER A 231 -11.74 -13.83 -14.33
N MET A 232 -11.23 -14.93 -13.75
CA MET A 232 -11.33 -15.27 -12.34
C MET A 232 -10.66 -14.22 -11.44
N PHE A 233 -9.34 -14.06 -11.58
CA PHE A 233 -8.54 -13.22 -10.69
C PHE A 233 -8.71 -11.69 -10.92
N CYS A 234 -9.21 -11.29 -12.09
CA CYS A 234 -9.62 -9.92 -12.37
C CYS A 234 -11.10 -9.69 -12.03
N HIS A 235 -11.84 -10.77 -11.70
CA HIS A 235 -13.25 -10.83 -11.32
C HIS A 235 -14.16 -10.15 -12.36
N VAL A 236 -14.02 -10.61 -13.61
CA VAL A 236 -14.72 -10.08 -14.77
C VAL A 236 -15.08 -11.25 -15.71
N GLU A 237 -16.14 -11.06 -16.50
CA GLU A 237 -16.65 -12.01 -17.51
C GLU A 237 -15.59 -12.31 -18.61
N PRO A 238 -15.33 -13.60 -18.95
CA PRO A 238 -14.49 -14.01 -20.11
C PRO A 238 -14.64 -13.24 -21.43
N GLU A 239 -15.87 -12.91 -21.85
CA GLU A 239 -16.19 -12.05 -23.01
C GLU A 239 -15.51 -10.67 -22.97
N GLN A 240 -15.23 -10.17 -21.76
CA GLN A 240 -14.59 -8.88 -21.51
C GLN A 240 -13.06 -9.02 -21.31
N VAL A 241 -12.52 -10.24 -21.41
CA VAL A 241 -11.09 -10.48 -21.43
C VAL A 241 -10.68 -10.64 -22.91
N ILE A 242 -9.87 -9.69 -23.38
CA ILE A 242 -9.41 -9.60 -24.75
C ILE A 242 -7.92 -9.93 -24.80
N CYS A 243 -7.51 -10.66 -25.84
CA CYS A 243 -6.11 -10.81 -26.21
C CYS A 243 -5.89 -9.98 -27.46
N VAL A 244 -4.92 -9.06 -27.41
CA VAL A 244 -4.32 -8.49 -28.59
C VAL A 244 -2.94 -9.16 -28.70
N HIS A 245 -2.77 -9.96 -29.75
CA HIS A 245 -1.57 -10.74 -30.02
C HIS A 245 -0.83 -10.13 -31.22
N ASP A 246 0.39 -10.62 -31.46
CA ASP A 246 1.19 -10.29 -32.64
C ASP A 246 0.44 -10.64 -33.93
N VAL A 247 0.39 -9.67 -34.85
CA VAL A 247 -0.29 -9.74 -36.14
C VAL A 247 0.62 -9.09 -37.21
N SER A 248 0.37 -9.43 -38.49
CA SER A 248 1.23 -9.11 -39.63
C SER A 248 1.38 -7.61 -39.95
N SER A 249 0.40 -6.80 -39.55
CA SER A 249 0.37 -5.37 -39.81
C SER A 249 -0.49 -4.70 -38.74
N ILE A 250 -0.23 -3.41 -38.53
CA ILE A 250 -1.00 -2.48 -37.71
C ILE A 250 -2.50 -2.48 -38.05
N TYR A 251 -2.80 -2.69 -39.33
CA TYR A 251 -4.13 -2.67 -39.91
C TYR A 251 -5.04 -3.78 -39.38
N ARG A 252 -4.46 -4.86 -38.84
CA ARG A 252 -5.20 -5.95 -38.23
C ARG A 252 -5.55 -5.72 -36.76
N VAL A 253 -4.99 -4.71 -36.08
CA VAL A 253 -5.25 -4.49 -34.66
C VAL A 253 -6.72 -4.09 -34.33
N PRO A 254 -7.36 -3.18 -35.09
CA PRO A 254 -8.81 -2.97 -34.99
C PRO A 254 -9.65 -4.21 -35.30
N LEU A 255 -9.23 -4.99 -36.30
CA LEU A 255 -9.92 -6.19 -36.76
C LEU A 255 -9.92 -7.31 -35.71
N LEU A 256 -8.81 -7.42 -34.96
CA LEU A 256 -8.68 -8.35 -33.85
C LEU A 256 -9.58 -7.94 -32.67
N LEU A 257 -9.63 -6.64 -32.36
CA LEU A 257 -10.52 -6.08 -31.35
C LEU A 257 -12.01 -6.23 -31.74
N GLU A 258 -12.31 -6.05 -33.03
CA GLU A 258 -13.61 -6.32 -33.64
C GLU A 258 -14.05 -7.77 -33.47
N GLU A 259 -13.17 -8.72 -33.85
CA GLU A 259 -13.33 -10.16 -33.66
C GLU A 259 -13.55 -10.53 -32.18
N GLN A 260 -12.76 -9.92 -31.30
CA GLN A 260 -12.88 -10.01 -29.85
C GLN A 260 -14.14 -9.36 -29.23
N GLY A 261 -14.99 -8.70 -30.02
CA GLY A 261 -16.33 -8.30 -29.62
C GLY A 261 -16.37 -6.95 -28.91
N VAL A 262 -15.30 -6.14 -28.93
CA VAL A 262 -15.26 -4.87 -28.18
C VAL A 262 -16.30 -3.84 -28.69
N VAL A 263 -16.60 -3.89 -29.99
CA VAL A 263 -17.60 -3.07 -30.66
C VAL A 263 -18.99 -3.27 -30.03
N ASP A 264 -19.40 -4.54 -29.97
CA ASP A 264 -20.64 -5.06 -29.40
C ASP A 264 -20.73 -4.73 -27.92
N TYR A 265 -19.60 -4.88 -27.21
CA TYR A 265 -19.47 -4.50 -25.81
C TYR A 265 -19.72 -3.01 -25.60
N PHE A 266 -18.95 -2.13 -26.27
CA PHE A 266 -19.09 -0.68 -26.13
C PHE A 266 -20.47 -0.16 -26.52
N LEU A 267 -21.08 -0.73 -27.59
CA LEU A 267 -22.44 -0.42 -28.00
C LEU A 267 -23.47 -0.60 -26.87
N ARG A 268 -23.42 -1.74 -26.16
CA ARG A 268 -24.31 -2.00 -25.03
C ARG A 268 -23.85 -1.27 -23.76
N ARG A 269 -22.54 -1.30 -23.47
CA ARG A 269 -21.94 -0.79 -22.23
C ARG A 269 -22.03 0.73 -22.08
N LEU A 270 -21.93 1.46 -23.19
CA LEU A 270 -22.05 2.91 -23.23
C LEU A 270 -23.41 3.37 -23.77
N ASP A 271 -24.31 2.42 -24.11
CA ASP A 271 -25.65 2.64 -24.65
C ASP A 271 -25.63 3.56 -25.90
N LEU A 272 -24.82 3.17 -26.88
CA LEU A 272 -24.55 3.97 -28.06
C LEU A 272 -25.64 3.75 -29.14
N PRO A 273 -25.98 4.80 -29.91
CA PRO A 273 -26.94 4.67 -31.03
C PRO A 273 -26.42 3.85 -32.21
N LEU A 282 -14.04 -0.38 -40.83
CA LEU A 282 -13.08 -1.49 -40.70
C LEU A 282 -12.93 -2.40 -41.93
N MET A 283 -13.86 -2.36 -42.89
CA MET A 283 -13.72 -3.02 -44.18
C MET A 283 -12.54 -2.48 -45.02
N LYS A 284 -12.19 -1.19 -44.84
CA LYS A 284 -10.98 -0.61 -45.40
C LYS A 284 -9.71 -1.18 -44.75
N TRP A 285 -9.80 -1.51 -43.46
CA TRP A 285 -8.72 -2.07 -42.66
C TRP A 285 -8.46 -3.55 -42.98
N LYS A 286 -9.50 -4.28 -43.42
CA LYS A 286 -9.37 -5.59 -44.09
C LYS A 286 -8.51 -5.43 -45.34
N GLU A 287 -8.93 -4.51 -46.23
CA GLU A 287 -8.27 -4.23 -47.50
C GLU A 287 -6.80 -3.83 -47.31
N MET A 288 -6.51 -2.84 -46.44
CA MET A 288 -5.14 -2.37 -46.16
C MET A 288 -4.23 -3.49 -45.63
N ALA A 289 -4.74 -4.35 -44.75
CA ALA A 289 -4.02 -5.50 -44.22
C ALA A 289 -3.74 -6.55 -45.30
N ASP A 290 -4.80 -6.96 -46.01
CA ASP A 290 -4.74 -7.95 -47.08
C ASP A 290 -3.90 -7.47 -48.28
N ARG A 291 -3.94 -6.17 -48.56
CA ARG A 291 -3.09 -5.51 -49.54
C ARG A 291 -1.62 -5.57 -49.11
N TYR A 292 -1.32 -5.19 -47.86
CA TYR A 292 0.03 -5.23 -47.30
C TYR A 292 0.66 -6.64 -47.39
N ASP A 293 -0.11 -7.64 -47.00
CA ASP A 293 0.26 -9.06 -47.02
C ASP A 293 0.41 -9.67 -48.43
N ARG A 294 0.06 -8.94 -49.50
CA ARG A 294 0.22 -9.40 -50.87
C ARG A 294 1.13 -8.47 -51.71
N LEU A 295 1.86 -7.54 -51.08
CA LEU A 295 2.85 -6.72 -51.78
C LEU A 295 4.12 -7.55 -52.06
N LEU A 296 4.31 -7.94 -53.32
CA LEU A 296 5.42 -8.81 -53.74
C LEU A 296 6.67 -8.00 -54.10
N GLU A 297 6.47 -6.83 -54.71
CA GLU A 297 7.54 -5.89 -55.04
C GLU A 297 7.93 -5.04 -53.82
N THR A 298 9.10 -4.44 -53.86
CA THR A 298 9.68 -3.73 -52.75
C THR A 298 10.34 -2.45 -53.22
N CYS A 299 10.48 -1.51 -52.32
CA CYS A 299 11.20 -0.25 -52.48
C CYS A 299 12.12 -0.11 -51.27
N SER A 300 13.34 0.33 -51.50
CA SER A 300 14.31 0.51 -50.45
C SER A 300 14.60 1.99 -50.29
N ILE A 301 14.39 2.55 -49.11
CA ILE A 301 14.49 3.99 -48.88
C ILE A 301 15.52 4.27 -47.78
N ALA A 302 16.50 5.13 -48.04
CA ALA A 302 17.46 5.54 -47.02
C ALA A 302 16.84 6.57 -46.10
N LEU A 303 16.87 6.31 -44.79
CA LEU A 303 16.56 7.32 -43.79
C LEU A 303 17.86 7.68 -43.07
N VAL A 304 18.40 8.87 -43.37
CA VAL A 304 19.65 9.36 -42.77
C VAL A 304 19.35 10.25 -41.56
N GLY A 305 19.49 9.71 -40.36
CA GLY A 305 19.04 10.33 -39.12
C GLY A 305 20.14 10.79 -38.18
N LYS A 306 19.81 10.89 -36.89
CA LYS A 306 20.71 11.11 -35.75
C LYS A 306 20.16 10.27 -34.59
N TYR A 307 18.84 10.23 -34.47
CA TYR A 307 18.13 9.81 -33.27
C TYR A 307 17.77 8.32 -33.30
N ASP A 312 12.34 5.03 -33.31
CA ASP A 312 11.15 5.61 -32.66
C ASP A 312 11.02 7.14 -32.79
N SER A 313 12.15 7.84 -32.83
CA SER A 313 12.23 9.27 -33.10
C SER A 313 11.67 9.69 -34.47
N TYR A 314 11.60 8.76 -35.41
CA TYR A 314 11.10 8.98 -36.76
C TYR A 314 9.78 8.25 -36.98
N ALA A 315 9.03 7.99 -35.92
CA ALA A 315 7.76 7.25 -35.94
C ALA A 315 6.77 7.73 -37.01
N SER A 316 6.42 9.02 -37.00
CA SER A 316 5.58 9.64 -38.04
C SER A 316 6.18 9.52 -39.45
N VAL A 317 7.49 9.70 -39.58
CA VAL A 317 8.23 9.64 -40.84
C VAL A 317 8.17 8.24 -41.43
N ILE A 318 8.50 7.22 -40.64
CA ILE A 318 8.41 5.80 -41.00
C ILE A 318 6.99 5.41 -41.45
N LYS A 319 5.99 5.88 -40.70
CA LYS A 319 4.57 5.65 -41.01
C LYS A 319 4.16 6.31 -42.35
N ALA A 320 4.61 7.54 -42.59
CA ALA A 320 4.38 8.28 -43.82
C ALA A 320 4.98 7.61 -45.06
N LEU A 321 6.19 7.08 -44.91
CA LEU A 321 6.82 6.25 -45.92
C LEU A 321 6.03 4.97 -46.17
N GLU A 322 5.54 4.30 -45.14
CA GLU A 322 4.77 3.06 -45.23
C GLU A 322 3.36 3.24 -45.83
N HIS A 323 2.72 4.40 -45.58
CA HIS A 323 1.49 4.81 -46.29
C HIS A 323 1.73 4.95 -47.79
N SER A 324 2.84 5.63 -48.11
CA SER A 324 3.29 5.88 -49.48
C SER A 324 3.63 4.58 -50.22
N ALA A 325 4.33 3.67 -49.53
CA ALA A 325 4.67 2.32 -49.98
C ALA A 325 3.43 1.48 -50.30
N LEU A 326 2.47 1.46 -49.36
CA LEU A 326 1.19 0.77 -49.51
C LEU A 326 0.36 1.30 -50.70
N ALA A 327 0.45 2.62 -50.94
CA ALA A 327 -0.22 3.32 -52.02
C ALA A 327 0.40 3.05 -53.41
N ILE A 328 1.73 3.00 -53.52
CA ILE A 328 2.40 2.58 -54.76
C ILE A 328 2.33 1.05 -54.98
N ASN A 329 2.05 0.30 -53.90
CA ASN A 329 1.86 -1.14 -53.80
C ASN A 329 3.19 -1.91 -53.76
N HIS A 330 4.17 -1.34 -53.05
CA HIS A 330 5.45 -2.00 -52.77
C HIS A 330 5.59 -2.18 -51.25
N LYS A 331 6.32 -3.22 -50.83
CA LYS A 331 6.96 -3.26 -49.52
C LYS A 331 8.01 -2.14 -49.39
N LEU A 332 8.37 -1.81 -48.15
CA LEU A 332 9.36 -0.79 -47.85
C LEU A 332 10.46 -1.44 -47.02
N GLU A 333 11.71 -1.16 -47.38
CA GLU A 333 12.90 -1.59 -46.68
C GLU A 333 13.66 -0.30 -46.33
N ILE A 334 13.37 0.26 -45.14
CA ILE A 334 13.99 1.51 -44.66
C ILE A 334 15.42 1.21 -44.20
N LYS A 335 16.39 1.72 -44.94
CA LYS A 335 17.80 1.65 -44.57
C LYS A 335 18.09 2.72 -43.54
N TYR A 336 17.94 2.39 -42.26
CA TYR A 336 18.31 3.25 -41.15
C TYR A 336 19.83 3.38 -41.04
N ILE A 337 20.25 4.62 -41.25
CA ILE A 337 21.62 5.12 -41.33
C ILE A 337 21.79 6.19 -40.26
N ASP A 338 22.74 6.03 -39.36
CA ASP A 338 23.22 7.12 -38.52
C ASP A 338 24.06 8.07 -39.38
N SER A 339 23.66 9.34 -39.51
CA SER A 339 24.39 10.30 -40.32
C SER A 339 25.82 10.58 -39.83
N ALA A 340 26.13 10.32 -38.55
CA ALA A 340 27.48 10.43 -38.03
C ALA A 340 28.40 9.28 -38.48
N ASP A 341 27.88 8.12 -38.91
CA ASP A 341 28.67 7.07 -39.53
C ASP A 341 29.16 7.44 -40.95
N LEU A 342 28.39 8.25 -41.68
CA LEU A 342 28.76 8.72 -43.02
C LEU A 342 29.88 9.77 -43.00
N GLU A 343 30.11 10.42 -41.86
CA GLU A 343 31.14 11.46 -41.74
C GLU A 343 32.56 10.85 -41.74
N PRO A 344 33.54 11.48 -42.40
CA PRO A 344 34.85 10.86 -42.64
C PRO A 344 35.65 10.56 -41.35
N ILE A 345 35.29 11.23 -40.25
CA ILE A 345 35.80 11.07 -38.90
C ILE A 345 35.59 9.63 -38.38
N THR A 346 34.40 9.06 -38.64
CA THR A 346 34.08 7.68 -38.29
C THR A 346 34.96 6.67 -39.04
N SER A 347 35.43 6.99 -40.26
CA SER A 347 36.33 6.13 -41.02
C SER A 347 37.71 5.98 -40.37
N GLN A 348 38.09 6.90 -39.48
CA GLN A 348 39.38 6.89 -38.80
C GLN A 348 39.36 5.93 -37.60
N GLU A 349 38.23 5.89 -36.88
CA GLU A 349 38.04 5.09 -35.68
C GLU A 349 37.43 3.72 -35.99
N GLU A 350 36.38 3.71 -36.80
CA GLU A 350 35.51 2.56 -37.06
C GLU A 350 35.16 2.54 -38.56
N PRO A 351 36.13 2.21 -39.45
CA PRO A 351 35.86 2.07 -40.88
C PRO A 351 34.74 1.09 -41.25
N VAL A 352 34.51 0.07 -40.40
CA VAL A 352 33.37 -0.82 -40.47
C VAL A 352 32.00 -0.11 -40.42
N ARG A 353 31.84 0.88 -39.53
CA ARG A 353 30.61 1.68 -39.44
C ARG A 353 30.43 2.54 -40.69
N TYR A 354 31.51 3.19 -41.13
CA TYR A 354 31.54 4.04 -42.32
C TYR A 354 31.13 3.27 -43.58
N HIS A 355 31.78 2.13 -43.83
CA HIS A 355 31.53 1.34 -45.02
C HIS A 355 30.18 0.62 -45.01
N GLU A 356 29.65 0.22 -43.84
CA GLU A 356 28.28 -0.28 -43.75
C GLU A 356 27.23 0.80 -43.99
N ALA A 357 27.44 1.99 -43.40
CA ALA A 357 26.57 3.16 -43.62
C ALA A 357 26.56 3.62 -45.08
N TRP A 358 27.71 3.65 -45.76
CA TRP A 358 27.80 3.96 -47.20
C TRP A 358 27.37 2.83 -48.13
N GLN A 359 27.50 1.55 -47.77
CA GLN A 359 26.81 0.47 -48.52
C GLN A 359 25.29 0.62 -48.45
N LYS A 360 24.74 0.91 -47.25
CA LYS A 360 23.31 1.20 -47.07
C LYS A 360 22.85 2.36 -47.95
N LEU A 361 23.45 3.53 -47.82
CA LEU A 361 23.01 4.71 -48.56
C LEU A 361 23.08 4.51 -50.07
N CYS A 362 24.14 3.88 -50.57
CA CYS A 362 24.35 3.77 -52.00
C CYS A 362 23.45 2.75 -52.69
N SER A 363 23.04 1.71 -51.97
CA SER A 363 22.13 0.69 -52.49
C SER A 363 20.64 1.07 -52.38
N ALA A 364 20.28 2.18 -51.73
CA ALA A 364 18.90 2.67 -51.64
C ALA A 364 18.33 3.10 -53.01
N HIS A 365 17.00 3.03 -53.16
CA HIS A 365 16.27 3.50 -54.35
C HIS A 365 15.95 5.00 -54.26
N GLY A 366 15.96 5.58 -53.07
CA GLY A 366 15.80 7.00 -52.81
C GLY A 366 16.20 7.31 -51.37
N VAL A 367 16.25 8.59 -51.02
CA VAL A 367 16.73 9.07 -49.73
C VAL A 367 15.75 10.04 -49.07
N LEU A 368 15.67 9.97 -47.76
CA LEU A 368 14.90 10.85 -46.91
C LEU A 368 15.79 11.44 -45.82
N VAL A 369 15.76 12.76 -45.68
CA VAL A 369 16.64 13.53 -44.78
C VAL A 369 15.75 14.32 -43.81
N PRO A 370 15.35 13.72 -42.68
CA PRO A 370 14.32 14.28 -41.82
C PRO A 370 14.80 15.41 -40.90
N GLY A 371 13.88 16.04 -40.18
CA GLY A 371 14.15 17.21 -39.34
C GLY A 371 15.06 16.95 -38.14
N GLY A 372 15.55 18.02 -37.54
CA GLY A 372 16.28 18.00 -36.27
C GLY A 372 16.97 19.31 -35.95
N PHE A 373 17.81 19.29 -34.90
CA PHE A 373 18.56 20.44 -34.38
C PHE A 373 19.94 19.99 -33.88
N GLY A 374 20.91 20.89 -33.80
CA GLY A 374 22.26 20.61 -33.33
C GLY A 374 23.20 20.05 -34.40
N VAL A 375 24.51 20.05 -34.12
CA VAL A 375 25.54 19.83 -35.15
C VAL A 375 25.70 18.35 -35.56
N ARG A 376 25.36 17.39 -34.70
CA ARG A 376 25.50 15.95 -35.01
C ARG A 376 24.91 15.61 -36.38
N GLY A 377 25.65 14.84 -37.18
CA GLY A 377 25.19 14.33 -38.46
C GLY A 377 24.99 15.38 -39.56
N THR A 378 25.34 16.64 -39.33
CA THR A 378 25.07 17.73 -40.29
C THR A 378 25.91 17.60 -41.55
N GLU A 379 27.21 17.33 -41.43
CA GLU A 379 28.05 17.11 -42.61
C GLU A 379 27.70 15.78 -43.29
N GLY A 380 27.28 14.78 -42.53
CA GLY A 380 26.77 13.51 -43.06
C GLY A 380 25.48 13.66 -43.87
N LYS A 381 24.55 14.52 -43.43
CA LYS A 381 23.31 14.80 -44.14
C LYS A 381 23.62 15.62 -45.40
N ILE A 382 24.53 16.58 -45.32
CA ILE A 382 25.03 17.32 -46.49
C ILE A 382 25.67 16.38 -47.52
N GLN A 383 26.45 15.40 -47.10
CA GLN A 383 27.01 14.36 -47.99
C GLN A 383 25.98 13.38 -48.54
N ALA A 384 24.93 13.03 -47.78
CA ALA A 384 23.85 12.17 -48.28
C ALA A 384 22.98 12.88 -49.32
N ILE A 385 22.78 14.19 -49.16
CA ILE A 385 22.18 15.06 -50.18
C ILE A 385 23.13 15.22 -51.38
N ALA A 386 24.44 15.30 -51.17
CA ALA A 386 25.44 15.31 -52.26
C ALA A 386 25.34 14.05 -53.12
N TRP A 387 25.30 12.89 -52.47
CA TRP A 387 25.08 11.60 -53.11
C TRP A 387 23.77 11.57 -53.90
N ALA A 388 22.70 12.13 -53.35
CA ALA A 388 21.46 12.28 -54.08
C ALA A 388 21.59 13.15 -55.33
N ARG A 389 22.37 14.24 -55.31
CA ARG A 389 22.57 15.09 -56.48
C ARG A 389 23.32 14.34 -57.60
N ASN A 390 24.52 13.86 -57.28
CA ASN A 390 25.46 13.40 -58.30
C ASN A 390 25.15 12.00 -58.84
N GLN A 391 24.53 11.13 -58.03
CA GLN A 391 24.06 9.81 -58.49
C GLN A 391 22.60 9.85 -58.98
N LYS A 392 21.93 11.00 -58.86
CA LYS A 392 20.53 11.23 -59.22
C LYS A 392 19.52 10.33 -58.47
N LYS A 393 19.84 9.87 -57.26
CA LYS A 393 18.85 9.17 -56.42
C LYS A 393 17.79 10.18 -55.96
N PRO A 394 16.49 9.87 -56.07
CA PRO A 394 15.40 10.67 -55.51
C PRO A 394 15.57 11.03 -54.04
N PHE A 395 15.41 12.30 -53.71
CA PHE A 395 15.63 12.91 -52.40
C PHE A 395 14.40 13.68 -51.94
N LEU A 396 13.99 13.43 -50.71
CA LEU A 396 13.18 14.37 -49.93
C LEU A 396 13.97 14.81 -48.70
N GLY A 397 14.15 16.11 -48.52
CA GLY A 397 14.60 16.69 -47.26
C GLY A 397 13.42 17.27 -46.53
N VAL A 398 13.23 16.91 -45.26
CA VAL A 398 12.14 17.39 -44.41
C VAL A 398 12.70 18.26 -43.30
N CYS A 399 12.20 19.48 -43.17
CA CYS A 399 12.63 20.53 -42.26
C CYS A 399 14.13 20.85 -42.38
N LEU A 400 14.98 20.19 -41.61
CA LEU A 400 16.41 20.39 -41.68
C LEU A 400 16.98 19.91 -43.01
N GLY A 401 16.52 18.79 -43.55
CA GLY A 401 17.01 18.27 -44.83
C GLY A 401 16.93 19.28 -45.98
N MET A 402 15.94 20.16 -45.96
CA MET A 402 15.79 21.27 -46.92
C MET A 402 16.92 22.29 -46.77
N GLN A 403 17.16 22.72 -45.53
CA GLN A 403 18.18 23.69 -45.20
C GLN A 403 19.55 23.19 -45.61
N LEU A 404 19.83 21.90 -45.36
CA LEU A 404 21.09 21.27 -45.71
C LEU A 404 21.25 21.06 -47.22
N ALA A 405 20.18 21.03 -47.97
CA ALA A 405 20.19 20.99 -49.44
C ALA A 405 20.59 22.33 -50.06
N VAL A 406 20.19 23.44 -49.42
CA VAL A 406 20.64 24.77 -49.79
C VAL A 406 22.15 24.94 -49.54
N VAL A 407 22.62 24.41 -48.40
CA VAL A 407 24.03 24.30 -48.03
C VAL A 407 24.83 23.46 -49.04
N GLU A 408 24.39 22.24 -49.33
CA GLU A 408 25.05 21.33 -50.27
C GLU A 408 25.11 21.89 -51.70
N PHE A 409 24.03 22.52 -52.19
CA PHE A 409 24.00 23.25 -53.46
C PHE A 409 25.04 24.38 -53.47
N SER A 410 25.02 25.23 -52.44
CA SER A 410 25.90 26.38 -52.29
C SER A 410 27.39 26.03 -52.33
N ARG A 411 27.75 24.96 -51.62
CA ARG A 411 29.11 24.43 -51.53
C ARG A 411 29.65 23.92 -52.87
N ASN A 412 28.82 23.31 -53.71
CA ASN A 412 29.27 22.60 -54.90
C ASN A 412 28.95 23.34 -56.21
N VAL A 413 27.79 23.96 -56.31
CA VAL A 413 27.29 24.59 -57.54
C VAL A 413 27.69 26.08 -57.60
N LEU A 414 27.62 26.77 -56.46
CA LEU A 414 28.03 28.18 -56.36
C LEU A 414 29.50 28.30 -55.92
N GLY A 415 30.10 27.22 -55.42
CA GLY A 415 31.50 27.16 -55.01
C GLY A 415 31.74 27.82 -53.64
N TRP A 416 30.67 28.15 -52.91
CA TRP A 416 30.70 28.73 -51.57
C TRP A 416 31.01 27.65 -50.53
N GLN A 417 32.19 27.02 -50.65
CA GLN A 417 32.61 25.82 -49.91
C GLN A 417 32.53 25.95 -48.38
N ASP A 418 32.60 27.18 -47.88
CA ASP A 418 32.41 27.54 -46.46
C ASP A 418 30.98 27.33 -45.97
N ALA A 419 29.97 27.41 -46.85
CA ALA A 419 28.56 27.69 -46.53
C ALA A 419 27.95 26.71 -45.52
N ASN A 420 27.08 27.23 -44.65
CA ASN A 420 26.45 26.46 -43.59
C ASN A 420 25.25 27.24 -43.04
N SER A 421 24.66 26.73 -41.96
CA SER A 421 23.72 27.47 -41.12
C SER A 421 24.43 28.34 -40.08
N THR A 422 23.72 29.34 -39.60
CA THR A 422 24.05 30.09 -38.40
C THR A 422 23.92 29.25 -37.10
N GLU A 423 23.29 28.08 -37.15
CA GLU A 423 23.28 27.16 -36.02
C GLU A 423 24.61 26.44 -35.86
N PHE A 424 25.15 25.91 -36.97
CA PHE A 424 26.24 24.95 -36.98
C PHE A 424 27.61 25.60 -37.12
N ASP A 425 27.74 26.66 -37.93
CA ASP A 425 28.96 27.46 -38.09
C ASP A 425 28.61 28.95 -38.27
N PRO A 426 28.26 29.65 -37.18
CA PRO A 426 27.92 31.08 -37.19
C PRO A 426 29.01 32.05 -37.71
N THR A 427 30.25 31.59 -37.81
CA THR A 427 31.40 32.34 -38.31
C THR A 427 31.49 32.38 -39.86
N THR A 428 30.64 31.61 -40.55
CA THR A 428 30.65 31.44 -42.01
C THR A 428 30.32 32.72 -42.79
N SER A 429 31.01 32.94 -43.94
CA SER A 429 30.84 34.13 -44.78
C SER A 429 29.62 34.01 -45.72
N HIS A 430 29.13 32.78 -45.93
CA HIS A 430 27.89 32.48 -46.66
C HIS A 430 26.90 31.77 -45.71
N PRO A 431 26.25 32.50 -44.79
CA PRO A 431 25.16 31.94 -43.97
C PRO A 431 23.88 31.81 -44.83
N VAL A 432 23.77 30.71 -45.58
CA VAL A 432 22.73 30.52 -46.59
C VAL A 432 21.36 30.13 -46.01
N VAL A 433 21.37 29.65 -44.77
CA VAL A 433 20.19 29.50 -43.94
C VAL A 433 20.55 30.17 -42.59
N VAL A 434 19.62 31.01 -42.13
CA VAL A 434 19.80 31.92 -41.01
C VAL A 434 18.68 31.72 -39.98
N ASP A 435 18.97 32.07 -38.73
CA ASP A 435 17.99 32.21 -37.64
C ASP A 435 16.97 33.30 -38.03
N MET A 436 15.69 32.94 -38.08
CA MET A 436 14.61 33.80 -38.55
C MET A 436 13.34 33.45 -37.78
N PRO A 437 13.27 33.81 -36.48
CA PRO A 437 12.07 33.57 -35.68
C PRO A 437 10.84 34.36 -36.18
N GLU A 438 9.64 33.91 -35.81
CA GLU A 438 8.40 34.59 -36.13
C GLU A 438 8.30 35.92 -35.36
N HIS A 439 8.17 37.00 -36.12
CA HIS A 439 8.00 38.38 -35.66
C HIS A 439 6.59 38.65 -35.09
N THR A 447 9.53 33.94 -31.90
CA THR A 447 9.28 32.53 -31.53
C THR A 447 9.60 31.59 -32.72
N MET A 448 9.51 30.28 -32.47
CA MET A 448 9.64 29.22 -33.46
C MET A 448 8.49 29.26 -34.48
N ARG A 449 8.77 28.97 -35.76
CA ARG A 449 7.76 28.71 -36.76
C ARG A 449 7.21 27.31 -36.51
N LEU A 450 6.18 27.28 -35.67
CA LEU A 450 5.69 26.12 -34.96
C LEU A 450 4.17 26.04 -35.15
N GLY A 451 3.71 24.95 -35.75
CA GLY A 451 2.29 24.72 -36.02
C GLY A 451 1.99 24.93 -37.50
N LYS A 452 0.68 24.94 -37.81
CA LYS A 452 0.11 25.05 -39.15
C LYS A 452 0.33 26.45 -39.73
N ARG A 453 1.13 26.54 -40.80
CA ARG A 453 1.26 27.73 -41.63
C ARG A 453 0.78 27.37 -43.04
N ARG A 454 0.35 28.38 -43.79
CA ARG A 454 0.00 28.25 -45.20
C ARG A 454 1.23 28.57 -46.06
N THR A 455 1.58 27.63 -46.94
CA THR A 455 2.56 27.81 -47.99
C THR A 455 1.80 28.05 -49.31
N LEU A 456 2.26 29.03 -50.09
CA LEU A 456 1.79 29.29 -51.44
C LEU A 456 2.79 28.68 -52.41
N PHE A 457 2.29 27.99 -53.44
CA PHE A 457 3.10 27.58 -54.58
C PHE A 457 3.25 28.78 -55.52
N GLN A 458 4.48 29.26 -55.71
CA GLN A 458 4.77 30.49 -56.42
C GLN A 458 4.75 30.33 -57.96
N THR A 459 4.35 29.17 -58.48
CA THR A 459 4.52 28.79 -59.86
C THR A 459 3.66 27.55 -60.20
N LYS A 460 3.68 27.16 -61.47
CA LYS A 460 3.29 25.85 -61.99
C LYS A 460 4.50 24.95 -62.28
N ASN A 461 5.74 25.47 -62.37
CA ASN A 461 6.94 24.67 -62.64
C ASN A 461 7.42 23.96 -61.35
N SER A 462 6.60 23.00 -60.91
CA SER A 462 6.82 22.23 -59.71
C SER A 462 6.12 20.89 -59.88
N VAL A 463 6.86 19.79 -59.70
CA VAL A 463 6.26 18.45 -59.54
C VAL A 463 5.48 18.37 -58.22
N MET A 464 6.00 19.06 -57.19
CA MET A 464 5.39 19.12 -55.86
C MET A 464 3.99 19.71 -55.85
N ARG A 465 3.78 20.79 -56.61
CA ARG A 465 2.44 21.37 -56.78
C ARG A 465 1.44 20.37 -57.37
N LYS A 466 1.88 19.61 -58.38
CA LYS A 466 1.08 18.62 -59.08
C LYS A 466 0.75 17.41 -58.20
N LEU A 467 1.71 16.99 -57.34
CA LEU A 467 1.49 15.99 -56.30
C LEU A 467 0.47 16.47 -55.25
N TYR A 468 0.53 17.75 -54.86
CA TYR A 468 -0.51 18.45 -54.08
C TYR A 468 -1.76 18.84 -54.92
N GLY A 469 -2.11 18.04 -55.95
CA GLY A 469 -3.36 18.14 -56.70
C GLY A 469 -3.45 19.36 -57.63
N ASP A 470 -2.33 20.04 -57.88
CA ASP A 470 -2.18 21.30 -58.61
C ASP A 470 -2.76 22.51 -57.84
N ALA A 471 -2.91 22.35 -56.51
CA ALA A 471 -3.38 23.40 -55.61
C ALA A 471 -2.41 24.59 -55.55
N ASP A 472 -2.97 25.79 -55.43
CA ASP A 472 -2.24 27.06 -55.33
C ASP A 472 -1.53 27.22 -53.98
N TYR A 473 -2.10 26.61 -52.93
CA TYR A 473 -1.55 26.61 -51.60
C TYR A 473 -1.74 25.23 -50.96
N LEU A 474 -1.04 25.04 -49.85
CA LEU A 474 -1.17 23.94 -48.92
C LEU A 474 -1.01 24.54 -47.52
N GLU A 475 -1.45 23.80 -46.50
CA GLU A 475 -1.30 24.18 -45.11
C GLU A 475 -0.69 22.99 -44.39
N GLU A 476 0.51 23.17 -43.82
CA GLU A 476 1.32 22.10 -43.24
C GLU A 476 1.95 22.57 -41.92
N ARG A 477 2.24 21.61 -41.05
CA ARG A 477 2.82 21.89 -39.73
C ARG A 477 4.33 22.00 -39.79
N HIS A 478 4.81 23.16 -39.34
CA HIS A 478 6.20 23.56 -39.27
C HIS A 478 6.70 23.38 -37.83
N ARG A 479 8.01 23.32 -37.61
CA ARG A 479 8.65 23.28 -36.27
C ARG A 479 10.13 23.68 -36.37
N HIS A 480 10.40 24.92 -36.72
CA HIS A 480 11.78 25.38 -36.94
C HIS A 480 11.97 26.87 -36.60
N ARG A 481 13.17 27.29 -36.24
CA ARG A 481 13.52 28.72 -36.11
C ARG A 481 14.26 29.28 -37.31
N PHE A 482 15.04 28.45 -37.99
CA PHE A 482 15.89 28.86 -39.10
C PHE A 482 15.13 28.82 -40.42
N GLU A 483 15.48 29.69 -41.36
CA GLU A 483 14.96 29.76 -42.72
C GLU A 483 16.09 30.13 -43.69
N VAL A 484 15.84 29.85 -44.98
CA VAL A 484 16.71 30.20 -46.10
C VAL A 484 16.93 31.72 -46.19
N ASN A 485 18.19 32.13 -46.39
CA ASN A 485 18.58 33.55 -46.46
C ASN A 485 18.08 34.20 -47.76
N PRO A 486 17.22 35.24 -47.66
CA PRO A 486 16.67 35.92 -48.85
C PRO A 486 17.69 36.75 -49.66
N VAL A 487 18.88 37.05 -49.11
CA VAL A 487 19.96 37.71 -49.85
C VAL A 487 20.56 36.72 -50.86
N TRP A 488 21.06 35.59 -50.33
CA TRP A 488 21.71 34.55 -51.11
C TRP A 488 20.77 33.83 -52.09
N LYS A 489 19.46 33.82 -51.80
CA LYS A 489 18.37 33.31 -52.64
C LYS A 489 18.48 33.70 -54.13
N LYS A 490 18.90 34.96 -54.37
CA LYS A 490 19.10 35.54 -55.69
C LYS A 490 20.15 34.80 -56.54
N CYS A 491 21.13 34.15 -55.89
CA CYS A 491 22.16 33.35 -56.55
C CYS A 491 21.73 31.87 -56.65
N LEU A 492 20.94 31.40 -55.67
CA LEU A 492 20.49 30.01 -55.56
C LEU A 492 19.45 29.67 -56.65
N LEU A 497 18.20 26.08 -57.99
CA LEU A 497 17.57 25.68 -56.73
C LEU A 497 16.29 26.52 -56.57
N LYS A 498 15.21 26.03 -57.18
CA LYS A 498 13.96 26.76 -57.34
C LYS A 498 13.10 26.61 -56.07
N PHE A 499 12.94 27.71 -55.32
CA PHE A 499 12.12 27.78 -54.12
C PHE A 499 10.62 27.88 -54.47
N VAL A 500 10.07 26.78 -54.98
CA VAL A 500 8.70 26.62 -55.48
C VAL A 500 7.58 26.91 -54.47
N GLY A 501 7.82 26.68 -53.18
CA GLY A 501 6.85 26.92 -52.11
C GLY A 501 7.42 28.00 -51.21
N GLN A 502 6.63 29.04 -50.95
CA GLN A 502 7.00 30.19 -50.12
C GLN A 502 5.82 30.54 -49.23
N ASP A 503 6.05 31.25 -48.11
CA ASP A 503 4.97 31.69 -47.23
C ASP A 503 4.15 32.81 -47.89
N VAL A 504 3.01 33.12 -47.27
CA VAL A 504 2.11 34.21 -47.65
C VAL A 504 2.78 35.61 -47.68
N GLU A 505 3.84 35.81 -46.88
CA GLU A 505 4.61 37.06 -46.86
C GLU A 505 5.67 37.14 -47.97
N GLY A 506 6.07 35.99 -48.54
CA GLY A 506 7.20 35.87 -49.46
C GLY A 506 8.57 35.99 -48.75
N GLU A 507 8.57 36.12 -47.41
CA GLU A 507 9.72 36.24 -46.54
C GLU A 507 10.50 34.92 -46.39
N ARG A 508 9.76 33.81 -46.42
CA ARG A 508 10.22 32.51 -45.96
C ARG A 508 10.02 31.49 -47.08
N MET A 509 11.09 30.77 -47.43
CA MET A 509 11.06 29.71 -48.42
C MET A 509 10.70 28.40 -47.70
N GLU A 510 9.67 27.70 -48.18
CA GLU A 510 9.06 26.59 -47.46
C GLU A 510 9.06 25.27 -48.23
N ILE A 511 9.22 25.30 -49.57
CA ILE A 511 9.52 24.13 -50.38
C ILE A 511 10.54 24.58 -51.44
N VAL A 512 11.53 23.73 -51.70
CA VAL A 512 12.53 23.91 -52.74
C VAL A 512 12.57 22.65 -53.61
N GLU A 513 12.86 22.82 -54.89
CA GLU A 513 12.91 21.78 -55.90
C GLU A 513 14.11 22.11 -56.80
N LEU A 514 15.02 21.16 -57.01
CA LEU A 514 16.20 21.35 -57.87
C LEU A 514 15.86 20.86 -59.29
N GLU A 515 16.24 21.65 -60.29
CA GLU A 515 16.06 21.32 -61.71
C GLU A 515 16.99 20.18 -62.15
N ASP A 516 16.58 19.50 -63.24
CA ASP A 516 17.35 18.47 -63.97
C ASP A 516 17.58 17.18 -63.15
N HIS A 517 16.82 16.99 -62.06
CA HIS A 517 16.86 15.82 -61.20
C HIS A 517 15.46 15.16 -61.23
N PRO A 518 15.40 13.81 -61.26
CA PRO A 518 14.13 13.05 -61.11
C PRO A 518 13.19 13.48 -59.98
N PHE A 519 13.72 13.75 -58.78
CA PHE A 519 12.96 14.18 -57.60
C PHE A 519 13.99 14.58 -56.55
N PHE A 520 14.28 15.88 -56.44
CA PHE A 520 15.15 16.42 -55.40
C PHE A 520 14.36 17.58 -54.82
N VAL A 521 13.68 17.29 -53.71
CA VAL A 521 12.75 18.20 -53.07
C VAL A 521 13.20 18.40 -51.61
N GLY A 522 13.19 19.66 -51.17
CA GLY A 522 13.25 19.98 -49.77
C GLY A 522 11.87 20.55 -49.42
N VAL A 523 11.34 20.15 -48.26
CA VAL A 523 10.18 20.76 -47.62
C VAL A 523 10.64 21.23 -46.23
N GLN A 524 10.30 22.47 -45.88
CA GLN A 524 10.73 23.10 -44.63
C GLN A 524 9.86 22.66 -43.44
N TYR A 525 8.62 22.28 -43.75
CA TYR A 525 7.65 21.73 -42.83
C TYR A 525 7.86 20.24 -42.57
N HIS A 526 6.92 19.62 -41.84
CA HIS A 526 6.87 18.20 -41.55
C HIS A 526 5.64 17.56 -42.23
N PRO A 527 5.75 17.06 -43.46
CA PRO A 527 4.61 16.44 -44.15
C PRO A 527 3.98 15.25 -43.42
N GLU A 528 4.83 14.48 -42.71
CA GLU A 528 4.50 13.24 -42.03
C GLU A 528 3.36 13.36 -41.02
N PHE A 529 3.23 14.54 -40.39
CA PHE A 529 2.20 14.84 -39.41
C PHE A 529 0.77 14.87 -40.00
N LEU A 530 0.66 15.00 -41.33
CA LEU A 530 -0.61 14.99 -42.06
C LEU A 530 -0.70 13.79 -43.02
N SER A 531 0.16 12.78 -42.86
CA SER A 531 0.03 11.54 -43.62
C SER A 531 -0.99 10.62 -42.93
N ARG A 532 -1.88 10.02 -43.73
CA ARG A 532 -2.87 9.03 -43.31
C ARG A 532 -2.72 7.83 -44.26
N PRO A 533 -3.13 6.60 -43.86
CA PRO A 533 -3.16 5.46 -44.81
C PRO A 533 -3.97 5.70 -46.10
N ILE A 534 -5.13 6.34 -45.93
CA ILE A 534 -6.04 6.76 -46.99
C ILE A 534 -5.55 7.96 -47.83
N LYS A 535 -4.46 8.62 -47.42
CA LYS A 535 -3.91 9.81 -48.07
C LYS A 535 -2.47 10.01 -47.57
N PRO A 536 -1.45 9.37 -48.20
CA PRO A 536 -0.05 9.67 -47.88
C PRO A 536 0.29 11.13 -48.25
N SER A 537 1.20 11.77 -47.49
CA SER A 537 1.63 13.12 -47.84
C SER A 537 2.38 13.12 -49.20
N PRO A 538 1.95 13.98 -50.15
CA PRO A 538 2.51 14.00 -51.50
C PRO A 538 4.05 14.10 -51.68
N PRO A 539 4.84 14.75 -50.78
CA PRO A 539 6.31 14.65 -50.89
C PRO A 539 6.88 13.26 -50.58
N TYR A 540 6.30 12.55 -49.60
CA TYR A 540 6.67 11.17 -49.25
C TYR A 540 6.17 10.20 -50.32
N PHE A 541 5.02 10.48 -50.92
CA PHE A 541 4.46 9.70 -52.01
C PHE A 541 5.26 9.88 -53.31
N GLY A 542 5.57 11.14 -53.64
CA GLY A 542 6.40 11.53 -54.78
C GLY A 542 7.80 10.92 -54.70
N LEU A 543 8.41 10.91 -53.51
CA LEU A 543 9.70 10.25 -53.25
C LEU A 543 9.63 8.73 -53.51
N LEU A 544 8.63 8.05 -52.97
CA LEU A 544 8.41 6.62 -53.16
C LEU A 544 8.11 6.26 -54.62
N LEU A 545 7.27 7.08 -55.28
CA LEU A 545 6.98 7.00 -56.71
C LEU A 545 8.24 7.19 -57.57
N ALA A 546 9.10 8.14 -57.18
CA ALA A 546 10.34 8.45 -57.89
C ALA A 546 11.37 7.34 -57.77
N SER A 547 11.56 6.83 -56.57
CA SER A 547 12.53 5.77 -56.29
C SER A 547 12.19 4.48 -57.04
N VAL A 548 10.92 4.20 -57.35
CA VAL A 548 10.51 3.07 -58.20
C VAL A 548 10.20 3.46 -59.66
N GLY A 549 10.46 4.72 -60.05
CA GLY A 549 10.30 5.28 -61.40
C GLY A 549 8.85 5.63 -61.77
N ARG A 550 7.86 5.06 -61.06
CA ARG A 550 6.41 5.17 -61.25
C ARG A 550 5.85 6.62 -61.25
N LEU A 551 6.62 7.59 -60.72
CA LEU A 551 6.32 9.03 -60.78
C LEU A 551 6.07 9.54 -62.21
N SER A 552 6.83 8.99 -63.16
CA SER A 552 6.72 9.27 -64.59
C SER A 552 5.36 8.86 -65.19
N HIS A 553 4.70 7.86 -64.59
CA HIS A 553 3.35 7.45 -64.95
C HIS A 553 2.31 8.23 -64.15
N TYR A 554 2.63 8.60 -62.91
CA TYR A 554 1.75 9.35 -62.01
C TYR A 554 1.49 10.78 -62.52
N LEU A 555 2.56 11.54 -62.82
CA LEU A 555 2.47 12.90 -63.36
C LEU A 555 1.90 12.93 -64.80
N GLN A 556 2.00 11.80 -65.50
CA GLN A 556 1.42 11.57 -66.82
C GLN A 556 -0.10 11.36 -66.79
N MET B 1 24.71 -17.12 12.86
CA MET B 1 25.01 -17.75 11.57
C MET B 1 25.55 -16.73 10.55
N LYS B 2 25.38 -17.03 9.26
CA LYS B 2 25.40 -16.07 8.17
C LYS B 2 24.21 -16.48 7.29
N TYR B 3 23.38 -15.51 6.90
CA TYR B 3 22.17 -15.74 6.13
C TYR B 3 22.19 -14.91 4.87
N ILE B 4 21.74 -15.52 3.77
CA ILE B 4 21.44 -14.83 2.53
C ILE B 4 19.98 -15.18 2.21
N LEU B 5 19.07 -14.20 2.27
CA LEU B 5 17.72 -14.36 1.76
C LEU B 5 17.72 -14.07 0.24
N VAL B 6 16.93 -14.81 -0.52
CA VAL B 6 16.76 -14.65 -1.95
C VAL B 6 15.25 -14.51 -2.22
N THR B 7 14.79 -13.30 -2.56
CA THR B 7 13.39 -12.98 -2.80
C THR B 7 13.11 -12.81 -4.31
N GLY B 8 11.89 -13.17 -4.73
CA GLY B 8 11.45 -13.07 -6.13
C GLY B 8 10.66 -11.79 -6.33
N GLY B 9 10.83 -11.18 -7.51
CA GLY B 9 10.37 -9.84 -7.75
C GLY B 9 9.08 -9.74 -8.57
N VAL B 10 9.13 -10.19 -9.83
CA VAL B 10 8.14 -9.80 -10.85
C VAL B 10 7.23 -10.98 -11.24
N ILE B 11 7.84 -12.16 -11.35
CA ILE B 11 7.22 -13.42 -11.70
C ILE B 11 8.05 -14.54 -11.04
N SER B 12 7.48 -15.74 -11.00
CA SER B 12 8.18 -16.99 -10.77
C SER B 12 8.83 -17.49 -12.08
N GLY B 13 9.56 -18.61 -12.01
CA GLY B 13 10.08 -19.32 -13.19
C GLY B 13 11.42 -18.74 -13.68
N ILE B 14 11.73 -17.48 -13.35
CA ILE B 14 12.93 -16.73 -13.72
C ILE B 14 14.29 -17.22 -13.16
N GLY B 15 14.31 -18.44 -12.60
CA GLY B 15 15.54 -19.13 -12.25
C GLY B 15 16.08 -18.70 -10.88
N LYS B 16 15.25 -18.11 -10.01
CA LYS B 16 15.60 -17.74 -8.63
C LYS B 16 16.21 -18.90 -7.81
N GLY B 17 15.70 -20.11 -8.03
CA GLY B 17 16.22 -21.32 -7.38
C GLY B 17 17.59 -21.71 -7.93
N ILE B 18 17.88 -21.38 -9.19
CA ILE B 18 19.19 -21.59 -9.80
C ILE B 18 20.18 -20.55 -9.23
N ILE B 19 19.74 -19.30 -9.03
CA ILE B 19 20.53 -18.26 -8.39
C ILE B 19 20.90 -18.61 -6.93
N ALA B 20 19.92 -19.05 -6.14
CA ALA B 20 20.14 -19.54 -4.77
C ALA B 20 21.14 -20.71 -4.72
N SER B 21 20.96 -21.68 -5.62
CA SER B 21 21.85 -22.82 -5.76
C SER B 21 23.27 -22.43 -6.23
N SER B 22 23.36 -21.49 -7.17
CA SER B 22 24.62 -20.96 -7.68
C SER B 22 25.39 -20.18 -6.61
N VAL B 23 24.68 -19.33 -5.85
CA VAL B 23 25.25 -18.63 -4.70
C VAL B 23 25.74 -19.61 -3.61
N GLY B 24 24.99 -20.70 -3.37
CA GLY B 24 25.41 -21.76 -2.46
C GLY B 24 26.68 -22.50 -2.95
N THR B 25 26.82 -22.77 -4.26
CA THR B 25 28.00 -23.46 -4.78
C THR B 25 29.24 -22.52 -4.81
N ILE B 26 29.01 -21.21 -5.02
CA ILE B 26 30.00 -20.14 -4.88
C ILE B 26 30.54 -20.05 -3.44
N LEU B 27 29.64 -20.01 -2.45
CA LEU B 27 29.99 -20.05 -1.02
C LEU B 27 30.75 -21.32 -0.65
N LYS B 28 30.30 -22.48 -1.16
CA LYS B 28 30.94 -23.77 -0.94
C LYS B 28 32.36 -23.83 -1.56
N SER B 29 32.53 -23.22 -2.73
CA SER B 29 33.83 -23.03 -3.37
C SER B 29 34.78 -22.09 -2.60
N CYS B 30 34.24 -21.24 -1.73
CA CYS B 30 35.00 -20.42 -0.78
C CYS B 30 35.42 -21.21 0.47
N GLY B 31 35.12 -22.53 0.53
CA GLY B 31 35.53 -23.41 1.61
C GLY B 31 34.49 -23.44 2.75
N LEU B 32 33.31 -22.85 2.56
CA LEU B 32 32.27 -22.81 3.57
C LEU B 32 31.39 -24.08 3.51
N HIS B 33 31.00 -24.60 4.68
CA HIS B 33 29.86 -25.51 4.81
C HIS B 33 28.59 -24.68 4.63
N VAL B 34 27.66 -25.15 3.80
CA VAL B 34 26.48 -24.38 3.41
C VAL B 34 25.25 -25.29 3.48
N THR B 35 24.17 -24.75 4.05
CA THR B 35 22.84 -25.32 4.05
C THR B 35 21.91 -24.38 3.28
N SER B 36 20.69 -24.82 3.01
CA SER B 36 19.71 -24.04 2.27
C SER B 36 18.30 -24.39 2.73
N ILE B 37 17.40 -23.41 2.64
CA ILE B 37 16.00 -23.52 3.03
C ILE B 37 15.17 -22.92 1.88
N LYS B 38 14.08 -23.59 1.51
CA LYS B 38 13.08 -23.08 0.60
C LYS B 38 11.86 -22.77 1.45
N ILE B 39 11.35 -21.54 1.35
CA ILE B 39 10.04 -21.18 1.86
C ILE B 39 9.10 -21.16 0.66
N ASP B 40 8.02 -21.93 0.73
CA ASP B 40 6.94 -21.96 -0.24
C ASP B 40 5.67 -21.41 0.41
N PRO B 41 5.27 -20.15 0.07
CA PRO B 41 4.01 -19.56 0.56
C PRO B 41 2.70 -20.24 0.09
N TYR B 42 2.58 -21.56 0.24
CA TYR B 42 1.35 -22.32 0.10
C TYR B 42 0.97 -22.91 1.44
N ILE B 43 -0.30 -23.31 1.56
CA ILE B 43 -0.95 -23.77 2.78
C ILE B 43 -0.73 -25.29 2.99
N ASN B 44 -0.11 -25.94 2.01
CA ASN B 44 0.15 -27.38 1.99
C ASN B 44 1.28 -27.73 2.96
N ILE B 45 1.09 -28.79 3.74
CA ILE B 45 2.13 -29.41 4.53
C ILE B 45 2.83 -30.41 3.60
N ASP B 46 3.94 -29.96 3.02
CA ASP B 46 4.76 -30.67 2.03
C ASP B 46 4.09 -30.70 0.65
N ALA B 47 4.84 -31.10 -0.38
CA ALA B 47 4.40 -31.14 -1.77
C ALA B 47 3.74 -32.48 -2.15
N GLY B 48 3.71 -33.41 -1.20
CA GLY B 48 3.27 -34.81 -1.29
C GLY B 48 1.78 -35.02 -1.61
N THR B 49 1.16 -34.10 -2.33
CA THR B 49 -0.24 -34.11 -2.71
C THR B 49 -0.46 -33.43 -4.08
N PHE B 50 0.58 -32.87 -4.70
CA PHE B 50 0.47 -32.14 -5.96
C PHE B 50 0.40 -33.09 -7.16
N SER B 51 -0.64 -32.90 -7.99
CA SER B 51 -0.68 -33.38 -9.37
C SER B 51 0.44 -32.68 -10.16
N PRO B 52 1.48 -33.38 -10.68
CA PRO B 52 2.75 -32.77 -11.11
C PRO B 52 2.68 -31.66 -12.17
N TYR B 53 1.52 -31.36 -12.75
CA TYR B 53 1.32 -30.20 -13.60
C TYR B 53 1.37 -28.86 -12.84
N GLU B 54 1.19 -28.89 -11.51
CA GLU B 54 1.33 -27.78 -10.59
C GLU B 54 2.51 -28.10 -9.67
N HIS B 55 3.51 -27.21 -9.65
CA HIS B 55 4.76 -27.31 -8.85
C HIS B 55 5.44 -28.67 -9.07
N GLY B 56 5.70 -28.94 -10.35
CA GLY B 56 6.03 -30.27 -10.88
C GLY B 56 7.34 -30.82 -10.34
N GLU B 57 7.40 -32.17 -10.30
CA GLU B 57 8.50 -32.98 -9.80
C GLU B 57 8.66 -32.77 -8.28
N VAL B 58 7.91 -33.58 -7.52
CA VAL B 58 8.10 -33.62 -6.06
C VAL B 58 9.36 -34.46 -5.81
N PHE B 59 10.35 -33.81 -5.22
CA PHE B 59 11.67 -34.34 -4.95
C PHE B 59 11.60 -35.01 -3.58
N VAL B 60 12.03 -36.27 -3.49
CA VAL B 60 11.93 -37.02 -2.26
C VAL B 60 13.30 -37.09 -1.58
N LEU B 61 13.36 -36.49 -0.40
CA LEU B 61 14.47 -36.48 0.53
C LEU B 61 14.62 -37.82 1.26
N ASP B 62 15.77 -38.03 1.91
CA ASP B 62 16.10 -39.24 2.67
C ASP B 62 15.09 -39.61 3.76
N ASP B 63 14.55 -38.59 4.45
CA ASP B 63 13.55 -38.73 5.51
C ASP B 63 12.13 -38.98 4.98
N GLY B 64 11.94 -38.97 3.65
CA GLY B 64 10.63 -39.16 3.04
C GLY B 64 9.95 -37.83 2.77
N GLY B 65 10.66 -36.70 2.88
CA GLY B 65 10.13 -35.38 2.57
C GLY B 65 9.91 -35.24 1.06
N GLU B 66 8.64 -35.24 0.65
CA GLU B 66 8.16 -34.93 -0.68
C GLU B 66 8.10 -33.40 -0.80
N VAL B 67 9.17 -32.79 -1.30
CA VAL B 67 9.36 -31.34 -1.35
C VAL B 67 9.49 -30.84 -2.80
N ASP B 68 9.52 -29.51 -2.96
CA ASP B 68 9.68 -28.83 -4.25
C ASP B 68 11.03 -29.17 -4.93
N LEU B 69 11.06 -29.13 -6.26
CA LEU B 69 12.25 -29.40 -7.08
C LEU B 69 13.48 -28.54 -6.77
N ASP B 70 13.30 -27.31 -6.23
CA ASP B 70 14.38 -26.43 -5.80
C ASP B 70 15.25 -27.00 -4.68
N LEU B 71 14.67 -27.82 -3.79
CA LEU B 71 15.43 -28.57 -2.78
C LEU B 71 16.37 -29.59 -3.45
N GLY B 72 15.95 -30.11 -4.61
CA GLY B 72 16.75 -31.00 -5.43
C GLY B 72 17.84 -30.25 -6.19
N ASN B 73 17.59 -29.00 -6.61
CA ASN B 73 18.62 -28.13 -7.18
C ASN B 73 19.71 -27.82 -6.15
N TYR B 74 19.33 -27.55 -4.89
CA TYR B 74 20.29 -27.39 -3.79
C TYR B 74 21.18 -28.63 -3.62
N GLU B 75 20.59 -29.84 -3.57
CA GLU B 75 21.34 -31.10 -3.50
C GLU B 75 22.25 -31.41 -4.71
N ARG B 76 22.09 -30.73 -5.84
CA ARG B 76 22.88 -30.96 -7.05
C ARG B 76 23.96 -29.89 -7.28
N PHE B 77 23.71 -28.65 -6.86
CA PHE B 77 24.73 -27.60 -6.87
C PHE B 77 25.65 -27.68 -5.63
N LEU B 78 25.13 -28.16 -4.50
CA LEU B 78 25.84 -28.30 -3.24
C LEU B 78 25.77 -29.77 -2.85
N ASP B 79 26.87 -30.32 -2.34
CA ASP B 79 26.95 -31.69 -1.80
C ASP B 79 26.31 -31.73 -0.40
N ILE B 80 24.98 -31.73 -0.38
CA ILE B 80 24.14 -31.72 0.82
C ILE B 80 23.02 -32.76 0.71
N ARG B 81 22.45 -33.12 1.86
CA ARG B 81 21.32 -34.02 2.04
C ARG B 81 20.38 -33.35 3.04
N LEU B 82 19.22 -32.88 2.55
CA LEU B 82 18.30 -32.04 3.31
C LEU B 82 17.23 -32.85 4.06
N THR B 83 16.55 -32.18 4.99
CA THR B 83 15.43 -32.72 5.76
C THR B 83 14.13 -32.04 5.31
N LYS B 84 12.96 -32.62 5.64
CA LYS B 84 11.62 -32.11 5.27
C LYS B 84 11.44 -30.61 5.54
N ASP B 85 11.89 -30.21 6.72
CA ASP B 85 11.71 -28.89 7.30
C ASP B 85 12.62 -27.83 6.68
N ASN B 86 13.54 -28.22 5.80
CA ASN B 86 14.21 -27.30 4.88
C ASN B 86 13.24 -26.79 3.79
N ASN B 87 12.08 -27.44 3.61
CA ASN B 87 10.94 -26.88 2.91
C ASN B 87 9.98 -26.34 3.99
N LEU B 88 10.01 -25.04 4.23
CA LEU B 88 9.08 -24.33 5.10
C LEU B 88 7.87 -23.90 4.26
N THR B 89 6.69 -23.87 4.88
CA THR B 89 5.44 -23.46 4.24
C THR B 89 4.56 -22.72 5.25
N THR B 90 3.54 -21.99 4.79
CA THR B 90 2.54 -21.38 5.68
C THR B 90 1.73 -22.46 6.42
N GLY B 91 1.44 -23.58 5.77
CA GLY B 91 0.73 -24.71 6.37
C GLY B 91 1.48 -25.25 7.57
N LYS B 92 2.79 -25.48 7.41
CA LYS B 92 3.67 -25.97 8.45
C LYS B 92 3.82 -24.99 9.62
N ILE B 93 4.03 -23.71 9.32
CA ILE B 93 4.29 -22.72 10.36
C ILE B 93 3.01 -22.30 11.11
N TYR B 94 1.88 -22.17 10.41
CA TYR B 94 0.59 -21.89 11.05
C TYR B 94 0.12 -23.08 11.89
N GLN B 95 0.25 -24.31 11.39
CA GLN B 95 -0.08 -25.52 12.14
C GLN B 95 0.78 -25.69 13.40
N TYR B 96 2.08 -25.37 13.31
CA TYR B 96 3.02 -25.29 14.43
C TYR B 96 2.51 -24.33 15.53
N VAL B 97 2.22 -23.08 15.15
CA VAL B 97 1.70 -22.06 16.05
C VAL B 97 0.32 -22.41 16.65
N ILE B 98 -0.59 -22.98 15.85
CA ILE B 98 -1.90 -23.43 16.29
C ILE B 98 -1.81 -24.56 17.32
N ASN B 99 -0.98 -25.58 17.05
CA ASN B 99 -0.75 -26.69 17.98
C ASN B 99 -0.10 -26.20 19.29
N LYS B 100 0.85 -25.27 19.17
CA LYS B 100 1.54 -24.61 20.29
C LYS B 100 0.57 -23.74 21.13
N GLU B 101 -0.41 -23.10 20.49
CA GLU B 101 -1.51 -22.39 21.13
C GLU B 101 -2.44 -23.35 21.89
N ARG B 102 -2.90 -24.42 21.24
CA ARG B 102 -3.76 -25.46 21.84
C ARG B 102 -3.09 -26.17 23.04
N LYS B 103 -1.76 -26.33 22.98
CA LYS B 103 -0.92 -26.76 24.10
C LYS B 103 -0.87 -25.79 25.29
N GLY B 104 -1.21 -24.52 25.07
CA GLY B 104 -1.13 -23.47 26.08
C GLY B 104 0.28 -22.89 26.21
N ASP B 105 1.20 -23.21 25.30
CA ASP B 105 2.61 -22.81 25.32
C ASP B 105 2.82 -21.29 25.13
N TYR B 106 1.82 -20.61 24.54
CA TYR B 106 1.75 -19.16 24.43
C TYR B 106 1.11 -18.50 25.67
N LEU B 107 0.95 -19.25 26.76
CA LEU B 107 0.72 -18.78 28.14
C LEU B 107 -0.58 -17.95 28.32
N GLY B 108 -1.62 -18.33 27.59
CA GLY B 108 -2.95 -17.72 27.66
C GLY B 108 -3.01 -16.34 27.02
N LYS B 109 -1.96 -15.89 26.31
CA LYS B 109 -1.96 -14.63 25.57
C LYS B 109 -2.70 -14.79 24.22
N THR B 110 -2.96 -13.66 23.56
CA THR B 110 -3.33 -13.62 22.14
C THR B 110 -2.16 -14.18 21.29
N VAL B 111 -2.49 -14.94 20.25
CA VAL B 111 -1.55 -15.34 19.23
C VAL B 111 -2.08 -14.76 17.91
N GLN B 112 -1.16 -14.21 17.13
CA GLN B 112 -1.44 -13.40 15.97
C GLN B 112 -0.19 -13.40 15.10
N VAL B 113 -0.35 -13.09 13.80
CA VAL B 113 0.69 -13.29 12.80
C VAL B 113 1.99 -12.54 13.13
N VAL B 114 1.84 -11.25 13.45
CA VAL B 114 2.90 -10.46 14.05
C VAL B 114 2.50 -10.26 15.53
N PRO B 115 3.31 -10.72 16.50
CA PRO B 115 4.65 -11.30 16.33
C PRO B 115 4.70 -12.80 16.01
N HIS B 116 3.77 -13.61 16.54
CA HIS B 116 3.96 -15.03 16.84
C HIS B 116 4.31 -15.96 15.67
N ILE B 117 3.70 -15.73 14.49
CA ILE B 117 4.03 -16.47 13.27
C ILE B 117 5.40 -16.03 12.74
N THR B 118 5.65 -14.72 12.74
CA THR B 118 6.91 -14.15 12.29
C THR B 118 8.10 -14.48 13.23
N ASP B 119 7.84 -14.71 14.52
CA ASP B 119 8.76 -15.35 15.47
C ASP B 119 9.06 -16.79 15.06
N ALA B 120 8.00 -17.59 14.88
CA ALA B 120 8.07 -18.99 14.50
C ALA B 120 8.87 -19.27 13.22
N ILE B 121 8.76 -18.38 12.23
CA ILE B 121 9.58 -18.38 11.02
C ILE B 121 11.09 -18.24 11.34
N GLN B 122 11.44 -17.28 12.21
CA GLN B 122 12.82 -17.05 12.65
C GLN B 122 13.37 -18.22 13.47
N GLU B 123 12.57 -18.79 14.36
CA GLU B 123 12.88 -20.02 15.09
C GLU B 123 13.21 -21.19 14.16
N TRP B 124 12.42 -21.34 13.09
CA TRP B 124 12.55 -22.38 12.07
C TRP B 124 13.86 -22.22 11.29
N VAL B 125 14.10 -20.99 10.80
CA VAL B 125 15.30 -20.60 10.08
C VAL B 125 16.60 -20.71 10.93
N MET B 126 16.49 -20.51 12.23
CA MET B 126 17.57 -20.75 13.18
C MET B 126 17.85 -22.24 13.38
N ARG B 127 16.81 -23.05 13.58
CA ARG B 127 16.91 -24.52 13.70
C ARG B 127 17.57 -25.17 12.47
N GLN B 128 16.98 -24.95 11.29
CA GLN B 128 17.39 -25.61 10.05
C GLN B 128 18.75 -25.14 9.51
N ALA B 129 19.23 -23.98 9.97
CA ALA B 129 20.56 -23.47 9.65
C ALA B 129 21.67 -24.18 10.44
N LEU B 130 21.36 -24.69 11.63
CA LEU B 130 22.32 -25.37 12.50
C LEU B 130 22.56 -26.82 12.10
N ILE B 131 21.62 -27.44 11.36
CA ILE B 131 21.70 -28.84 10.97
C ILE B 131 22.79 -29.04 9.91
N PRO B 132 23.80 -29.91 10.19
CA PRO B 132 24.84 -30.25 9.20
C PRO B 132 24.30 -31.16 8.09
N VAL B 133 23.61 -30.54 7.12
CA VAL B 133 23.09 -31.19 5.93
C VAL B 133 24.18 -31.57 4.92
N ASP B 134 25.37 -30.97 5.04
CA ASP B 134 26.57 -31.26 4.26
C ASP B 134 27.04 -32.70 4.45
N GLU B 135 27.86 -33.18 3.50
CA GLU B 135 28.46 -34.52 3.49
C GLU B 135 29.46 -34.84 4.65
N ASP B 136 29.51 -33.99 5.68
CA ASP B 136 30.26 -34.18 6.91
C ASP B 136 29.48 -33.44 8.00
N GLY B 137 29.59 -33.90 9.24
CA GLY B 137 28.78 -33.47 10.40
C GLY B 137 29.17 -32.10 10.96
N LEU B 138 29.85 -31.26 10.19
CA LEU B 138 30.29 -29.92 10.59
C LEU B 138 29.17 -28.91 10.30
N GLU B 139 28.97 -27.98 11.24
CA GLU B 139 27.89 -26.98 11.22
C GLU B 139 28.01 -26.05 9.99
N PRO B 140 26.90 -25.77 9.29
CA PRO B 140 26.87 -24.77 8.21
C PRO B 140 27.37 -23.39 8.64
N GLN B 141 28.30 -22.83 7.87
CA GLN B 141 28.87 -21.51 8.08
C GLN B 141 28.01 -20.41 7.43
N VAL B 142 27.10 -20.79 6.52
CA VAL B 142 26.14 -19.90 5.88
C VAL B 142 24.89 -20.68 5.44
N CYS B 143 23.75 -20.01 5.42
CA CYS B 143 22.45 -20.56 5.05
C CYS B 143 21.83 -19.68 3.96
N VAL B 144 21.57 -20.23 2.77
CA VAL B 144 20.86 -19.53 1.71
C VAL B 144 19.36 -19.86 1.81
N ILE B 145 18.54 -18.86 2.11
CA ILE B 145 17.11 -19.01 2.29
C ILE B 145 16.44 -18.45 1.02
N GLU B 146 15.62 -19.23 0.34
CA GLU B 146 14.86 -18.76 -0.81
C GLU B 146 13.40 -18.58 -0.42
N LEU B 147 12.86 -17.39 -0.67
CA LEU B 147 11.43 -17.13 -0.56
C LEU B 147 10.82 -17.34 -1.95
N GLY B 148 10.00 -18.39 -2.04
CA GLY B 148 9.24 -18.79 -3.22
C GLY B 148 8.17 -17.75 -3.55
N GLY B 149 7.94 -17.55 -4.85
CA GLY B 149 6.90 -16.66 -5.35
C GLY B 149 7.45 -15.24 -5.45
N THR B 150 6.53 -14.28 -5.57
CA THR B 150 6.81 -12.86 -5.67
C THR B 150 6.42 -12.19 -4.36
N VAL B 151 7.23 -11.21 -3.94
CA VAL B 151 6.99 -10.40 -2.77
C VAL B 151 5.78 -9.48 -2.96
N GLY B 152 5.02 -9.27 -1.87
CA GLY B 152 3.86 -8.39 -1.84
C GLY B 152 2.57 -9.13 -2.24
N ASP B 153 2.65 -10.43 -2.54
CA ASP B 153 1.52 -11.34 -2.48
C ASP B 153 1.21 -11.64 -1.01
N ILE B 154 -0.07 -11.77 -0.67
CA ILE B 154 -0.57 -11.89 0.70
C ILE B 154 0.11 -13.00 1.55
N GLU B 155 0.47 -14.11 0.90
CA GLU B 155 1.12 -15.25 1.52
C GLU B 155 2.62 -15.00 1.82
N SER B 156 3.29 -14.10 1.09
CA SER B 156 4.72 -13.84 1.26
C SER B 156 5.01 -12.76 2.33
N MET B 157 3.99 -11.95 2.67
CA MET B 157 4.09 -10.88 3.67
C MET B 157 4.57 -11.27 5.09
N PRO B 158 4.09 -12.39 5.69
CA PRO B 158 4.60 -12.87 6.99
C PRO B 158 6.11 -13.16 6.99
N PHE B 159 6.61 -13.76 5.90
CA PHE B 159 8.01 -14.12 5.77
C PHE B 159 8.90 -12.89 5.61
N ILE B 160 8.51 -11.93 4.77
CA ILE B 160 9.27 -10.69 4.66
C ILE B 160 9.26 -9.88 5.97
N GLU B 161 8.13 -9.86 6.69
CA GLU B 161 8.03 -9.27 8.03
C GLU B 161 8.95 -9.96 9.05
N ALA B 162 9.03 -11.30 9.01
CA ALA B 162 9.99 -12.09 9.78
C ALA B 162 11.45 -11.74 9.47
N PHE B 163 11.80 -11.64 8.18
CA PHE B 163 13.16 -11.25 7.77
C PHE B 163 13.50 -9.78 8.06
N ARG B 164 12.48 -8.91 8.06
CA ARG B 164 12.57 -7.52 8.47
C ARG B 164 12.92 -7.36 9.96
N GLN B 165 12.45 -8.29 10.79
CA GLN B 165 12.87 -8.41 12.19
C GLN B 165 14.25 -9.07 12.30
N PHE B 166 14.45 -10.15 11.54
CA PHE B 166 15.62 -11.02 11.60
C PHE B 166 16.95 -10.27 11.40
N GLN B 167 16.97 -9.33 10.44
CA GLN B 167 18.10 -8.44 10.14
C GLN B 167 18.52 -7.51 11.31
N PHE B 168 17.71 -7.44 12.37
CA PHE B 168 17.98 -6.69 13.59
C PHE B 168 18.10 -7.62 14.81
N LYS B 169 17.73 -8.90 14.67
CA LYS B 169 17.85 -9.93 15.69
C LYS B 169 19.26 -10.53 15.65
N VAL B 170 19.62 -11.05 14.48
CA VAL B 170 21.02 -11.23 14.10
C VAL B 170 21.51 -9.88 13.54
N LYS B 171 22.83 -9.63 13.53
CA LYS B 171 23.37 -8.35 13.08
C LYS B 171 23.47 -8.34 11.55
N ARG B 172 23.67 -7.15 10.96
CA ARG B 172 23.67 -6.99 9.50
C ARG B 172 24.77 -7.80 8.80
N GLU B 173 25.93 -8.01 9.46
CA GLU B 173 26.97 -8.93 9.00
C GLU B 173 26.51 -10.40 8.91
N ASN B 174 25.41 -10.75 9.60
CA ASN B 174 24.85 -12.09 9.59
C ASN B 174 23.67 -12.21 8.62
N PHE B 175 23.21 -11.13 7.98
CA PHE B 175 22.01 -11.18 7.14
C PHE B 175 22.18 -10.29 5.91
N CYS B 176 22.17 -10.92 4.73
CA CYS B 176 22.18 -10.29 3.42
C CYS B 176 20.88 -10.69 2.68
N ASN B 177 20.43 -9.86 1.74
CA ASN B 177 19.22 -10.11 0.95
C ASN B 177 19.51 -9.85 -0.53
N ILE B 178 19.28 -10.86 -1.38
CA ILE B 178 19.29 -10.75 -2.82
C ILE B 178 17.84 -10.62 -3.30
N HIS B 179 17.57 -9.72 -4.24
CA HIS B 179 16.30 -9.68 -4.96
C HIS B 179 16.53 -10.16 -6.39
N VAL B 180 15.84 -11.23 -6.79
CA VAL B 180 15.85 -11.75 -8.14
C VAL B 180 14.61 -11.22 -8.87
N SER B 181 14.84 -10.30 -9.81
CA SER B 181 13.83 -9.63 -10.60
C SER B 181 13.90 -10.10 -12.07
N LEU B 182 12.94 -9.64 -12.87
CA LEU B 182 12.91 -9.80 -14.32
C LEU B 182 13.05 -8.40 -14.91
N VAL B 183 13.86 -8.27 -15.95
CA VAL B 183 13.89 -7.08 -16.81
C VAL B 183 13.39 -7.55 -18.19
N PRO B 184 12.06 -7.43 -18.47
CA PRO B 184 11.52 -7.86 -19.77
C PRO B 184 12.00 -6.99 -20.93
N GLN B 185 12.10 -7.61 -22.11
CA GLN B 185 12.51 -6.96 -23.35
C GLN B 185 11.45 -7.27 -24.43
N PRO B 186 10.32 -6.51 -24.45
CA PRO B 186 9.16 -6.85 -25.28
C PRO B 186 9.41 -6.78 -26.80
N SER B 187 8.75 -7.66 -27.55
CA SER B 187 8.59 -7.57 -29.01
C SER B 187 7.94 -6.24 -29.46
N SER B 188 7.05 -5.72 -28.61
CA SER B 188 6.36 -4.45 -28.74
C SER B 188 7.27 -3.21 -28.57
N THR B 189 8.52 -3.37 -28.09
CA THR B 189 9.30 -2.24 -27.60
C THR B 189 10.82 -2.31 -27.86
N GLY B 190 11.43 -3.50 -27.80
CA GLY B 190 12.87 -3.75 -28.02
C GLY B 190 13.76 -3.28 -26.85
N GLU B 191 13.37 -2.25 -26.11
CA GLU B 191 13.99 -1.78 -24.88
C GLU B 191 13.91 -2.82 -23.75
N GLN B 192 14.94 -2.83 -22.88
CA GLN B 192 14.97 -3.57 -21.64
C GLN B 192 14.28 -2.73 -20.56
N LYS B 193 13.06 -3.15 -20.18
CA LYS B 193 12.16 -2.37 -19.35
C LYS B 193 12.44 -2.62 -17.87
N THR B 194 13.14 -1.70 -17.22
CA THR B 194 13.49 -1.77 -15.81
C THR B 194 12.32 -1.50 -14.84
N LYS B 195 11.24 -0.86 -15.30
CA LYS B 195 10.07 -0.46 -14.50
C LYS B 195 9.53 -1.49 -13.47
N PRO B 196 9.27 -2.76 -13.86
CA PRO B 196 8.89 -3.81 -12.90
C PRO B 196 9.91 -4.07 -11.78
N THR B 197 11.22 -4.04 -12.07
CA THR B 197 12.27 -4.12 -11.07
C THR B 197 12.25 -2.95 -10.06
N GLN B 198 12.02 -1.73 -10.55
CA GLN B 198 11.90 -0.52 -9.72
C GLN B 198 10.73 -0.63 -8.75
N ASN B 199 9.56 -1.01 -9.30
CA ASN B 199 8.31 -1.14 -8.56
C ASN B 199 8.35 -2.31 -7.56
N SER B 200 9.00 -3.41 -7.95
CA SER B 200 9.23 -4.58 -7.10
C SER B 200 10.16 -4.26 -5.92
N VAL B 201 11.27 -3.56 -6.17
CA VAL B 201 12.19 -3.13 -5.12
C VAL B 201 11.59 -2.01 -4.24
N ARG B 202 10.76 -1.13 -4.82
CA ARG B 202 9.93 -0.15 -4.11
C ARG B 202 8.97 -0.84 -3.13
N GLU B 203 8.28 -1.88 -3.61
CA GLU B 203 7.40 -2.73 -2.83
C GLU B 203 8.13 -3.48 -1.69
N LEU B 204 9.28 -4.09 -2.02
CA LEU B 204 10.14 -4.81 -1.07
C LEU B 204 10.65 -3.90 0.07
N ARG B 205 11.03 -2.67 -0.27
CA ARG B 205 11.43 -1.65 0.71
C ARG B 205 10.25 -1.15 1.55
N GLY B 206 9.04 -1.16 0.99
CA GLY B 206 7.79 -0.91 1.73
C GLY B 206 7.53 -2.00 2.77
N LEU B 207 7.94 -3.25 2.48
CA LEU B 207 7.92 -4.37 3.41
C LEU B 207 9.17 -4.39 4.34
N GLY B 208 10.10 -3.44 4.15
CA GLY B 208 11.21 -3.18 5.06
C GLY B 208 12.48 -3.97 4.74
N LEU B 209 12.60 -4.55 3.54
CA LEU B 209 13.81 -5.21 3.07
C LEU B 209 14.44 -4.37 1.96
N SER B 210 15.73 -4.10 2.06
CA SER B 210 16.52 -3.61 0.94
C SER B 210 17.06 -4.84 0.19
N PRO B 211 17.12 -4.80 -1.15
CA PRO B 211 18.13 -5.58 -1.88
C PRO B 211 19.54 -5.11 -1.49
N ASP B 212 20.37 -6.03 -1.01
CA ASP B 212 21.82 -5.87 -0.95
C ASP B 212 22.43 -6.18 -2.32
N LEU B 213 21.86 -7.16 -3.03
CA LEU B 213 22.12 -7.41 -4.43
C LEU B 213 20.77 -7.38 -5.18
N VAL B 214 20.76 -6.76 -6.36
CA VAL B 214 19.65 -6.84 -7.29
C VAL B 214 20.14 -7.71 -8.47
N VAL B 215 19.58 -8.91 -8.59
CA VAL B 215 19.86 -9.82 -9.68
C VAL B 215 18.70 -9.68 -10.70
N CYS B 216 19.05 -9.21 -11.88
CA CYS B 216 18.14 -9.05 -13.00
C CYS B 216 18.21 -10.34 -13.81
N ARG B 217 17.10 -11.07 -13.92
CA ARG B 217 16.93 -12.08 -14.96
C ARG B 217 16.69 -11.34 -16.28
N CYS B 218 17.75 -11.27 -17.07
CA CYS B 218 17.80 -10.71 -18.39
C CYS B 218 17.56 -11.85 -19.39
N SER B 219 17.12 -11.55 -20.60
CA SER B 219 17.30 -12.45 -21.73
C SER B 219 18.72 -12.21 -22.27
N ASN B 220 18.85 -11.17 -23.10
CA ASN B 220 20.12 -10.61 -23.56
C ASN B 220 20.68 -9.72 -22.43
N PRO B 221 22.02 -9.64 -22.30
CA PRO B 221 22.70 -8.79 -21.29
C PRO B 221 22.19 -7.35 -21.18
N LEU B 222 22.14 -6.80 -19.95
CA LEU B 222 21.78 -5.40 -19.71
C LEU B 222 22.76 -4.44 -20.39
N ASP B 223 22.22 -3.37 -20.98
CA ASP B 223 23.01 -2.17 -21.29
C ASP B 223 23.41 -1.47 -19.97
N THR B 224 24.53 -0.74 -20.04
CA THR B 224 25.04 0.17 -19.03
C THR B 224 23.97 1.16 -18.51
N SER B 225 23.21 1.79 -19.42
CA SER B 225 22.15 2.74 -19.11
C SER B 225 21.03 2.12 -18.26
N VAL B 226 20.68 0.87 -18.56
CA VAL B 226 19.65 0.10 -17.89
C VAL B 226 20.12 -0.33 -16.49
N LYS B 227 21.39 -0.75 -16.37
CA LYS B 227 22.03 -1.04 -15.09
C LYS B 227 22.11 0.21 -14.19
N GLU B 228 22.50 1.35 -14.77
CA GLU B 228 22.53 2.64 -14.07
C GLU B 228 21.14 3.09 -13.61
N LYS B 229 20.13 2.98 -14.48
CA LYS B 229 18.72 3.24 -14.14
C LYS B 229 18.21 2.34 -13.00
N ILE B 230 18.54 1.04 -13.05
CA ILE B 230 18.24 0.11 -11.96
C ILE B 230 18.95 0.51 -10.65
N SER B 231 20.25 0.83 -10.71
CA SER B 231 21.04 1.28 -9.57
C SER B 231 20.44 2.54 -8.89
N MET B 232 20.02 3.50 -9.73
CA MET B 232 19.35 4.73 -9.35
C MET B 232 18.02 4.46 -8.64
N PHE B 233 17.06 3.84 -9.35
CA PHE B 233 15.70 3.64 -8.85
C PHE B 233 15.54 2.57 -7.77
N CYS B 234 16.51 1.65 -7.67
CA CYS B 234 16.61 0.68 -6.56
C CYS B 234 17.45 1.24 -5.40
N HIS B 235 18.10 2.40 -5.61
CA HIS B 235 18.95 3.15 -4.69
C HIS B 235 20.08 2.29 -4.10
N VAL B 236 20.85 1.68 -4.99
CA VAL B 236 21.93 0.74 -4.67
C VAL B 236 23.08 0.97 -5.68
N GLU B 237 24.31 0.64 -5.25
CA GLU B 237 25.54 0.72 -6.03
C GLU B 237 25.50 -0.18 -7.31
N PRO B 238 25.87 0.33 -8.50
CA PRO B 238 26.04 -0.46 -9.74
C PRO B 238 26.75 -1.83 -9.65
N GLU B 239 27.83 -1.94 -8.86
CA GLU B 239 28.52 -3.19 -8.54
C GLU B 239 27.61 -4.29 -7.93
N GLN B 240 26.54 -3.86 -7.25
CA GLN B 240 25.55 -4.72 -6.62
C GLN B 240 24.32 -4.98 -7.52
N VAL B 241 24.31 -4.44 -8.74
CA VAL B 241 23.32 -4.74 -9.75
C VAL B 241 23.93 -5.79 -10.69
N ILE B 242 23.36 -6.99 -10.68
CA ILE B 242 23.81 -8.14 -11.42
C ILE B 242 22.81 -8.43 -12.55
N CYS B 243 23.32 -8.79 -13.73
CA CYS B 243 22.54 -9.39 -14.79
C CYS B 243 22.90 -10.88 -14.83
N VAL B 244 21.89 -11.74 -14.71
CA VAL B 244 21.99 -13.12 -15.14
C VAL B 244 21.20 -13.21 -16.46
N HIS B 245 21.93 -13.46 -17.55
CA HIS B 245 21.41 -13.52 -18.90
C HIS B 245 21.41 -14.97 -19.38
N ASP B 246 20.77 -15.21 -20.53
CA ASP B 246 20.78 -16.49 -21.23
C ASP B 246 22.22 -16.92 -21.56
N VAL B 247 22.55 -18.17 -21.22
CA VAL B 247 23.84 -18.81 -21.39
C VAL B 247 23.63 -20.25 -21.89
N SER B 248 24.67 -20.84 -22.50
CA SER B 248 24.63 -22.11 -23.22
C SER B 248 24.31 -23.34 -22.38
N SER B 249 24.57 -23.29 -21.08
CA SER B 249 24.36 -24.39 -20.15
C SER B 249 24.19 -23.81 -18.75
N ILE B 250 23.51 -24.60 -17.90
CA ILE B 250 23.34 -24.38 -16.47
C ILE B 250 24.66 -24.14 -15.73
N TYR B 251 25.72 -24.79 -16.23
CA TYR B 251 27.06 -24.79 -15.66
C TYR B 251 27.73 -23.41 -15.71
N ARG B 252 27.26 -22.52 -16.60
CA ARG B 252 27.75 -21.15 -16.70
C ARG B 252 27.07 -20.18 -15.74
N VAL B 253 25.96 -20.55 -15.08
CA VAL B 253 25.25 -19.62 -14.20
C VAL B 253 26.03 -19.19 -12.93
N PRO B 254 26.73 -20.10 -12.22
CA PRO B 254 27.70 -19.70 -11.18
C PRO B 254 28.86 -18.85 -11.70
N LEU B 255 29.36 -19.17 -12.90
CA LEU B 255 30.48 -18.49 -13.54
C LEU B 255 30.15 -17.04 -13.91
N LEU B 256 28.90 -16.80 -14.34
CA LEU B 256 28.39 -15.47 -14.62
C LEU B 256 28.23 -14.64 -13.33
N LEU B 257 27.73 -15.26 -12.26
CA LEU B 257 27.66 -14.63 -10.94
C LEU B 257 29.05 -14.34 -10.34
N GLU B 258 29.99 -15.25 -10.55
CA GLU B 258 31.41 -15.09 -10.24
C GLU B 258 32.03 -13.88 -10.95
N GLU B 259 31.85 -13.81 -12.28
CA GLU B 259 32.26 -12.69 -13.13
C GLU B 259 31.64 -11.36 -12.67
N GLN B 260 30.35 -11.40 -12.34
CA GLN B 260 29.60 -10.29 -11.75
C GLN B 260 29.99 -9.89 -10.32
N GLY B 261 30.92 -10.60 -9.68
CA GLY B 261 31.58 -10.16 -8.45
C GLY B 261 30.82 -10.54 -7.18
N VAL B 262 29.79 -11.41 -7.23
CA VAL B 262 28.97 -11.73 -6.06
C VAL B 262 29.78 -12.42 -4.94
N VAL B 263 30.80 -13.20 -5.32
CA VAL B 263 31.74 -13.88 -4.42
C VAL B 263 32.44 -12.87 -3.50
N ASP B 264 33.06 -11.88 -4.15
CA ASP B 264 33.80 -10.75 -3.58
C ASP B 264 32.88 -9.91 -2.68
N TYR B 265 31.65 -9.68 -3.17
CA TYR B 265 30.60 -9.00 -2.41
C TYR B 265 30.25 -9.75 -1.12
N PHE B 266 29.84 -11.02 -1.21
CA PHE B 266 29.47 -11.83 -0.06
C PHE B 266 30.60 -12.00 0.96
N LEU B 267 31.84 -12.17 0.48
CA LEU B 267 33.04 -12.23 1.33
C LEU B 267 33.17 -11.01 2.26
N ARG B 268 33.02 -9.80 1.70
CA ARG B 268 33.07 -8.56 2.48
C ARG B 268 31.77 -8.30 3.24
N ARG B 269 30.62 -8.50 2.59
CA ARG B 269 29.29 -8.15 3.09
C ARG B 269 28.84 -9.01 4.28
N LEU B 270 29.25 -10.29 4.30
CA LEU B 270 28.95 -11.22 5.37
C LEU B 270 30.18 -11.46 6.27
N ASP B 271 31.31 -10.81 5.98
CA ASP B 271 32.59 -10.89 6.71
C ASP B 271 33.07 -12.35 6.84
N LEU B 272 33.17 -13.03 5.70
CA LEU B 272 33.45 -14.47 5.64
C LEU B 272 34.97 -14.71 5.68
N PRO B 273 35.41 -15.82 6.33
CA PRO B 273 36.83 -16.20 6.33
C PRO B 273 37.38 -16.66 4.97
N LEU B 282 34.43 -23.77 -8.67
CA LEU B 282 33.93 -23.27 -9.96
C LEU B 282 34.81 -23.57 -11.19
N MET B 283 36.07 -23.96 -11.00
CA MET B 283 36.93 -24.49 -12.06
C MET B 283 36.39 -25.78 -12.71
N LYS B 284 35.68 -26.60 -11.93
CA LYS B 284 34.94 -27.76 -12.44
C LYS B 284 33.76 -27.33 -13.32
N TRP B 285 33.14 -26.20 -12.98
CA TRP B 285 32.00 -25.63 -13.69
C TRP B 285 32.41 -24.97 -15.01
N LYS B 286 33.65 -24.47 -15.11
CA LYS B 286 34.31 -24.11 -16.37
C LYS B 286 34.37 -25.37 -17.27
N GLU B 287 34.97 -26.44 -16.72
CA GLU B 287 35.17 -27.72 -17.42
C GLU B 287 33.83 -28.30 -17.90
N MET B 288 32.83 -28.44 -17.02
CA MET B 288 31.50 -28.97 -17.38
C MET B 288 30.80 -28.18 -18.50
N ALA B 289 30.89 -26.85 -18.44
CA ALA B 289 30.34 -25.96 -19.47
C ALA B 289 31.07 -26.11 -20.81
N ASP B 290 32.41 -26.00 -20.76
CA ASP B 290 33.28 -26.12 -21.94
C ASP B 290 33.23 -27.52 -22.56
N ARG B 291 33.08 -28.55 -21.72
CA ARG B 291 32.85 -29.93 -22.15
C ARG B 291 31.52 -30.06 -22.88
N TYR B 292 30.42 -29.53 -22.28
CA TYR B 292 29.09 -29.55 -22.87
C TYR B 292 29.06 -28.90 -24.26
N ASP B 293 29.67 -27.72 -24.37
CA ASP B 293 29.78 -26.94 -25.59
C ASP B 293 30.69 -27.55 -26.68
N ARG B 294 31.40 -28.66 -26.39
CA ARG B 294 32.23 -29.37 -27.36
C ARG B 294 31.80 -30.83 -27.57
N LEU B 295 30.62 -31.23 -27.08
CA LEU B 295 30.06 -32.57 -27.35
C LEU B 295 29.52 -32.62 -28.79
N LEU B 296 30.23 -33.29 -29.68
CA LEU B 296 29.89 -33.37 -31.10
C LEU B 296 28.95 -34.54 -31.41
N GLU B 297 29.14 -35.67 -30.70
CA GLU B 297 28.28 -36.84 -30.79
C GLU B 297 27.02 -36.67 -29.92
N THR B 298 26.00 -37.46 -30.20
CA THR B 298 24.70 -37.33 -29.59
C THR B 298 24.15 -38.70 -29.25
N CYS B 299 23.24 -38.74 -28.29
CA CYS B 299 22.45 -39.89 -27.89
C CYS B 299 21.00 -39.44 -27.84
N SER B 300 20.10 -40.27 -28.33
CA SER B 300 18.68 -39.96 -28.34
C SER B 300 17.97 -40.92 -27.40
N ILE B 301 17.26 -40.39 -26.40
CA ILE B 301 16.65 -41.20 -25.34
C ILE B 301 15.14 -40.96 -25.31
N ALA B 302 14.32 -41.99 -25.37
CA ALA B 302 12.88 -41.86 -25.23
C ALA B 302 12.51 -41.69 -23.77
N LEU B 303 11.77 -40.64 -23.44
CA LEU B 303 11.13 -40.50 -22.15
C LEU B 303 9.62 -40.66 -22.36
N VAL B 304 9.07 -41.80 -21.94
CA VAL B 304 7.64 -42.10 -22.08
C VAL B 304 6.89 -41.76 -20.79
N GLY B 305 6.21 -40.62 -20.77
CA GLY B 305 5.63 -40.02 -19.57
C GLY B 305 4.12 -40.01 -19.51
N LYS B 306 3.57 -39.09 -18.73
CA LYS B 306 2.14 -38.73 -18.65
C LYS B 306 2.09 -37.20 -18.45
N TYR B 307 3.02 -36.68 -17.66
CA TYR B 307 2.94 -35.35 -17.06
C TYR B 307 3.64 -34.29 -17.92
N ASP B 312 8.62 -30.45 -17.11
CA ASP B 312 8.98 -30.00 -15.75
C ASP B 312 8.72 -31.03 -14.65
N SER B 313 7.70 -31.88 -14.83
CA SER B 313 7.42 -33.02 -13.96
C SER B 313 8.55 -34.06 -13.89
N TYR B 314 9.41 -34.08 -14.88
CA TYR B 314 10.54 -35.01 -14.97
C TYR B 314 11.86 -34.25 -14.82
N ALA B 315 11.88 -33.12 -14.14
CA ALA B 315 13.03 -32.25 -13.94
C ALA B 315 14.29 -33.00 -13.45
N SER B 316 14.20 -33.72 -12.32
CA SER B 316 15.28 -34.57 -11.83
C SER B 316 15.72 -35.65 -12.82
N VAL B 317 14.76 -36.27 -13.49
CA VAL B 317 14.97 -37.34 -14.48
C VAL B 317 15.75 -36.82 -15.68
N ILE B 318 15.32 -35.72 -16.28
CA ILE B 318 15.99 -35.02 -17.38
C ILE B 318 17.43 -34.62 -17.01
N LYS B 319 17.61 -34.09 -15.80
CA LYS B 319 18.91 -33.71 -15.26
C LYS B 319 19.84 -34.92 -15.09
N ALA B 320 19.31 -36.04 -14.58
CA ALA B 320 20.04 -37.30 -14.41
C ALA B 320 20.51 -37.91 -15.73
N LEU B 321 19.66 -37.84 -16.75
CA LEU B 321 20.01 -38.20 -18.11
C LEU B 321 21.11 -37.29 -18.66
N GLU B 322 21.04 -35.99 -18.43
CA GLU B 322 22.02 -35.00 -18.90
C GLU B 322 23.38 -35.10 -18.19
N HIS B 323 23.40 -35.47 -16.91
CA HIS B 323 24.63 -35.83 -16.19
C HIS B 323 25.31 -37.05 -16.83
N SER B 324 24.49 -38.06 -17.12
CA SER B 324 24.90 -39.31 -17.75
C SER B 324 25.45 -39.08 -19.17
N ALA B 325 24.76 -38.23 -19.95
CA ALA B 325 25.14 -37.77 -21.28
C ALA B 325 26.50 -37.05 -21.28
N LEU B 326 26.66 -36.08 -20.36
CA LEU B 326 27.91 -35.33 -20.17
C LEU B 326 29.09 -36.25 -19.80
N ALA B 327 28.81 -37.29 -19.01
CA ALA B 327 29.76 -38.29 -18.55
C ALA B 327 30.22 -39.26 -19.66
N ILE B 328 29.28 -39.73 -20.51
CA ILE B 328 29.65 -40.52 -21.70
C ILE B 328 30.25 -39.66 -22.84
N ASN B 329 30.03 -38.35 -22.76
CA ASN B 329 30.50 -37.27 -23.64
C ASN B 329 29.69 -37.16 -24.93
N HIS B 330 28.37 -37.35 -24.82
CA HIS B 330 27.42 -37.14 -25.91
C HIS B 330 26.45 -36.01 -25.52
N LYS B 331 25.94 -35.28 -26.51
CA LYS B 331 24.67 -34.56 -26.37
C LYS B 331 23.50 -35.52 -26.14
N LEU B 332 22.40 -35.00 -25.60
CA LEU B 332 21.20 -35.77 -25.34
C LEU B 332 20.05 -35.11 -26.11
N GLU B 333 19.25 -35.95 -26.79
CA GLU B 333 18.05 -35.55 -27.50
C GLU B 333 16.92 -36.39 -26.89
N ILE B 334 16.26 -35.84 -25.85
CA ILE B 334 15.17 -36.52 -25.12
C ILE B 334 13.90 -36.45 -25.98
N LYS B 335 13.48 -37.60 -26.48
CA LYS B 335 12.23 -37.76 -27.20
C LYS B 335 11.09 -37.83 -26.19
N TYR B 336 10.53 -36.68 -25.83
CA TYR B 336 9.34 -36.58 -24.99
C TYR B 336 8.10 -37.08 -25.74
N ILE B 337 7.57 -38.17 -25.18
CA ILE B 337 6.46 -38.98 -25.66
C ILE B 337 5.40 -38.99 -24.56
N ASP B 338 4.18 -38.56 -24.86
CA ASP B 338 3.01 -38.85 -24.03
C ASP B 338 2.64 -40.32 -24.19
N SER B 339 2.67 -41.10 -23.11
CA SER B 339 2.35 -42.53 -23.18
C SER B 339 0.90 -42.82 -23.61
N ALA B 340 -0.03 -41.86 -23.47
CA ALA B 340 -1.39 -42.00 -23.96
C ALA B 340 -1.49 -41.86 -25.50
N ASP B 341 -0.52 -41.24 -26.18
CA ASP B 341 -0.45 -41.23 -27.64
C ASP B 341 -0.07 -42.60 -28.22
N LEU B 342 0.73 -43.40 -27.50
CA LEU B 342 1.12 -44.74 -27.93
C LEU B 342 -0.01 -45.77 -27.81
N GLU B 343 -1.06 -45.48 -27.03
CA GLU B 343 -2.18 -46.38 -26.84
C GLU B 343 -3.08 -46.43 -28.10
N PRO B 344 -3.59 -47.62 -28.49
CA PRO B 344 -4.27 -47.80 -29.78
C PRO B 344 -5.55 -46.97 -29.94
N ILE B 345 -6.14 -46.53 -28.82
CA ILE B 345 -7.29 -45.66 -28.69
C ILE B 345 -7.04 -44.29 -29.37
N THR B 346 -5.85 -43.72 -29.18
CA THR B 346 -5.44 -42.48 -29.84
C THR B 346 -5.37 -42.63 -31.38
N SER B 347 -5.07 -43.82 -31.90
CA SER B 347 -5.05 -44.07 -33.34
C SER B 347 -6.44 -43.96 -34.00
N GLN B 348 -7.51 -44.07 -33.20
CA GLN B 348 -8.89 -44.00 -33.70
C GLN B 348 -9.33 -42.53 -33.87
N GLU B 349 -8.90 -41.66 -32.95
CA GLU B 349 -9.27 -40.25 -32.94
C GLU B 349 -8.25 -39.37 -33.67
N GLU B 350 -6.96 -39.60 -33.39
CA GLU B 350 -5.85 -38.76 -33.80
C GLU B 350 -4.67 -39.66 -34.22
N PRO B 351 -4.78 -40.37 -35.37
CA PRO B 351 -3.67 -41.20 -35.89
C PRO B 351 -2.34 -40.45 -36.10
N VAL B 352 -2.40 -39.13 -36.34
CA VAL B 352 -1.25 -38.24 -36.34
C VAL B 352 -0.45 -38.23 -35.01
N ARG B 353 -1.14 -38.21 -33.86
CA ARG B 353 -0.50 -38.28 -32.55
C ARG B 353 0.17 -39.65 -32.34
N TYR B 354 -0.57 -40.71 -32.68
CA TYR B 354 -0.10 -42.09 -32.57
C TYR B 354 1.18 -42.34 -33.38
N HIS B 355 1.15 -41.96 -34.66
CA HIS B 355 2.27 -42.21 -35.57
C HIS B 355 3.47 -41.31 -35.29
N GLU B 356 3.27 -40.08 -34.79
CA GLU B 356 4.39 -39.24 -34.32
C GLU B 356 5.03 -39.79 -33.03
N ALA B 357 4.19 -40.22 -32.07
CA ALA B 357 4.64 -40.85 -30.83
C ALA B 357 5.42 -42.16 -31.09
N TRP B 358 4.95 -43.01 -32.00
CA TRP B 358 5.66 -44.23 -32.41
C TRP B 358 6.85 -43.99 -33.34
N GLN B 359 6.89 -42.96 -34.18
CA GLN B 359 8.15 -42.57 -34.85
C GLN B 359 9.21 -42.13 -33.83
N LYS B 360 8.82 -41.33 -32.83
CA LYS B 360 9.71 -40.93 -31.71
C LYS B 360 10.26 -42.14 -30.99
N LEU B 361 9.41 -43.01 -30.44
CA LEU B 361 9.87 -44.14 -29.65
C LEU B 361 10.78 -45.08 -30.44
N CYS B 362 10.45 -45.34 -31.71
CA CYS B 362 11.19 -46.33 -32.48
C CYS B 362 12.56 -45.86 -32.95
N SER B 363 12.73 -44.57 -33.16
CA SER B 363 14.00 -43.96 -33.56
C SER B 363 14.95 -43.67 -32.39
N ALA B 364 14.52 -43.82 -31.13
CA ALA B 364 15.37 -43.65 -29.95
C ALA B 364 16.50 -44.68 -29.86
N HIS B 365 17.61 -44.33 -29.20
CA HIS B 365 18.74 -45.23 -28.92
C HIS B 365 18.52 -46.04 -27.65
N GLY B 366 17.64 -45.59 -26.76
CA GLY B 366 17.21 -46.29 -25.55
C GLY B 366 15.96 -45.62 -24.99
N VAL B 367 15.35 -46.22 -23.97
CA VAL B 367 14.08 -45.80 -23.39
C VAL B 367 14.17 -45.66 -21.87
N LEU B 368 13.46 -44.68 -21.35
CA LEU B 368 13.28 -44.43 -19.92
C LEU B 368 11.79 -44.35 -19.59
N VAL B 369 11.37 -45.10 -18.58
CA VAL B 369 9.97 -45.26 -18.18
C VAL B 369 9.83 -44.81 -16.72
N PRO B 370 9.61 -43.53 -16.45
CA PRO B 370 9.72 -42.97 -15.12
C PRO B 370 8.49 -43.22 -14.23
N GLY B 371 8.59 -42.82 -12.96
CA GLY B 371 7.56 -43.10 -11.95
C GLY B 371 6.23 -42.38 -12.18
N GLY B 372 5.20 -42.83 -11.47
CA GLY B 372 3.89 -42.17 -11.40
C GLY B 372 2.82 -43.02 -10.74
N PHE B 373 1.58 -42.55 -10.81
CA PHE B 373 0.37 -43.17 -10.22
C PHE B 373 -0.84 -42.96 -11.15
N GLY B 374 -1.85 -43.81 -11.04
CA GLY B 374 -3.08 -43.72 -11.83
C GLY B 374 -2.99 -44.40 -13.20
N VAL B 375 -4.14 -44.61 -13.85
CA VAL B 375 -4.23 -45.51 -15.03
C VAL B 375 -3.70 -44.89 -16.32
N ARG B 376 -3.69 -43.55 -16.46
CA ARG B 376 -3.22 -42.87 -17.69
C ARG B 376 -1.86 -43.42 -18.14
N GLY B 377 -1.73 -43.70 -19.43
CA GLY B 377 -0.47 -44.10 -20.04
C GLY B 377 0.05 -45.49 -19.62
N THR B 378 -0.70 -46.26 -18.83
CA THR B 378 -0.22 -47.56 -18.30
C THR B 378 -0.05 -48.61 -19.38
N GLU B 379 -1.02 -48.76 -20.27
CA GLU B 379 -0.88 -49.69 -21.40
C GLU B 379 0.15 -49.18 -22.41
N GLY B 380 0.28 -47.87 -22.57
CA GLY B 380 1.33 -47.27 -23.39
C GLY B 380 2.74 -47.51 -22.85
N LYS B 381 2.94 -47.45 -21.53
CA LYS B 381 4.22 -47.76 -20.89
C LYS B 381 4.53 -49.24 -21.01
N ILE B 382 3.54 -50.11 -20.82
CA ILE B 382 3.66 -51.56 -21.05
C ILE B 382 4.06 -51.85 -22.51
N GLN B 383 3.49 -51.17 -23.49
CA GLN B 383 3.88 -51.29 -24.90
C GLN B 383 5.25 -50.70 -25.22
N ALA B 384 5.69 -49.62 -24.57
CA ALA B 384 7.03 -49.07 -24.74
C ALA B 384 8.11 -49.98 -24.14
N ILE B 385 7.81 -50.66 -23.04
CA ILE B 385 8.63 -51.73 -22.49
C ILE B 385 8.60 -52.96 -23.41
N ALA B 386 7.46 -53.29 -24.03
CA ALA B 386 7.36 -54.37 -25.02
C ALA B 386 8.30 -54.11 -26.21
N TRP B 387 8.26 -52.90 -26.75
CA TRP B 387 9.16 -52.42 -27.79
C TRP B 387 10.63 -52.54 -27.37
N ALA B 388 10.95 -52.18 -26.13
CA ALA B 388 12.28 -52.39 -25.61
C ALA B 388 12.69 -53.86 -25.56
N ARG B 389 11.79 -54.80 -25.24
CA ARG B 389 12.12 -56.23 -25.21
C ARG B 389 12.44 -56.74 -26.63
N ASN B 390 11.46 -56.60 -27.54
CA ASN B 390 11.50 -57.30 -28.82
C ASN B 390 12.45 -56.67 -29.85
N GLN B 391 12.68 -55.35 -29.79
CA GLN B 391 13.65 -54.65 -30.63
C GLN B 391 15.03 -54.56 -29.96
N LYS B 392 15.15 -55.00 -28.70
CA LYS B 392 16.35 -54.97 -27.86
C LYS B 392 16.91 -53.54 -27.62
N LYS B 393 16.07 -52.51 -27.65
CA LYS B 393 16.50 -51.16 -27.23
C LYS B 393 16.74 -51.17 -25.72
N PRO B 394 17.87 -50.63 -25.22
CA PRO B 394 18.13 -50.42 -23.80
C PRO B 394 17.02 -49.69 -23.05
N PHE B 395 16.59 -50.23 -21.92
CA PHE B 395 15.48 -49.79 -21.10
C PHE B 395 15.91 -49.60 -19.65
N LEU B 396 15.54 -48.44 -19.10
CA LEU B 396 15.42 -48.25 -17.66
C LEU B 396 13.97 -47.95 -17.31
N GLY B 397 13.37 -48.73 -16.41
CA GLY B 397 12.11 -48.38 -15.77
C GLY B 397 12.40 -47.87 -14.37
N VAL B 398 11.88 -46.71 -14.01
CA VAL B 398 12.06 -46.08 -12.70
C VAL B 398 10.74 -46.06 -11.95
N CYS B 399 10.71 -46.59 -10.74
CA CYS B 399 9.54 -46.79 -9.90
C CYS B 399 8.40 -47.56 -10.58
N LEU B 400 7.48 -46.87 -11.23
CA LEU B 400 6.39 -47.50 -11.96
C LEU B 400 6.89 -48.28 -13.15
N GLY B 401 7.88 -47.78 -13.90
CA GLY B 401 8.41 -48.49 -15.07
C GLY B 401 8.89 -49.91 -14.76
N MET B 402 9.39 -50.16 -13.54
CA MET B 402 9.77 -51.49 -13.06
C MET B 402 8.55 -52.41 -12.94
N GLN B 403 7.51 -51.91 -12.28
CA GLN B 403 6.28 -52.64 -12.05
C GLN B 403 5.63 -53.02 -13.37
N LEU B 404 5.62 -52.11 -14.33
CA LEU B 404 5.06 -52.34 -15.65
C LEU B 404 5.90 -53.29 -16.51
N ALA B 405 7.18 -53.46 -16.20
CA ALA B 405 8.06 -54.45 -16.82
C ALA B 405 7.76 -55.87 -16.37
N VAL B 406 7.38 -56.02 -15.09
CA VAL B 406 6.89 -57.29 -14.55
C VAL B 406 5.57 -57.70 -15.22
N VAL B 407 4.68 -56.73 -15.39
CA VAL B 407 3.43 -56.84 -16.14
C VAL B 407 3.66 -57.23 -17.61
N GLU B 408 4.50 -56.50 -18.33
CA GLU B 408 4.81 -56.78 -19.74
C GLU B 408 5.47 -58.16 -19.94
N PHE B 409 6.41 -58.55 -19.08
CA PHE B 409 6.99 -59.90 -19.06
C PHE B 409 5.91 -60.97 -18.87
N SER B 410 5.07 -60.80 -17.83
CA SER B 410 4.01 -61.73 -17.46
C SER B 410 3.00 -62.00 -18.59
N ARG B 411 2.60 -60.92 -19.28
CA ARG B 411 1.67 -60.95 -20.40
C ARG B 411 2.21 -61.71 -21.61
N ASN B 412 3.51 -61.63 -21.90
CA ASN B 412 4.09 -62.14 -23.15
C ASN B 412 4.90 -63.42 -22.97
N VAL B 413 5.67 -63.53 -21.88
CA VAL B 413 6.61 -64.63 -21.64
C VAL B 413 5.95 -65.76 -20.85
N LEU B 414 5.11 -65.40 -19.85
CA LEU B 414 4.36 -66.38 -19.06
C LEU B 414 2.95 -66.62 -19.64
N GLY B 415 2.51 -65.76 -20.56
CA GLY B 415 1.23 -65.89 -21.26
C GLY B 415 0.05 -65.44 -20.37
N TRP B 416 0.32 -64.81 -19.23
CA TRP B 416 -0.66 -64.27 -18.29
C TRP B 416 -1.24 -62.95 -18.83
N GLN B 417 -1.88 -63.00 -20.00
CA GLN B 417 -2.30 -61.84 -20.80
C GLN B 417 -3.21 -60.84 -20.05
N ASP B 418 -3.90 -61.32 -19.01
CA ASP B 418 -4.70 -60.51 -18.09
C ASP B 418 -3.86 -59.58 -17.20
N ALA B 419 -2.60 -59.92 -16.91
CA ALA B 419 -1.81 -59.44 -15.77
C ALA B 419 -1.69 -57.92 -15.69
N ASN B 420 -1.70 -57.37 -14.48
CA ASN B 420 -1.66 -55.94 -14.23
C ASN B 420 -1.30 -55.68 -12.76
N SER B 421 -1.37 -54.43 -12.35
CA SER B 421 -1.37 -54.03 -10.95
C SER B 421 -2.76 -54.10 -10.32
N THR B 422 -2.79 -54.19 -9.00
CA THR B 422 -3.97 -53.96 -8.18
C THR B 422 -4.42 -52.47 -8.18
N GLU B 423 -3.60 -51.55 -8.67
CA GLU B 423 -4.02 -50.16 -8.85
C GLU B 423 -4.92 -50.01 -10.08
N PHE B 424 -4.50 -50.60 -11.20
CA PHE B 424 -5.06 -50.32 -12.53
C PHE B 424 -6.19 -51.28 -12.92
N ASP B 425 -6.07 -52.57 -12.57
CA ASP B 425 -7.12 -53.58 -12.77
C ASP B 425 -7.16 -54.56 -11.58
N PRO B 426 -7.74 -54.15 -10.45
CA PRO B 426 -7.87 -54.99 -9.23
C PRO B 426 -8.64 -56.32 -9.39
N THR B 427 -9.39 -56.48 -10.48
CA THR B 427 -10.16 -57.68 -10.82
C THR B 427 -9.30 -58.80 -11.47
N THR B 428 -8.04 -58.52 -11.80
CA THR B 428 -7.13 -59.41 -12.51
C THR B 428 -6.76 -60.69 -11.72
N SER B 429 -6.65 -61.83 -12.42
CA SER B 429 -6.34 -63.13 -11.82
C SER B 429 -4.82 -63.32 -11.58
N HIS B 430 -3.98 -62.52 -12.24
CA HIS B 430 -2.54 -62.43 -12.03
C HIS B 430 -2.16 -61.00 -11.59
N PRO B 431 -2.44 -60.63 -10.31
CA PRO B 431 -1.95 -59.36 -9.75
C PRO B 431 -0.44 -59.46 -9.45
N VAL B 432 0.39 -59.23 -10.47
CA VAL B 432 1.83 -59.47 -10.40
C VAL B 432 2.61 -58.39 -9.65
N VAL B 433 1.99 -57.22 -9.49
CA VAL B 433 2.41 -56.17 -8.59
C VAL B 433 1.16 -55.80 -7.78
N VAL B 434 1.34 -55.73 -6.47
CA VAL B 434 0.28 -55.61 -5.47
C VAL B 434 0.56 -54.41 -4.56
N ASP B 435 -0.50 -53.86 -3.97
CA ASP B 435 -0.46 -52.89 -2.87
C ASP B 435 0.24 -53.55 -1.66
N MET B 436 1.33 -52.94 -1.19
CA MET B 436 2.20 -53.48 -0.15
C MET B 436 2.77 -52.32 0.66
N PRO B 437 1.95 -51.63 1.47
CA PRO B 437 2.44 -50.54 2.33
C PRO B 437 3.44 -51.03 3.39
N GLU B 438 4.25 -50.09 3.92
CA GLU B 438 5.18 -50.36 5.00
C GLU B 438 4.43 -50.65 6.30
N HIS B 439 4.69 -51.85 6.85
CA HIS B 439 4.16 -52.37 8.11
C HIS B 439 4.81 -51.71 9.34
N THR B 447 1.98 -47.37 5.57
CA THR B 447 2.32 -46.13 4.87
C THR B 447 3.05 -46.43 3.55
N MET B 448 3.33 -45.38 2.77
CA MET B 448 4.11 -45.42 1.54
C MET B 448 5.57 -45.79 1.82
N ARG B 449 6.21 -46.56 0.94
CA ARG B 449 7.65 -46.77 0.94
C ARG B 449 8.30 -45.51 0.37
N LEU B 450 8.57 -44.59 1.29
CA LEU B 450 8.84 -43.19 1.03
C LEU B 450 10.11 -42.79 1.78
N GLY B 451 11.11 -42.35 1.03
CA GLY B 451 12.40 -41.94 1.58
C GLY B 451 13.47 -43.01 1.32
N LYS B 452 14.63 -42.81 1.95
CA LYS B 452 15.83 -43.63 1.82
C LYS B 452 15.63 -45.01 2.46
N ARG B 453 15.65 -46.06 1.63
CA ARG B 453 15.72 -47.44 2.07
C ARG B 453 17.03 -48.03 1.52
N ARG B 454 17.52 -49.08 2.18
CA ARG B 454 18.68 -49.86 1.74
C ARG B 454 18.18 -51.04 0.89
N THR B 455 18.71 -51.15 -0.32
CA THR B 455 18.55 -52.30 -1.19
C THR B 455 19.84 -53.13 -1.11
N LEU B 456 19.70 -54.45 -1.00
CA LEU B 456 20.80 -55.40 -1.07
C LEU B 456 20.80 -55.99 -2.49
N PHE B 457 21.99 -56.10 -3.10
CA PHE B 457 22.17 -56.88 -4.30
C PHE B 457 22.31 -58.35 -3.93
N GLN B 458 21.35 -59.17 -4.37
CA GLN B 458 21.23 -60.57 -3.96
C GLN B 458 22.21 -61.52 -4.68
N THR B 459 23.14 -61.00 -5.47
CA THR B 459 23.96 -61.76 -6.40
C THR B 459 25.14 -60.92 -6.91
N LYS B 460 26.00 -61.55 -7.72
CA LYS B 460 26.95 -60.92 -8.62
C LYS B 460 26.47 -60.93 -10.08
N ASN B 461 25.45 -61.72 -10.45
CA ASN B 461 24.93 -61.76 -11.83
C ASN B 461 24.00 -60.57 -12.10
N SER B 462 24.60 -59.38 -12.12
CA SER B 462 23.93 -58.12 -12.31
C SER B 462 24.92 -57.14 -12.93
N VAL B 463 24.56 -56.53 -14.07
CA VAL B 463 25.29 -55.37 -14.60
C VAL B 463 25.09 -54.16 -13.68
N MET B 464 23.90 -54.05 -13.07
CA MET B 464 23.54 -52.98 -12.15
C MET B 464 24.43 -52.92 -10.92
N ARG B 465 24.75 -54.09 -10.32
CA ARG B 465 25.68 -54.15 -9.21
C ARG B 465 27.07 -53.60 -9.58
N LYS B 466 27.55 -53.94 -10.78
CA LYS B 466 28.86 -53.52 -11.29
C LYS B 466 28.90 -52.01 -11.61
N LEU B 467 27.78 -51.46 -12.11
CA LEU B 467 27.58 -50.02 -12.28
C LEU B 467 27.59 -49.28 -10.93
N TYR B 468 26.96 -49.86 -9.89
CA TYR B 468 27.08 -49.46 -8.48
C TYR B 468 28.41 -49.90 -7.82
N GLY B 469 29.51 -49.98 -8.60
CA GLY B 469 30.88 -50.16 -8.10
C GLY B 469 31.17 -51.57 -7.56
N ASP B 470 30.29 -52.53 -7.83
CA ASP B 470 30.29 -53.92 -7.32
C ASP B 470 29.93 -53.98 -5.82
N ALA B 471 29.28 -52.91 -5.31
CA ALA B 471 28.80 -52.82 -3.93
C ALA B 471 27.71 -53.87 -3.62
N ASP B 472 27.73 -54.38 -2.39
CA ASP B 472 26.77 -55.37 -1.88
C ASP B 472 25.39 -54.76 -1.64
N TYR B 473 25.35 -53.47 -1.32
CA TYR B 473 24.14 -52.71 -1.10
C TYR B 473 24.28 -51.32 -1.71
N LEU B 474 23.13 -50.65 -1.81
CA LEU B 474 22.98 -49.25 -2.13
C LEU B 474 21.85 -48.72 -1.26
N GLU B 475 21.76 -47.40 -1.11
CA GLU B 475 20.71 -46.74 -0.36
C GLU B 475 20.15 -45.65 -1.28
N GLU B 476 18.86 -45.76 -1.62
CA GLU B 476 18.20 -44.92 -2.60
C GLU B 476 16.81 -44.52 -2.11
N ARG B 477 16.32 -43.37 -2.61
CA ARG B 477 15.02 -42.83 -2.22
C ARG B 477 13.88 -43.42 -3.04
N HIS B 478 12.94 -44.01 -2.31
CA HIS B 478 11.75 -44.66 -2.81
C HIS B 478 10.55 -43.71 -2.65
N ARG B 479 9.44 -43.94 -3.36
CA ARG B 479 8.19 -43.18 -3.23
C ARG B 479 7.03 -43.98 -3.83
N HIS B 480 6.68 -45.12 -3.26
CA HIS B 480 5.65 -46.01 -3.82
C HIS B 480 4.90 -46.80 -2.74
N ARG B 481 3.66 -47.21 -2.99
CA ARG B 481 2.93 -48.14 -2.12
C ARG B 481 2.94 -49.58 -2.64
N PHE B 482 3.00 -49.75 -3.95
CA PHE B 482 2.92 -51.06 -4.61
C PHE B 482 4.30 -51.72 -4.72
N GLU B 483 4.35 -53.03 -4.69
CA GLU B 483 5.54 -53.86 -4.89
C GLU B 483 5.19 -55.12 -5.67
N VAL B 484 6.22 -55.75 -6.23
CA VAL B 484 6.14 -57.02 -6.95
C VAL B 484 5.62 -58.15 -6.02
N ASN B 485 4.68 -58.95 -6.54
CA ASN B 485 4.04 -60.04 -5.80
C ASN B 485 5.02 -61.20 -5.57
N PRO B 486 5.31 -61.54 -4.29
CA PRO B 486 6.25 -62.63 -3.96
C PRO B 486 5.76 -64.05 -4.29
N VAL B 487 4.45 -64.24 -4.55
CA VAL B 487 3.91 -65.53 -5.00
C VAL B 487 4.32 -65.77 -6.46
N TRP B 488 3.94 -64.83 -7.34
CA TRP B 488 4.20 -64.90 -8.77
C TRP B 488 5.70 -64.81 -9.14
N LYS B 489 6.51 -64.20 -8.26
CA LYS B 489 7.98 -64.09 -8.33
C LYS B 489 8.67 -65.41 -8.71
N LYS B 490 8.16 -66.52 -8.16
CA LYS B 490 8.66 -67.88 -8.40
C LYS B 490 8.57 -68.32 -9.88
N CYS B 491 7.63 -67.76 -10.63
CA CYS B 491 7.48 -68.02 -12.07
C CYS B 491 8.25 -66.98 -12.90
N LEU B 492 8.39 -65.76 -12.38
CA LEU B 492 9.04 -64.64 -13.06
C LEU B 492 10.58 -64.83 -13.14
N LEU B 497 13.30 -63.03 -15.50
CA LEU B 497 13.12 -61.70 -14.91
C LEU B 497 13.76 -61.73 -13.51
N LYS B 498 15.08 -61.48 -13.47
CA LYS B 498 15.91 -61.68 -12.30
C LYS B 498 15.83 -60.44 -11.38
N PHE B 499 15.19 -60.58 -10.22
CA PHE B 499 15.08 -59.54 -9.20
C PHE B 499 16.38 -59.38 -8.41
N VAL B 500 17.40 -58.83 -9.08
CA VAL B 500 18.77 -58.65 -8.60
C VAL B 500 18.93 -57.77 -7.34
N GLY B 501 18.03 -56.81 -7.12
CA GLY B 501 18.06 -55.92 -5.96
C GLY B 501 16.78 -56.19 -5.17
N GLN B 502 16.93 -56.43 -3.87
CA GLN B 502 15.85 -56.74 -2.93
C GLN B 502 16.11 -55.96 -1.64
N ASP B 503 15.07 -55.72 -0.83
CA ASP B 503 15.23 -55.06 0.47
C ASP B 503 15.93 -55.99 1.47
N VAL B 504 16.33 -55.40 2.61
CA VAL B 504 16.94 -56.09 3.74
C VAL B 504 16.07 -57.23 4.34
N GLU B 505 14.73 -57.14 4.19
CA GLU B 505 13.81 -58.17 4.63
C GLU B 505 13.65 -59.33 3.63
N GLY B 506 14.02 -59.12 2.36
CA GLY B 506 13.75 -60.03 1.23
C GLY B 506 12.27 -60.04 0.83
N GLU B 507 11.43 -59.20 1.45
CA GLU B 507 10.00 -59.05 1.22
C GLU B 507 9.69 -58.33 -0.11
N ARG B 508 10.56 -57.39 -0.48
CA ARG B 508 10.30 -56.37 -1.49
C ARG B 508 11.40 -56.43 -2.54
N MET B 509 11.00 -56.53 -3.81
CA MET B 509 11.91 -56.52 -4.96
C MET B 509 12.11 -55.06 -5.38
N GLU B 510 13.36 -54.61 -5.46
CA GLU B 510 13.70 -53.20 -5.61
C GLU B 510 14.52 -52.87 -6.86
N ILE B 511 15.18 -53.87 -7.46
CA ILE B 511 15.78 -53.77 -8.79
C ILE B 511 15.52 -55.11 -9.49
N VAL B 512 15.17 -55.04 -10.77
CA VAL B 512 15.00 -56.19 -11.63
C VAL B 512 15.83 -55.99 -12.91
N GLU B 513 16.34 -57.09 -13.47
CA GLU B 513 17.18 -57.12 -14.64
C GLU B 513 16.75 -58.34 -15.46
N LEU B 514 16.44 -58.15 -16.74
CA LEU B 514 16.03 -59.24 -17.64
C LEU B 514 17.25 -59.79 -18.37
N GLU B 515 17.37 -61.13 -18.41
CA GLU B 515 18.45 -61.83 -19.12
C GLU B 515 18.33 -61.69 -20.66
N ASP B 516 19.47 -61.87 -21.33
CA ASP B 516 19.61 -61.95 -22.80
C ASP B 516 19.30 -60.62 -23.53
N HIS B 517 19.27 -59.50 -22.79
CA HIS B 517 19.04 -58.16 -23.28
C HIS B 517 20.28 -57.30 -22.95
N PRO B 518 20.73 -56.42 -23.89
CA PRO B 518 21.80 -55.42 -23.63
C PRO B 518 21.71 -54.62 -22.32
N PHE B 519 20.50 -54.14 -21.96
CA PHE B 519 20.26 -53.38 -20.75
C PHE B 519 18.74 -53.23 -20.63
N PHE B 520 18.10 -54.09 -19.83
CA PHE B 520 16.68 -54.00 -19.54
C PHE B 520 16.61 -54.10 -18.02
N VAL B 521 16.53 -52.93 -17.38
CA VAL B 521 16.59 -52.78 -15.94
C VAL B 521 15.31 -52.06 -15.48
N GLY B 522 14.72 -52.56 -14.41
CA GLY B 522 13.74 -51.82 -13.64
C GLY B 522 14.40 -51.51 -12.31
N VAL B 523 14.23 -50.29 -11.81
CA VAL B 523 14.55 -49.87 -10.46
C VAL B 523 13.23 -49.36 -9.83
N GLN B 524 12.94 -49.82 -8.61
CA GLN B 524 11.68 -49.51 -7.92
C GLN B 524 11.75 -48.13 -7.24
N TYR B 525 12.97 -47.70 -6.93
CA TYR B 525 13.29 -46.39 -6.37
C TYR B 525 13.39 -45.31 -7.46
N HIS B 526 13.83 -44.11 -7.06
CA HIS B 526 14.08 -42.95 -7.91
C HIS B 526 15.57 -42.64 -7.93
N PRO B 527 16.38 -43.19 -8.84
CA PRO B 527 17.82 -42.90 -8.89
C PRO B 527 18.18 -41.42 -9.09
N GLU B 528 17.33 -40.70 -9.83
CA GLU B 528 17.50 -39.32 -10.25
C GLU B 528 17.72 -38.35 -9.09
N PHE B 529 17.11 -38.64 -7.94
CA PHE B 529 17.22 -37.83 -6.72
C PHE B 529 18.64 -37.80 -6.11
N LEU B 530 19.48 -38.77 -6.49
CA LEU B 530 20.87 -38.86 -6.06
C LEU B 530 21.86 -38.74 -7.24
N SER B 531 21.39 -38.23 -8.39
CA SER B 531 22.28 -37.90 -9.51
C SER B 531 22.88 -36.51 -9.28
N ARG B 532 24.19 -36.39 -9.51
CA ARG B 532 24.96 -35.15 -9.47
C ARG B 532 25.75 -35.06 -10.79
N PRO B 533 26.16 -33.87 -11.26
CA PRO B 533 27.06 -33.76 -12.43
C PRO B 533 28.37 -34.55 -12.31
N ILE B 534 28.97 -34.48 -11.11
CA ILE B 534 30.17 -35.20 -10.72
C ILE B 534 29.98 -36.72 -10.49
N LYS B 535 28.73 -37.21 -10.48
CA LYS B 535 28.38 -38.60 -10.22
C LYS B 535 26.95 -38.85 -10.72
N PRO B 536 26.74 -39.19 -12.02
CA PRO B 536 25.42 -39.62 -12.48
C PRO B 536 24.97 -40.92 -11.79
N SER B 537 23.67 -41.10 -11.58
CA SER B 537 23.19 -42.36 -11.00
C SER B 537 23.45 -43.53 -11.98
N PRO B 538 24.10 -44.61 -11.50
CA PRO B 538 24.48 -45.73 -12.35
C PRO B 538 23.40 -46.41 -13.25
N PRO B 539 22.10 -46.45 -12.89
CA PRO B 539 21.09 -46.93 -13.85
C PRO B 539 20.85 -46.00 -15.05
N TYR B 540 20.90 -44.68 -14.82
CA TYR B 540 20.79 -43.65 -15.87
C TYR B 540 22.06 -43.60 -16.71
N PHE B 541 23.22 -43.84 -16.07
CA PHE B 541 24.51 -43.90 -16.74
C PHE B 541 24.63 -45.17 -17.59
N GLY B 542 24.25 -46.32 -17.02
CA GLY B 542 24.22 -47.63 -17.68
C GLY B 542 23.28 -47.61 -18.89
N LEU B 543 22.10 -46.98 -18.78
CA LEU B 543 21.17 -46.78 -19.89
C LEU B 543 21.79 -45.95 -21.02
N LEU B 544 22.40 -44.82 -20.71
CA LEU B 544 23.08 -43.94 -21.67
C LEU B 544 24.27 -44.63 -22.34
N LEU B 545 25.07 -45.35 -21.55
CA LEU B 545 26.18 -46.19 -22.00
C LEU B 545 25.69 -47.31 -22.94
N ALA B 546 24.55 -47.93 -22.61
CA ALA B 546 23.96 -49.02 -23.39
C ALA B 546 23.43 -48.53 -24.73
N SER B 547 22.70 -47.44 -24.73
CA SER B 547 22.09 -46.87 -25.92
C SER B 547 23.15 -46.43 -26.95
N VAL B 548 24.37 -46.06 -26.53
CA VAL B 548 25.50 -45.79 -27.43
C VAL B 548 26.50 -46.96 -27.57
N GLY B 549 26.20 -48.11 -26.97
CA GLY B 549 26.98 -49.37 -27.03
C GLY B 549 28.19 -49.39 -26.09
N ARG B 550 28.66 -48.23 -25.63
CA ARG B 550 29.83 -47.96 -24.79
C ARG B 550 29.85 -48.72 -23.43
N LEU B 551 28.70 -49.24 -22.99
CA LEU B 551 28.56 -50.12 -21.81
C LEU B 551 29.46 -51.35 -21.88
N SER B 552 29.62 -51.90 -23.09
CA SER B 552 30.49 -53.03 -23.40
C SER B 552 31.98 -52.75 -23.14
N HIS B 553 32.39 -51.48 -23.23
CA HIS B 553 33.73 -51.03 -22.89
C HIS B 553 33.82 -50.66 -21.40
N TYR B 554 32.72 -50.14 -20.83
CA TYR B 554 32.64 -49.73 -19.44
C TYR B 554 32.76 -50.93 -18.48
N LEU B 555 31.92 -51.96 -18.67
CA LEU B 555 31.95 -53.20 -17.88
C LEU B 555 33.23 -54.02 -18.10
N GLN B 556 33.89 -53.82 -19.24
CA GLN B 556 35.18 -54.40 -19.60
C GLN B 556 36.36 -53.75 -18.85
N MET C 1 25.65 18.97 7.22
CA MET C 1 24.94 19.59 8.34
C MET C 1 24.70 18.58 9.49
N LYS C 2 23.67 18.84 10.30
CA LYS C 2 22.99 17.85 11.13
C LYS C 2 21.51 18.16 10.94
N TYR C 3 20.70 17.14 10.69
CA TYR C 3 19.28 17.27 10.40
C TYR C 3 18.47 16.41 11.35
N ILE C 4 17.35 16.96 11.83
CA ILE C 4 16.33 16.23 12.54
C ILE C 4 15.03 16.48 11.77
N LEU C 5 14.48 15.45 11.13
CA LEU C 5 13.13 15.51 10.56
C LEU C 5 12.12 15.18 11.67
N VAL C 6 10.97 15.86 11.67
CA VAL C 6 9.88 15.64 12.59
C VAL C 6 8.61 15.41 11.76
N THR C 7 8.12 14.16 11.72
CA THR C 7 6.96 13.74 10.94
C THR C 7 5.73 13.52 11.85
N GLY C 8 4.53 13.80 11.31
CA GLY C 8 3.27 13.64 12.03
C GLY C 8 2.63 12.30 11.67
N GLY C 9 1.98 11.68 12.65
CA GLY C 9 1.57 10.30 12.55
C GLY C 9 0.07 10.11 12.26
N VAL C 10 -0.78 10.52 13.20
CA VAL C 10 -2.17 10.05 13.28
C VAL C 10 -3.17 11.16 12.90
N ILE C 11 -2.89 12.38 13.37
CA ILE C 11 -3.65 13.59 13.18
C ILE C 11 -2.66 14.77 13.24
N SER C 12 -3.13 15.93 12.78
CA SER C 12 -2.53 17.23 13.06
C SER C 12 -3.00 17.74 14.45
N GLY C 13 -2.49 18.90 14.87
CA GLY C 13 -2.96 19.61 16.07
C GLY C 13 -2.30 19.10 17.35
N ILE C 14 -1.77 17.87 17.36
CA ILE C 14 -1.09 17.18 18.47
C ILE C 14 0.23 17.78 18.98
N GLY C 15 0.56 19.01 18.55
CA GLY C 15 1.65 19.78 19.13
C GLY C 15 3.01 19.42 18.52
N LYS C 16 3.04 18.80 17.34
CA LYS C 16 4.26 18.49 16.58
C LYS C 16 5.19 19.71 16.38
N GLY C 17 4.61 20.88 16.15
CA GLY C 17 5.34 22.13 16.00
C GLY C 17 5.93 22.59 17.34
N ILE C 18 5.31 22.25 18.46
CA ILE C 18 5.83 22.52 19.79
C ILE C 18 7.00 21.57 20.09
N ILE C 19 6.89 20.30 19.67
CA ILE C 19 7.97 19.32 19.77
C ILE C 19 9.22 19.74 18.96
N ALA C 20 9.02 20.13 17.71
CA ALA C 20 10.09 20.66 16.85
C ALA C 20 10.78 21.89 17.45
N SER C 21 9.97 22.83 17.97
CA SER C 21 10.44 24.02 18.66
C SER C 21 11.18 23.71 19.97
N SER C 22 10.66 22.76 20.75
CA SER C 22 11.24 22.29 22.00
C SER C 22 12.59 21.57 21.77
N VAL C 23 12.66 20.72 20.75
CA VAL C 23 13.89 20.07 20.31
C VAL C 23 14.94 21.11 19.84
N GLY C 24 14.50 22.16 19.13
CA GLY C 24 15.35 23.27 18.72
C GLY C 24 15.90 24.07 19.93
N THR C 25 15.09 24.32 20.97
CA THR C 25 15.54 25.06 22.15
C THR C 25 16.48 24.20 23.04
N ILE C 26 16.24 22.88 23.07
CA ILE C 26 17.12 21.88 23.67
C ILE C 26 18.51 21.84 23.00
N LEU C 27 18.54 21.79 21.66
CA LEU C 27 19.77 21.87 20.87
C LEU C 27 20.50 23.21 21.08
N LYS C 28 19.75 24.32 21.11
CA LYS C 28 20.29 25.64 21.37
C LYS C 28 20.88 25.79 22.78
N SER C 29 20.24 25.16 23.77
CA SER C 29 20.75 25.04 25.13
C SER C 29 22.03 24.17 25.25
N CYS C 30 22.29 23.31 24.26
CA CYS C 30 23.55 22.57 24.12
C CYS C 30 24.66 23.42 23.47
N GLY C 31 24.40 24.70 23.19
CA GLY C 31 25.37 25.65 22.66
C GLY C 31 25.41 25.64 21.13
N LEU C 32 24.46 24.97 20.47
CA LEU C 32 24.40 24.89 19.02
C LEU C 32 23.65 26.10 18.44
N HIS C 33 24.12 26.62 17.30
CA HIS C 33 23.34 27.47 16.40
C HIS C 33 22.35 26.55 15.68
N VAL C 34 21.07 26.94 15.63
CA VAL C 34 20.00 26.10 15.13
C VAL C 34 19.09 26.92 14.21
N THR C 35 18.74 26.33 13.07
CA THR C 35 17.75 26.82 12.14
C THR C 35 16.60 25.80 12.09
N SER C 36 15.49 26.16 11.43
CA SER C 36 14.33 25.30 11.32
C SER C 36 13.60 25.57 10.00
N ILE C 37 12.94 24.54 9.48
CA ILE C 37 12.19 24.56 8.24
C ILE C 37 10.84 23.89 8.51
N LYS C 38 9.75 24.49 8.03
CA LYS C 38 8.44 23.89 8.00
C LYS C 38 8.16 23.52 6.55
N ILE C 39 7.79 22.27 6.31
CA ILE C 39 7.22 21.83 5.05
C ILE C 39 5.71 21.72 5.28
N ASP C 40 4.93 22.43 4.47
CA ASP C 40 3.47 22.37 4.43
C ASP C 40 3.05 21.75 3.10
N PRO C 41 2.60 20.47 3.10
CA PRO C 41 2.05 19.82 1.90
C PRO C 41 0.74 20.40 1.32
N TYR C 42 0.67 21.71 1.11
CA TYR C 42 -0.36 22.39 0.35
C TYR C 42 0.25 22.98 -0.91
N ILE C 43 -0.62 23.31 -1.87
CA ILE C 43 -0.27 23.76 -3.23
C ILE C 43 -0.07 25.30 -3.26
N ASN C 44 -0.34 25.96 -2.14
CA ASN C 44 -0.25 27.41 -1.98
C ASN C 44 1.21 27.85 -1.91
N ILE C 45 1.54 28.91 -2.64
CA ILE C 45 2.80 29.62 -2.52
C ILE C 45 2.61 30.64 -1.39
N ASP C 46 3.05 30.25 -0.20
CA ASP C 46 2.92 30.98 1.07
C ASP C 46 1.48 30.94 1.60
N ALA C 47 1.29 31.36 2.87
CA ALA C 47 0.01 31.33 3.58
C ALA C 47 -0.80 32.62 3.37
N GLY C 48 -0.23 33.57 2.63
CA GLY C 48 -0.70 34.94 2.36
C GLY C 48 -2.01 35.04 1.56
N THR C 49 -2.90 34.07 1.69
CA THR C 49 -4.17 33.98 1.00
C THR C 49 -5.23 33.26 1.87
N PHE C 50 -4.87 32.75 3.05
CA PHE C 50 -5.77 31.99 3.90
C PHE C 50 -6.70 32.90 4.70
N SER C 51 -8.01 32.63 4.60
CA SER C 51 -9.02 33.07 5.56
C SER C 51 -8.70 32.41 6.93
N PRO C 52 -8.34 33.16 7.99
CA PRO C 52 -7.68 32.62 9.19
C PRO C 52 -8.40 31.49 9.95
N TYR C 53 -9.61 31.10 9.58
CA TYR C 53 -10.27 29.91 10.09
C TYR C 53 -9.63 28.60 9.60
N GLU C 54 -8.85 28.65 8.51
CA GLU C 54 -8.05 27.57 7.97
C GLU C 54 -6.59 27.99 8.10
N HIS C 55 -5.79 27.17 8.79
CA HIS C 55 -4.35 27.36 9.06
C HIS C 55 -4.08 28.76 9.66
N GLY C 56 -4.79 29.01 10.76
CA GLY C 56 -5.01 30.34 11.33
C GLY C 56 -3.71 30.99 11.84
N GLU C 57 -3.72 32.33 11.81
CA GLU C 57 -2.63 33.23 12.18
C GLU C 57 -1.46 33.07 11.19
N VAL C 58 -1.53 33.84 10.09
CA VAL C 58 -0.40 33.94 9.18
C VAL C 58 0.64 34.86 9.84
N PHE C 59 1.80 34.28 10.10
CA PHE C 59 2.90 34.90 10.80
C PHE C 59 3.75 35.60 9.74
N VAL C 60 4.04 36.88 9.94
CA VAL C 60 4.78 37.65 8.95
C VAL C 60 6.23 37.83 9.39
N LEU C 61 7.12 37.26 8.58
CA LEU C 61 8.56 37.35 8.68
C LEU C 61 9.08 38.71 8.21
N ASP C 62 10.35 39.01 8.53
CA ASP C 62 11.04 40.24 8.18
C ASP C 62 11.03 40.58 6.68
N ASP C 63 11.18 39.55 5.83
CA ASP C 63 11.18 39.66 4.37
C ASP C 63 9.76 39.80 3.77
N GLY C 64 8.72 39.75 4.61
CA GLY C 64 7.33 39.85 4.16
C GLY C 64 6.74 38.46 3.91
N GLY C 65 7.40 37.38 4.36
CA GLY C 65 6.89 36.02 4.25
C GLY C 65 5.70 35.83 5.19
N GLU C 66 4.50 35.76 4.62
CA GLU C 66 3.25 35.37 5.27
C GLU C 66 3.22 33.84 5.35
N VAL C 67 3.68 33.28 6.47
CA VAL C 67 3.89 31.86 6.67
C VAL C 67 3.02 31.32 7.83
N ASP C 68 3.01 30.00 7.99
CA ASP C 68 2.29 29.30 9.06
C ASP C 68 2.78 29.70 10.47
N LEU C 69 1.89 29.63 11.46
CA LEU C 69 2.17 29.96 12.86
C LEU C 69 3.33 29.18 13.51
N ASP C 70 3.65 27.96 13.02
CA ASP C 70 4.78 27.15 13.47
C ASP C 70 6.14 27.81 13.24
N LEU C 71 6.29 28.61 12.17
CA LEU C 71 7.48 29.43 11.95
C LEU C 71 7.64 30.49 13.05
N GLY C 72 6.51 30.96 13.60
CA GLY C 72 6.46 31.88 14.72
C GLY C 72 6.78 31.18 16.03
N ASN C 73 6.39 29.90 16.20
CA ASN C 73 6.80 29.08 17.34
C ASN C 73 8.32 28.87 17.35
N TYR C 74 8.92 28.61 16.18
CA TYR C 74 10.38 28.53 16.04
C TYR C 74 11.07 29.83 16.50
N GLU C 75 10.60 31.00 16.03
CA GLU C 75 11.11 32.30 16.46
C GLU C 75 10.93 32.64 17.96
N ARG C 76 10.07 31.91 18.69
CA ARG C 76 9.80 32.17 20.09
C ARG C 76 10.49 31.17 21.03
N PHE C 77 10.68 29.92 20.59
CA PHE C 77 11.48 28.94 21.31
C PHE C 77 12.99 29.10 21.05
N LEU C 78 13.36 29.58 19.86
CA LEU C 78 14.73 29.79 19.43
C LEU C 78 14.86 31.28 19.05
N ASP C 79 15.97 31.90 19.43
CA ASP C 79 16.31 33.28 19.05
C ASP C 79 16.80 33.33 17.60
N ILE C 80 15.85 33.23 16.67
CA ILE C 80 16.07 33.21 15.22
C ILE C 80 15.12 34.17 14.51
N ARG C 81 15.47 34.52 13.27
CA ARG C 81 14.72 35.35 12.35
C ARG C 81 14.77 34.65 10.99
N LEU C 82 13.62 34.10 10.56
CA LEU C 82 13.52 33.23 9.39
C LEU C 82 13.21 33.99 8.10
N THR C 83 13.40 33.30 6.97
CA THR C 83 13.08 33.79 5.63
C THR C 83 11.87 33.01 5.07
N LYS C 84 11.21 33.53 4.03
CA LYS C 84 10.02 32.94 3.38
C LYS C 84 10.17 31.43 3.10
N ASP C 85 11.33 31.08 2.57
CA ASP C 85 11.68 29.77 2.05
C ASP C 85 11.98 28.75 3.15
N ASN C 86 12.02 29.18 4.41
CA ASN C 86 11.93 28.28 5.57
C ASN C 86 10.51 27.68 5.70
N ASN C 87 9.51 28.26 5.03
CA ASN C 87 8.23 27.60 4.77
C ASN C 87 8.30 27.04 3.33
N LEU C 88 8.58 25.75 3.22
CA LEU C 88 8.55 25.00 1.96
C LEU C 88 7.13 24.47 1.74
N THR C 89 6.69 24.39 0.48
CA THR C 89 5.37 23.89 0.11
C THR C 89 5.48 23.11 -1.21
N THR C 90 4.46 22.31 -1.56
CA THR C 90 4.39 21.66 -2.87
C THR C 90 4.24 22.71 -4.00
N GLY C 91 3.52 23.80 -3.75
CA GLY C 91 3.33 24.89 -4.71
C GLY C 91 4.68 25.51 -5.08
N LYS C 92 5.50 25.80 -4.07
CA LYS C 92 6.83 26.39 -4.23
C LYS C 92 7.80 25.45 -4.95
N ILE C 93 7.82 24.18 -4.56
CA ILE C 93 8.79 23.22 -5.11
C ILE C 93 8.40 22.74 -6.52
N TYR C 94 7.10 22.53 -6.79
CA TYR C 94 6.62 22.18 -8.13
C TYR C 94 6.79 23.36 -9.10
N GLN C 95 6.46 24.59 -8.67
CA GLN C 95 6.66 25.79 -9.47
C GLN C 95 8.14 26.05 -9.81
N TYR C 96 9.04 25.81 -8.84
CA TYR C 96 10.48 25.81 -9.01
C TYR C 96 10.94 24.85 -10.13
N VAL C 97 10.55 23.58 -10.03
CA VAL C 97 10.85 22.55 -11.01
C VAL C 97 10.24 22.83 -12.40
N ILE C 98 8.99 23.32 -12.45
CA ILE C 98 8.32 23.69 -13.69
C ILE C 98 9.02 24.86 -14.40
N ASN C 99 9.38 25.91 -13.66
CA ASN C 99 10.11 27.06 -14.20
C ASN C 99 11.51 26.65 -14.70
N LYS C 100 12.18 25.78 -13.94
CA LYS C 100 13.48 25.19 -14.27
C LYS C 100 13.42 24.28 -15.52
N GLU C 101 12.30 23.57 -15.71
CA GLU C 101 11.99 22.80 -16.91
C GLU C 101 11.78 23.72 -18.14
N ARG C 102 10.93 24.75 -17.99
CA ARG C 102 10.65 25.74 -19.04
C ARG C 102 11.92 26.52 -19.48
N LYS C 103 12.84 26.76 -18.54
CA LYS C 103 14.18 27.28 -18.77
C LYS C 103 15.10 26.34 -19.58
N GLY C 104 14.78 25.04 -19.63
CA GLY C 104 15.59 24.02 -20.28
C GLY C 104 16.74 23.53 -19.39
N ASP C 105 16.76 23.90 -18.10
CA ASP C 105 17.83 23.58 -17.14
C ASP C 105 17.94 22.07 -16.82
N TYR C 106 16.85 21.32 -17.06
CA TYR C 106 16.82 19.86 -17.00
C TYR C 106 17.24 19.19 -18.33
N LEU C 107 17.83 19.96 -19.24
CA LEU C 107 18.64 19.51 -20.39
C LEU C 107 17.88 18.61 -21.39
N GLY C 108 16.60 18.91 -21.58
CA GLY C 108 15.72 18.22 -22.53
C GLY C 108 15.31 16.82 -22.07
N LYS C 109 15.62 16.42 -20.83
CA LYS C 109 15.19 15.15 -20.25
C LYS C 109 13.72 15.23 -19.78
N THR C 110 13.15 14.06 -19.46
CA THR C 110 11.92 13.96 -18.68
C THR C 110 12.14 14.57 -17.29
N VAL C 111 11.14 15.29 -16.76
CA VAL C 111 11.10 15.72 -15.38
C VAL C 111 9.85 15.08 -14.77
N GLN C 112 10.01 14.58 -13.56
CA GLN C 112 9.06 13.71 -12.89
C GLN C 112 9.37 13.76 -11.39
N VAL C 113 8.38 13.42 -10.56
CA VAL C 113 8.43 13.65 -9.12
C VAL C 113 9.65 12.99 -8.46
N VAL C 114 9.85 11.71 -8.75
CA VAL C 114 11.07 11.00 -8.44
C VAL C 114 11.81 10.81 -9.79
N PRO C 115 13.04 11.34 -9.95
CA PRO C 115 13.86 12.00 -8.92
C PRO C 115 13.58 13.50 -8.69
N HIS C 116 13.21 14.26 -9.73
CA HIS C 116 13.47 15.70 -9.86
C HIS C 116 12.86 16.62 -8.79
N ILE C 117 11.63 16.32 -8.35
CA ILE C 117 10.98 17.05 -7.25
C ILE C 117 11.64 16.68 -5.91
N THR C 118 11.91 15.39 -5.71
CA THR C 118 12.54 14.89 -4.51
C THR C 118 14.02 15.31 -4.38
N ASP C 119 14.71 15.56 -5.50
CA ASP C 119 15.99 16.27 -5.58
C ASP C 119 15.84 17.72 -5.11
N ALA C 120 14.89 18.45 -5.73
CA ALA C 120 14.59 19.85 -5.44
C ALA C 120 14.28 20.14 -3.96
N ILE C 121 13.57 19.23 -3.30
CA ILE C 121 13.34 19.24 -1.85
C ILE C 121 14.67 19.20 -1.06
N GLN C 122 15.57 18.29 -1.41
CA GLN C 122 16.88 18.14 -0.79
C GLN C 122 17.78 19.38 -1.03
N GLU C 123 17.77 19.92 -2.24
CA GLU C 123 18.42 21.19 -2.60
C GLU C 123 17.95 22.35 -1.72
N TRP C 124 16.64 22.42 -1.48
CA TRP C 124 15.97 23.44 -0.68
C TRP C 124 16.39 23.35 0.79
N VAL C 125 16.31 22.12 1.33
CA VAL C 125 16.70 21.79 2.70
C VAL C 125 18.21 21.99 2.97
N MET C 126 19.05 21.82 1.94
CA MET C 126 20.47 22.15 2.00
C MET C 126 20.71 23.67 2.01
N ARG C 127 20.05 24.42 1.13
CA ARG C 127 20.11 25.88 1.07
C ARG C 127 19.70 26.55 2.40
N GLN C 128 18.48 26.26 2.86
CA GLN C 128 17.89 26.91 4.02
C GLN C 128 18.53 26.52 5.37
N ALA C 129 19.27 25.39 5.39
CA ALA C 129 20.04 24.97 6.55
C ALA C 129 21.35 25.76 6.73
N LEU C 130 21.91 26.29 5.62
CA LEU C 130 23.16 27.04 5.63
C LEU C 130 22.97 28.50 6.06
N ILE C 131 21.74 29.04 5.93
CA ILE C 131 21.43 30.42 6.23
C ILE C 131 21.49 30.68 7.75
N PRO C 132 22.36 31.60 8.23
CA PRO C 132 22.42 31.99 9.64
C PRO C 132 21.21 32.83 10.07
N VAL C 133 20.08 32.15 10.31
CA VAL C 133 18.84 32.74 10.80
C VAL C 133 18.92 33.16 12.28
N ASP C 134 19.89 32.64 13.01
CA ASP C 134 20.22 32.98 14.40
C ASP C 134 20.60 34.46 14.55
N GLU C 135 20.51 34.96 15.79
CA GLU C 135 20.86 36.33 16.18
C GLU C 135 22.35 36.74 16.01
N ASP C 136 23.15 35.93 15.32
CA ASP C 136 24.52 36.20 14.93
C ASP C 136 24.75 35.43 13.62
N GLY C 137 25.66 35.93 12.78
CA GLY C 137 25.89 35.48 11.39
C GLY C 137 26.65 34.15 11.28
N LEU C 138 26.66 33.32 12.34
CA LEU C 138 27.34 32.04 12.38
C LEU C 138 26.39 30.95 11.85
N GLU C 139 26.95 30.04 11.05
CA GLU C 139 26.22 28.97 10.35
C GLU C 139 25.52 28.02 11.35
N PRO C 140 24.24 27.65 11.10
CA PRO C 140 23.55 26.62 11.90
C PRO C 140 24.29 25.27 11.95
N GLN C 141 24.47 24.77 13.17
CA GLN C 141 25.11 23.48 13.45
C GLN C 141 24.11 22.33 13.36
N VAL C 142 22.80 22.63 13.38
CA VAL C 142 21.73 21.66 13.21
C VAL C 142 20.47 22.36 12.65
N CYS C 143 19.66 21.61 11.90
CA CYS C 143 18.43 22.07 11.26
C CYS C 143 17.30 21.11 11.65
N VAL C 144 16.26 21.63 12.31
CA VAL C 144 15.06 20.85 12.63
C VAL C 144 14.02 21.10 11.51
N ILE C 145 13.69 20.05 10.77
CA ILE C 145 12.77 20.12 9.64
C ILE C 145 11.45 19.48 10.11
N GLU C 146 10.34 20.20 10.04
CA GLU C 146 9.03 19.66 10.36
C GLU C 146 8.25 19.40 9.08
N LEU C 147 7.77 18.17 8.91
CA LEU C 147 6.82 17.82 7.87
C LEU C 147 5.41 17.96 8.45
N GLY C 148 4.67 18.96 7.92
CA GLY C 148 3.30 19.27 8.26
C GLY C 148 2.37 18.16 7.79
N GLY C 149 1.32 17.92 8.58
CA GLY C 149 0.28 16.95 8.25
C GLY C 149 0.69 15.56 8.74
N THR C 150 0.00 14.56 8.21
CA THR C 150 0.22 13.15 8.52
C THR C 150 0.89 12.48 7.30
N VAL C 151 1.82 11.58 7.59
CA VAL C 151 2.50 10.78 6.60
C VAL C 151 1.54 9.77 5.91
N GLY C 152 1.76 9.54 4.61
CA GLY C 152 0.99 8.60 3.82
C GLY C 152 -0.26 9.25 3.21
N ASP C 153 -0.49 10.54 3.44
CA ASP C 153 -1.33 11.39 2.60
C ASP C 153 -0.56 11.70 1.32
N ILE C 154 -1.26 11.76 0.19
CA ILE C 154 -0.69 11.88 -1.16
C ILE C 154 0.31 13.05 -1.33
N GLU C 155 0.06 14.17 -0.64
CA GLU C 155 0.89 15.36 -0.67
C GLU C 155 2.20 15.21 0.14
N SER C 156 2.24 14.33 1.16
CA SER C 156 3.41 14.17 2.01
C SER C 156 4.42 13.14 1.47
N MET C 157 3.96 12.27 0.54
CA MET C 157 4.78 11.23 -0.09
C MET C 157 6.08 11.69 -0.80
N PRO C 158 6.08 12.79 -1.59
CA PRO C 158 7.31 13.33 -2.20
C PRO C 158 8.39 13.72 -1.18
N PHE C 159 7.97 14.31 -0.07
CA PHE C 159 8.87 14.77 0.99
C PHE C 159 9.48 13.59 1.75
N ILE C 160 8.68 12.59 2.12
CA ILE C 160 9.23 11.39 2.75
C ILE C 160 10.18 10.61 1.81
N GLU C 161 9.85 10.54 0.52
CA GLU C 161 10.73 9.99 -0.51
C GLU C 161 12.06 10.76 -0.64
N ALA C 162 12.00 12.10 -0.60
CA ALA C 162 13.18 12.96 -0.51
C ALA C 162 14.04 12.69 0.72
N PHE C 163 13.43 12.58 1.90
CA PHE C 163 14.14 12.26 3.13
C PHE C 163 14.69 10.83 3.19
N ARG C 164 14.00 9.90 2.51
CA ARG C 164 14.43 8.53 2.32
C ARG C 164 15.72 8.43 1.48
N GLN C 165 15.90 9.35 0.53
CA GLN C 165 17.14 9.53 -0.20
C GLN C 165 18.18 10.28 0.65
N PHE C 166 17.74 11.35 1.32
CA PHE C 166 18.58 12.29 2.04
C PHE C 166 19.45 11.62 3.13
N GLN C 167 18.86 10.66 3.87
CA GLN C 167 19.54 9.83 4.87
C GLN C 167 20.69 8.97 4.34
N PHE C 168 20.84 8.86 3.01
CA PHE C 168 21.91 8.16 2.33
C PHE C 168 22.79 9.13 1.50
N LYS C 169 22.34 10.38 1.32
CA LYS C 169 23.06 11.44 0.63
C LYS C 169 24.03 12.12 1.61
N VAL C 170 23.45 12.64 2.70
CA VAL C 170 24.20 12.90 3.93
C VAL C 170 24.24 11.56 4.71
N LYS C 171 25.21 11.40 5.62
CA LYS C 171 25.38 10.15 6.35
C LYS C 171 24.40 10.09 7.54
N ARG C 172 24.22 8.91 8.13
CA ARG C 172 23.22 8.72 9.20
C ARG C 172 23.49 9.58 10.44
N GLU C 173 24.76 9.87 10.74
CA GLU C 173 25.15 10.84 11.78
C GLU C 173 24.67 12.28 11.49
N ASN C 174 24.31 12.57 10.24
CA ASN C 174 23.82 13.88 9.82
C ASN C 174 22.29 13.91 9.71
N PHE C 175 21.58 12.79 9.89
CA PHE C 175 20.14 12.74 9.68
C PHE C 175 19.47 11.83 10.70
N CYS C 176 18.62 12.42 11.55
CA CYS C 176 17.76 11.77 12.52
C CYS C 176 16.29 12.06 12.15
N ASN C 177 15.37 11.19 12.55
CA ASN C 177 13.94 11.33 12.28
C ASN C 177 13.15 11.07 13.57
N ILE C 178 12.34 12.03 14.00
CA ILE C 178 11.36 11.89 15.06
C ILE C 178 9.98 11.66 14.41
N HIS C 179 9.20 10.71 14.94
CA HIS C 179 7.79 10.58 14.59
C HIS C 179 6.95 11.04 15.78
N VAL C 180 6.11 12.06 15.56
CA VAL C 180 5.15 12.55 16.54
C VAL C 180 3.78 11.92 16.23
N SER C 181 3.37 10.99 17.10
CA SER C 181 2.13 10.24 17.00
C SER C 181 1.15 10.67 18.10
N LEU C 182 -0.07 10.13 18.03
CA LEU C 182 -1.09 10.25 19.06
C LEU C 182 -1.31 8.86 19.62
N VAL C 183 -1.43 8.75 20.95
CA VAL C 183 -1.92 7.55 21.62
C VAL C 183 -3.27 7.95 22.26
N PRO C 184 -4.40 7.74 21.56
CA PRO C 184 -5.71 8.10 22.11
C PRO C 184 -6.12 7.23 23.32
N GLN C 185 -6.90 7.83 24.23
CA GLN C 185 -7.41 7.17 25.43
C GLN C 185 -8.93 7.40 25.48
N PRO C 186 -9.72 6.57 24.74
CA PRO C 186 -11.15 6.81 24.54
C PRO C 186 -12.00 6.72 25.82
N SER C 187 -13.06 7.54 25.89
CA SER C 187 -14.17 7.40 26.84
C SER C 187 -14.87 6.02 26.75
N SER C 188 -14.88 5.46 25.53
CA SER C 188 -15.41 4.15 25.19
C SER C 188 -14.55 2.98 25.73
N THR C 189 -13.32 3.23 26.22
CA THR C 189 -12.34 2.16 26.44
C THR C 189 -11.43 2.32 27.67
N GLY C 190 -11.01 3.55 28.00
CA GLY C 190 -10.16 3.88 29.15
C GLY C 190 -8.67 3.50 28.93
N GLU C 191 -8.38 2.46 28.14
CA GLU C 191 -7.06 2.06 27.67
C GLU C 191 -6.40 3.13 26.79
N GLN C 192 -5.08 3.22 26.86
CA GLN C 192 -4.23 3.99 25.96
C GLN C 192 -3.94 3.14 24.72
N LYS C 193 -4.59 3.49 23.60
CA LYS C 193 -4.63 2.68 22.40
C LYS C 193 -3.42 2.98 21.51
N THR C 194 -2.41 2.12 21.54
CA THR C 194 -1.20 2.25 20.75
C THR C 194 -1.37 1.93 19.24
N LYS C 195 -2.43 1.21 18.85
CA LYS C 195 -2.70 0.76 17.48
C LYS C 195 -2.45 1.78 16.33
N PRO C 196 -2.98 3.02 16.41
CA PRO C 196 -2.67 4.06 15.43
C PRO C 196 -1.17 4.42 15.30
N THR C 197 -0.42 4.46 16.40
CA THR C 197 1.02 4.63 16.40
C THR C 197 1.77 3.49 15.68
N GLN C 198 1.35 2.24 15.91
CA GLN C 198 1.91 1.05 15.27
C GLN C 198 1.72 1.12 13.75
N ASN C 199 0.48 1.40 13.33
CA ASN C 199 0.06 1.47 11.93
C ASN C 199 0.70 2.67 11.21
N SER C 200 0.83 3.80 11.91
CA SER C 200 1.50 5.00 11.42
C SER C 200 3.02 4.77 11.21
N VAL C 201 3.69 4.13 12.17
CA VAL C 201 5.10 3.79 12.04
C VAL C 201 5.35 2.66 11.02
N ARG C 202 4.40 1.71 10.91
CA ARG C 202 4.36 0.70 9.84
C ARG C 202 4.27 1.35 8.45
N GLU C 203 3.39 2.35 8.30
CA GLU C 203 3.23 3.15 7.09
C GLU C 203 4.49 3.97 6.76
N LEU C 204 5.07 4.65 7.77
CA LEU C 204 6.29 5.44 7.65
C LEU C 204 7.50 4.59 7.19
N ARG C 205 7.63 3.38 7.73
CA ARG C 205 8.65 2.41 7.33
C ARG C 205 8.40 1.85 5.92
N GLY C 206 7.14 1.77 5.49
CA GLY C 206 6.76 1.47 4.11
C GLY C 206 7.21 2.57 3.14
N LEU C 207 7.24 3.83 3.60
CA LEU C 207 7.80 4.98 2.89
C LEU C 207 9.33 5.10 3.07
N GLY C 208 9.93 4.20 3.87
CA GLY C 208 11.38 4.03 3.97
C GLY C 208 12.03 4.89 5.06
N LEU C 209 11.26 5.45 6.00
CA LEU C 209 11.77 6.17 7.15
C LEU C 209 11.51 5.34 8.41
N SER C 210 12.54 5.15 9.24
CA SER C 210 12.37 4.69 10.60
C SER C 210 12.18 5.93 11.49
N PRO C 211 11.30 5.86 12.50
CA PRO C 211 11.49 6.69 13.71
C PRO C 211 12.79 6.31 14.40
N ASP C 212 13.67 7.30 14.60
CA ASP C 212 14.78 7.22 15.55
C ASP C 212 14.26 7.54 16.96
N LEU C 213 13.31 8.46 17.06
CA LEU C 213 12.50 8.70 18.25
C LEU C 213 11.03 8.56 17.88
N VAL C 214 10.25 7.91 18.74
CA VAL C 214 8.79 7.90 18.66
C VAL C 214 8.29 8.78 19.82
N VAL C 215 7.73 9.93 19.50
CA VAL C 215 7.11 10.83 20.46
C VAL C 215 5.60 10.58 20.40
N CYS C 216 5.07 10.12 21.52
CA CYS C 216 3.65 9.87 21.72
C CYS C 216 3.06 11.14 22.31
N ARG C 217 2.12 11.80 21.62
CA ARG C 217 1.24 12.77 22.23
C ARG C 217 0.20 11.98 23.04
N CYS C 218 0.44 11.96 24.34
CA CYS C 218 -0.41 11.37 25.35
C CYS C 218 -1.33 12.47 25.88
N SER C 219 -2.46 12.11 26.49
CA SER C 219 -3.16 13.00 27.41
C SER C 219 -2.49 12.84 28.77
N ASN C 220 -2.90 11.78 29.50
CA ASN C 220 -2.27 11.29 30.71
C ASN C 220 -1.02 10.46 30.30
N PRO C 221 0.05 10.47 31.13
CA PRO C 221 1.29 9.69 30.87
C PRO C 221 1.08 8.22 30.47
N LEU C 222 1.92 7.70 29.57
CA LEU C 222 1.91 6.29 29.18
C LEU C 222 2.21 5.37 30.37
N ASP C 223 1.49 4.26 30.46
CA ASP C 223 1.92 3.10 31.25
C ASP C 223 3.16 2.46 30.59
N THR C 224 3.96 1.80 31.42
CA THR C 224 5.09 0.94 31.06
C THR C 224 4.72 -0.09 29.97
N SER C 225 3.60 -0.79 30.13
CA SER C 225 3.09 -1.79 29.20
C SER C 225 2.82 -1.23 27.78
N VAL C 226 2.28 -0.01 27.73
CA VAL C 226 1.95 0.72 26.53
C VAL C 226 3.23 1.21 25.83
N LYS C 227 4.20 1.71 26.60
CA LYS C 227 5.54 2.07 26.11
C LYS C 227 6.28 0.85 25.53
N GLU C 228 6.24 -0.28 26.25
CA GLU C 228 6.82 -1.54 25.80
C GLU C 228 6.16 -2.07 24.51
N LYS C 229 4.82 -2.04 24.45
CA LYS C 229 4.05 -2.39 23.25
C LYS C 229 4.40 -1.49 22.05
N ILE C 230 4.53 -0.18 22.27
CA ILE C 230 5.00 0.76 21.25
C ILE C 230 6.44 0.44 20.80
N SER C 231 7.36 0.20 21.74
CA SER C 231 8.75 -0.17 21.46
C SER C 231 8.86 -1.45 20.60
N MET C 232 8.04 -2.46 20.94
CA MET C 232 7.88 -3.72 20.23
C MET C 232 7.39 -3.51 18.79
N PHE C 233 6.17 -2.97 18.63
CA PHE C 233 5.51 -2.84 17.34
C PHE C 233 6.07 -1.75 16.42
N CYS C 234 6.79 -0.78 16.98
CA CYS C 234 7.56 0.23 16.23
C CYS C 234 9.01 -0.25 15.97
N HIS C 235 9.40 -1.37 16.60
CA HIS C 235 10.70 -2.05 16.53
C HIS C 235 11.86 -1.10 16.84
N VAL C 236 11.77 -0.46 18.01
CA VAL C 236 12.71 0.53 18.50
C VAL C 236 12.88 0.36 20.03
N GLU C 237 14.04 0.78 20.55
CA GLU C 237 14.40 0.76 21.97
C GLU C 237 13.44 1.62 22.84
N PRO C 238 12.92 1.10 23.97
CA PRO C 238 12.14 1.87 24.98
C PRO C 238 12.63 3.28 25.36
N GLU C 239 13.94 3.48 25.52
CA GLU C 239 14.60 4.79 25.74
C GLU C 239 14.28 5.83 24.64
N GLN C 240 14.00 5.36 23.43
CA GLN C 240 13.66 6.18 22.27
C GLN C 240 12.14 6.33 22.07
N VAL C 241 11.34 5.76 22.97
CA VAL C 241 9.89 5.97 23.00
C VAL C 241 9.64 7.03 24.09
N ILE C 242 9.15 8.19 23.66
CA ILE C 242 8.89 9.35 24.47
C ILE C 242 7.38 9.56 24.60
N CYS C 243 6.92 9.92 25.81
CA CYS C 243 5.59 10.44 26.03
C CYS C 243 5.73 11.95 26.26
N VAL C 244 5.02 12.74 25.46
CA VAL C 244 4.71 14.12 25.81
C VAL C 244 3.23 14.12 26.23
N HIS C 245 2.99 14.39 27.51
CA HIS C 245 1.68 14.39 28.13
C HIS C 245 1.27 15.82 28.44
N ASP C 246 0.00 15.99 28.84
CA ASP C 246 -0.55 17.25 29.33
C ASP C 246 0.23 17.77 30.54
N VAL C 247 0.64 19.04 30.49
CA VAL C 247 1.42 19.76 31.49
C VAL C 247 0.83 21.17 31.67
N SER C 248 1.13 21.80 32.81
CA SER C 248 0.52 23.05 33.27
C SER C 248 0.78 24.29 32.41
N SER C 249 1.88 24.28 31.65
CA SER C 249 2.30 25.38 30.81
C SER C 249 3.16 24.83 29.68
N ILE C 250 3.21 25.60 28.58
CA ILE C 250 4.07 25.41 27.42
C ILE C 250 5.56 25.27 27.80
N TYR C 251 5.95 25.97 28.87
CA TYR C 251 7.30 26.06 29.38
C TYR C 251 7.85 24.73 29.91
N ARG C 252 6.95 23.79 30.26
CA ARG C 252 7.32 22.45 30.70
C ARG C 252 7.56 21.46 29.55
N VAL C 253 7.18 21.78 28.30
CA VAL C 253 7.31 20.83 27.20
C VAL C 253 8.78 20.48 26.83
N PRO C 254 9.72 21.46 26.77
CA PRO C 254 11.16 21.14 26.69
C PRO C 254 11.71 20.35 27.88
N LEU C 255 11.20 20.66 29.09
CA LEU C 255 11.63 20.04 30.34
C LEU C 255 11.23 18.57 30.42
N LEU C 256 10.05 18.24 29.88
CA LEU C 256 9.57 16.87 29.77
C LEU C 256 10.39 16.06 28.75
N LEU C 257 10.72 16.68 27.61
CA LEU C 257 11.60 16.09 26.61
C LEU C 257 13.04 15.89 27.12
N GLU C 258 13.53 16.86 27.92
CA GLU C 258 14.79 16.79 28.66
C GLU C 258 14.82 15.60 29.64
N GLU C 259 13.79 15.49 30.48
CA GLU C 259 13.57 14.38 31.41
C GLU C 259 13.52 13.02 30.68
N GLN C 260 12.80 12.99 29.56
CA GLN C 260 12.73 11.86 28.63
C GLN C 260 14.02 11.51 27.88
N GLY C 261 15.09 12.29 28.03
CA GLY C 261 16.43 11.93 27.60
C GLY C 261 16.73 12.28 26.13
N VAL C 262 15.90 13.10 25.46
CA VAL C 262 16.09 13.39 24.03
C VAL C 262 17.41 14.15 23.76
N VAL C 263 17.84 14.99 24.71
CA VAL C 263 19.08 15.75 24.68
C VAL C 263 20.30 14.81 24.53
N ASP C 264 20.36 13.84 25.44
CA ASP C 264 21.36 12.78 25.55
C ASP C 264 21.35 11.90 24.30
N TYR C 265 20.15 11.58 23.81
CA TYR C 265 19.95 10.86 22.57
C TYR C 265 20.53 11.62 21.36
N PHE C 266 20.09 12.86 21.12
CA PHE C 266 20.57 13.66 20.00
C PHE C 266 22.08 13.93 20.04
N LEU C 267 22.64 14.17 21.23
CA LEU C 267 24.08 14.33 21.44
C LEU C 267 24.88 13.14 20.88
N ARG C 268 24.47 11.91 21.22
CA ARG C 268 25.13 10.70 20.71
C ARG C 268 24.72 10.37 19.27
N ARG C 269 23.42 10.48 18.96
CA ARG C 269 22.82 10.07 17.68
C ARG C 269 23.27 10.92 16.49
N LEU C 270 23.49 12.22 16.73
CA LEU C 270 23.96 13.17 15.72
C LEU C 270 25.45 13.50 15.90
N ASP C 271 26.11 12.91 16.90
CA ASP C 271 27.53 13.09 17.25
C ASP C 271 27.88 14.58 17.45
N LEU C 272 27.12 15.24 18.33
CA LEU C 272 27.20 16.69 18.53
C LEU C 272 28.30 17.03 19.54
N PRO C 273 29.01 18.18 19.34
CA PRO C 273 30.02 18.65 20.31
C PRO C 273 29.45 19.11 21.66
N LEU C 282 17.50 25.68 29.37
CA LEU C 282 16.30 25.11 29.98
C LEU C 282 16.07 25.44 31.47
N MET C 283 17.09 25.92 32.20
CA MET C 283 16.94 26.46 33.55
C MET C 283 16.03 27.70 33.61
N LYS C 284 16.00 28.50 32.53
CA LYS C 284 15.05 29.59 32.36
C LYS C 284 13.61 29.08 32.21
N TRP C 285 13.47 27.91 31.57
CA TRP C 285 12.19 27.25 31.30
C TRP C 285 11.62 26.60 32.58
N LYS C 286 12.49 26.17 33.50
CA LYS C 286 12.12 25.83 34.88
C LYS C 286 11.47 27.05 35.56
N GLU C 287 12.20 28.18 35.53
CA GLU C 287 11.79 29.44 36.14
C GLU C 287 10.46 29.94 35.56
N MET C 288 10.33 30.03 34.24
CA MET C 288 9.09 30.47 33.57
C MET C 288 7.87 29.60 33.91
N ALA C 289 8.05 28.29 33.98
CA ALA C 289 6.99 27.35 34.37
C ALA C 289 6.60 27.50 35.84
N ASP C 290 7.60 27.48 36.73
CA ASP C 290 7.43 27.62 38.18
C ASP C 290 6.88 28.99 38.56
N ARG C 291 7.27 30.05 37.82
CA ARG C 291 6.74 31.39 37.94
C ARG C 291 5.26 31.41 37.54
N TYR C 292 4.91 30.84 36.38
CA TYR C 292 3.54 30.76 35.89
C TYR C 292 2.59 30.08 36.90
N ASP C 293 3.05 28.94 37.43
CA ASP C 293 2.33 28.13 38.42
C ASP C 293 2.21 28.77 39.81
N ARG C 294 2.86 29.93 40.06
CA ARG C 294 2.75 30.66 41.32
C ARG C 294 2.20 32.09 41.14
N LEU C 295 1.65 32.43 39.96
CA LEU C 295 0.98 33.72 39.75
C LEU C 295 -0.40 33.70 40.41
N LEU C 296 -0.54 34.39 41.54
CA LEU C 296 -1.77 34.42 42.34
C LEU C 296 -2.73 35.52 41.89
N GLU C 297 -2.19 36.67 41.46
CA GLU C 297 -2.95 37.79 40.92
C GLU C 297 -3.24 37.56 39.43
N THR C 298 -4.23 38.28 38.92
CA THR C 298 -4.74 38.09 37.57
C THR C 298 -4.99 39.43 36.91
N CYS C 299 -4.99 39.43 35.60
CA CYS C 299 -5.36 40.54 34.74
C CYS C 299 -6.35 40.00 33.71
N SER C 300 -7.40 40.76 33.43
CA SER C 300 -8.40 40.37 32.47
C SER C 300 -8.34 41.30 31.27
N ILE C 301 -8.13 40.75 30.08
CA ILE C 301 -7.90 41.55 28.87
C ILE C 301 -8.95 41.21 27.81
N ALA C 302 -9.65 42.20 27.27
CA ALA C 302 -10.60 41.98 26.18
C ALA C 302 -9.86 41.82 24.87
N LEU C 303 -10.09 40.73 24.15
CA LEU C 303 -9.67 40.58 22.77
C LEU C 303 -10.92 40.65 21.89
N VAL C 304 -11.10 41.76 21.18
CA VAL C 304 -12.25 41.97 20.29
C VAL C 304 -11.88 41.61 18.85
N GLY C 305 -12.30 40.43 18.40
CA GLY C 305 -11.85 39.83 17.14
C GLY C 305 -12.91 39.74 16.06
N LYS C 306 -12.72 38.79 15.14
CA LYS C 306 -13.67 38.35 14.11
C LYS C 306 -13.48 36.83 13.97
N TYR C 307 -12.23 36.39 14.04
CA TYR C 307 -11.79 35.07 13.59
C TYR C 307 -11.82 34.03 14.72
N ASP C 312 -7.41 30.53 17.65
CA ASP C 312 -6.18 30.13 16.91
C ASP C 312 -5.68 31.17 15.91
N SER C 313 -6.60 31.95 15.32
CA SER C 313 -6.27 33.09 14.45
C SER C 313 -5.47 34.21 15.16
N TYR C 314 -5.52 34.26 16.47
CA TYR C 314 -4.83 35.25 17.29
C TYR C 314 -3.72 34.58 18.11
N ALA C 315 -3.17 33.46 17.64
CA ALA C 315 -2.14 32.68 18.32
C ALA C 315 -0.95 33.51 18.81
N SER C 316 -0.29 34.25 17.90
CA SER C 316 0.79 35.18 18.27
C SER C 316 0.36 36.26 19.26
N VAL C 317 -0.85 36.80 19.08
CA VAL C 317 -1.44 37.86 19.92
C VAL C 317 -1.65 37.36 21.34
N ILE C 318 -2.32 36.22 21.50
CA ILE C 318 -2.53 35.54 22.78
C ILE C 318 -1.22 35.23 23.50
N LYS C 319 -0.22 34.75 22.76
CA LYS C 319 1.12 34.47 23.28
C LYS C 319 1.84 35.74 23.77
N ALA C 320 1.74 36.84 23.00
CA ALA C 320 2.30 38.14 23.34
C ALA C 320 1.69 38.75 24.61
N LEU C 321 0.39 38.60 24.77
CA LEU C 321 -0.32 38.95 25.99
C LEU C 321 0.16 38.09 27.17
N GLU C 322 0.35 36.80 26.98
CA GLU C 322 0.79 35.86 28.02
C GLU C 322 2.26 36.05 28.44
N HIS C 323 3.13 36.46 27.51
CA HIS C 323 4.50 36.91 27.82
C HIS C 323 4.47 38.16 28.72
N SER C 324 3.62 39.11 28.35
CA SER C 324 3.41 40.37 29.06
C SER C 324 2.85 40.13 30.47
N ALA C 325 1.85 39.23 30.58
CA ALA C 325 1.26 38.76 31.83
C ALA C 325 2.28 38.12 32.78
N LEU C 326 3.09 37.19 32.24
CA LEU C 326 4.17 36.53 32.98
C LEU C 326 5.23 37.52 33.49
N ALA C 327 5.49 38.57 32.70
CA ALA C 327 6.44 39.64 33.00
C ALA C 327 5.94 40.60 34.09
N ILE C 328 4.66 40.99 34.06
CA ILE C 328 4.06 41.78 35.15
C ILE C 328 3.77 40.92 36.41
N ASN C 329 3.75 39.60 36.24
CA ASN C 329 3.55 38.53 37.23
C ASN C 329 2.08 38.35 37.62
N HIS C 330 1.19 38.45 36.62
CA HIS C 330 -0.23 38.15 36.76
C HIS C 330 -0.59 36.98 35.85
N LYS C 331 -1.60 36.19 36.24
CA LYS C 331 -2.38 35.40 35.29
C LYS C 331 -3.13 36.29 34.29
N LEU C 332 -3.53 35.72 33.16
CA LEU C 332 -4.27 36.41 32.13
C LEU C 332 -5.59 35.66 31.91
N GLU C 333 -6.68 36.43 31.83
CA GLU C 333 -8.01 35.95 31.54
C GLU C 333 -8.46 36.73 30.30
N ILE C 334 -8.20 36.17 29.11
CA ILE C 334 -8.53 36.79 27.81
C ILE C 334 -10.03 36.62 27.56
N LYS C 335 -10.75 37.73 27.60
CA LYS C 335 -12.17 37.79 27.27
C LYS C 335 -12.31 37.82 25.76
N TYR C 336 -12.39 36.64 25.13
CA TYR C 336 -12.67 36.49 23.70
C TYR C 336 -14.11 36.90 23.40
N ILE C 337 -14.19 37.97 22.60
CA ILE C 337 -15.36 38.68 22.16
C ILE C 337 -15.39 38.66 20.63
N ASP C 338 -16.45 38.15 20.03
CA ASP C 338 -16.75 38.38 18.62
C ASP C 338 -17.21 39.82 18.44
N SER C 339 -16.50 40.64 17.66
CA SER C 339 -16.87 42.04 17.46
C SER C 339 -18.24 42.22 16.76
N ALA C 340 -18.74 41.22 16.05
CA ALA C 340 -20.08 41.26 15.48
C ALA C 340 -21.20 41.08 16.52
N ASP C 341 -20.92 40.50 17.70
CA ASP C 341 -21.88 40.46 18.81
C ASP C 341 -22.08 41.84 19.46
N LEU C 342 -21.06 42.70 19.47
CA LEU C 342 -21.16 44.05 20.01
C LEU C 342 -21.96 45.01 19.12
N GLU C 343 -22.17 44.67 17.84
CA GLU C 343 -22.90 45.51 16.92
C GLU C 343 -24.42 45.48 17.21
N PRO C 344 -25.13 46.61 17.11
CA PRO C 344 -26.52 46.73 17.58
C PRO C 344 -27.50 45.81 16.84
N ILE C 345 -27.14 45.36 15.64
CA ILE C 345 -27.82 44.42 14.76
C ILE C 345 -28.03 43.06 15.47
N THR C 346 -27.00 42.57 16.17
CA THR C 346 -27.08 41.34 16.96
C THR C 346 -28.09 41.45 18.11
N SER C 347 -28.30 42.65 18.67
CA SER C 347 -29.30 42.86 19.73
C SER C 347 -30.75 42.65 19.25
N GLN C 348 -30.98 42.71 17.93
CA GLN C 348 -32.32 42.55 17.35
C GLN C 348 -32.67 41.06 17.21
N GLU C 349 -31.67 40.23 16.86
CA GLU C 349 -31.84 38.80 16.62
C GLU C 349 -31.55 37.98 17.89
N GLU C 350 -30.44 38.28 18.56
CA GLU C 350 -29.86 37.51 19.65
C GLU C 350 -29.35 38.48 20.74
N PRO C 351 -30.26 39.14 21.48
CA PRO C 351 -29.87 40.02 22.60
C PRO C 351 -29.00 39.35 23.68
N VAL C 352 -29.13 38.03 23.85
CA VAL C 352 -28.25 37.21 24.66
C VAL C 352 -26.75 37.28 24.24
N ARG C 353 -26.45 37.26 22.93
CA ARG C 353 -25.09 37.39 22.42
C ARG C 353 -24.55 38.80 22.68
N TYR C 354 -25.39 39.80 22.40
CA TYR C 354 -25.07 41.22 22.61
C TYR C 354 -24.70 41.52 24.07
N HIS C 355 -25.58 41.12 24.99
CA HIS C 355 -25.40 41.41 26.41
C HIS C 355 -24.28 40.59 27.05
N GLU C 356 -24.01 39.37 26.59
CA GLU C 356 -22.83 38.61 27.03
C GLU C 356 -21.52 39.23 26.52
N ALA C 357 -21.49 39.63 25.24
CA ALA C 357 -20.35 40.32 24.64
C ALA C 357 -20.04 41.67 25.32
N TRP C 358 -21.06 42.46 25.64
CA TRP C 358 -20.91 43.72 26.39
C TRP C 358 -20.66 43.53 27.90
N GLN C 359 -21.15 42.48 28.56
CA GLN C 359 -20.67 42.15 29.91
C GLN C 359 -19.18 41.80 29.92
N LYS C 360 -18.71 41.00 28.93
CA LYS C 360 -17.29 40.69 28.75
C LYS C 360 -16.46 41.95 28.57
N LEU C 361 -16.76 42.78 27.57
CA LEU C 361 -15.95 43.95 27.27
C LEU C 361 -15.91 44.93 28.45
N CYS C 362 -17.02 45.14 29.15
CA CYS C 362 -17.08 46.16 30.19
C CYS C 362 -16.38 45.76 31.48
N SER C 363 -16.32 44.47 31.78
CA SER C 363 -15.64 43.94 32.96
C SER C 363 -14.13 43.73 32.76
N ALA C 364 -13.59 43.89 31.55
CA ALA C 364 -12.15 43.80 31.28
C ALA C 364 -11.33 44.90 31.96
N HIS C 365 -10.06 44.64 32.26
CA HIS C 365 -9.10 45.60 32.80
C HIS C 365 -8.42 46.43 31.70
N GLY C 366 -8.42 45.96 30.47
CA GLY C 366 -7.96 46.66 29.28
C GLY C 366 -8.43 45.93 28.03
N VAL C 367 -8.21 46.52 26.86
CA VAL C 367 -8.71 46.03 25.58
C VAL C 367 -7.59 45.93 24.54
N LEU C 368 -7.69 44.92 23.69
CA LEU C 368 -6.83 44.70 22.54
C LEU C 368 -7.68 44.53 21.28
N VAL C 369 -7.33 45.28 20.24
CA VAL C 369 -8.08 45.36 18.98
C VAL C 369 -7.15 44.94 17.83
N PRO C 370 -7.05 43.65 17.52
CA PRO C 370 -6.02 43.14 16.64
C PRO C 370 -6.31 43.32 15.14
N GLY C 371 -5.35 42.98 14.29
CA GLY C 371 -5.42 43.21 12.85
C GLY C 371 -6.50 42.41 12.12
N GLY C 372 -6.79 42.81 10.88
CA GLY C 372 -7.64 42.06 9.96
C GLY C 372 -8.01 42.86 8.71
N PHE C 373 -8.94 42.32 7.92
CA PHE C 373 -9.45 42.88 6.66
C PHE C 373 -10.95 42.57 6.51
N GLY C 374 -11.66 43.35 5.71
CA GLY C 374 -13.09 43.17 5.45
C GLY C 374 -14.01 43.82 6.49
N VAL C 375 -15.30 43.95 6.17
CA VAL C 375 -16.23 44.80 6.93
C VAL C 375 -16.69 44.19 8.26
N ARG C 376 -16.70 42.85 8.40
CA ARG C 376 -17.16 42.18 9.63
C ARG C 376 -16.52 42.79 10.88
N GLY C 377 -17.32 43.05 11.90
CA GLY C 377 -16.85 43.52 13.20
C GLY C 377 -16.27 44.93 13.21
N THR C 378 -16.33 45.69 12.11
CA THR C 378 -15.69 47.01 12.01
C THR C 378 -16.38 48.05 12.89
N GLU C 379 -17.70 48.12 12.88
CA GLU C 379 -18.43 49.04 13.76
C GLU C 379 -18.35 48.57 15.22
N GLY C 380 -18.29 47.25 15.46
CA GLY C 380 -18.04 46.69 16.79
C GLY C 380 -16.67 47.04 17.36
N LYS C 381 -15.62 47.03 16.54
CA LYS C 381 -14.27 47.42 16.94
C LYS C 381 -14.22 48.92 17.20
N ILE C 382 -14.86 49.73 16.37
CA ILE C 382 -15.02 51.18 16.58
C ILE C 382 -15.75 51.46 17.90
N GLN C 383 -16.80 50.72 18.25
CA GLN C 383 -17.49 50.84 19.54
C GLN C 383 -16.67 50.32 20.73
N ALA C 384 -15.84 49.30 20.56
CA ALA C 384 -14.95 48.82 21.64
C ALA C 384 -13.82 49.81 21.92
N ILE C 385 -13.32 50.49 20.90
CA ILE C 385 -12.41 51.62 21.03
C ILE C 385 -13.14 52.83 21.65
N ALA C 386 -14.42 53.07 21.31
CA ALA C 386 -15.23 54.12 21.94
C ALA C 386 -15.35 53.90 23.45
N TRP C 387 -15.68 52.66 23.85
CA TRP C 387 -15.71 52.22 25.24
C TRP C 387 -14.37 52.44 25.94
N ALA C 388 -13.26 52.13 25.26
CA ALA C 388 -11.94 52.43 25.78
C ALA C 388 -11.71 53.93 26.00
N ARG C 389 -12.20 54.82 25.13
CA ARG C 389 -12.04 56.26 25.30
C ARG C 389 -12.80 56.76 26.53
N ASN C 390 -14.13 56.54 26.53
CA ASN C 390 -15.02 57.21 27.47
C ASN C 390 -15.00 56.61 28.89
N GLN C 391 -14.71 55.31 29.03
CA GLN C 391 -14.54 54.66 30.33
C GLN C 391 -13.07 54.67 30.79
N LYS C 392 -12.15 55.15 29.94
CA LYS C 392 -10.70 55.20 30.16
C LYS C 392 -10.05 53.82 30.40
N LYS C 393 -10.61 52.74 29.87
CA LYS C 393 -9.93 51.43 29.89
C LYS C 393 -8.71 51.49 28.96
N PRO C 394 -7.52 51.04 29.39
CA PRO C 394 -6.35 50.88 28.54
C PRO C 394 -6.59 50.10 27.25
N PHE C 395 -6.16 50.64 26.12
CA PHE C 395 -6.38 50.16 24.76
C PHE C 395 -5.06 50.02 24.02
N LEU C 396 -4.87 48.86 23.39
CA LEU C 396 -3.96 48.70 22.27
C LEU C 396 -4.75 48.32 21.02
N GLY C 397 -4.62 49.08 19.95
CA GLY C 397 -5.07 48.67 18.62
C GLY C 397 -3.87 48.21 17.82
N VAL C 398 -3.93 47.03 17.22
CA VAL C 398 -2.86 46.45 16.41
C VAL C 398 -3.30 46.37 14.96
N CYS C 399 -2.53 46.92 14.04
CA CYS C 399 -2.81 47.07 12.63
C CYS C 399 -4.14 47.74 12.32
N LEU C 400 -5.22 46.98 12.18
CA LEU C 400 -6.54 47.53 11.93
C LEU C 400 -7.05 48.31 13.14
N GLY C 401 -6.82 47.85 14.37
CA GLY C 401 -7.27 48.56 15.56
C GLY C 401 -6.80 50.02 15.64
N MET C 402 -5.63 50.33 15.09
CA MET C 402 -5.10 51.69 14.97
C MET C 402 -5.96 52.54 14.02
N GLN C 403 -6.24 51.99 12.84
CA GLN C 403 -7.01 52.64 11.81
C GLN C 403 -8.41 52.95 12.31
N LEU C 404 -9.02 52.02 13.03
CA LEU C 404 -10.35 52.18 13.60
C LEU C 404 -10.39 53.17 14.77
N ALA C 405 -9.26 53.42 15.42
CA ALA C 405 -9.11 54.44 16.45
C ALA C 405 -9.10 55.86 15.88
N VAL C 406 -8.51 56.02 14.69
CA VAL C 406 -8.57 57.26 13.92
C VAL C 406 -10.01 57.57 13.49
N VAL C 407 -10.72 56.55 13.04
CA VAL C 407 -12.15 56.56 12.72
C VAL C 407 -13.01 56.93 13.93
N GLU C 408 -12.85 56.24 15.06
CA GLU C 408 -13.61 56.50 16.29
C GLU C 408 -13.36 57.90 16.86
N PHE C 409 -12.11 58.38 16.86
CA PHE C 409 -11.75 59.76 17.21
C PHE C 409 -12.48 60.78 16.30
N SER C 410 -12.36 60.57 14.98
CA SER C 410 -12.94 61.44 13.96
C SER C 410 -14.46 61.62 14.08
N ARG C 411 -15.15 60.50 14.33
CA ARG C 411 -16.60 60.44 14.52
C ARG C 411 -17.08 61.21 15.75
N ASN C 412 -16.34 61.20 16.85
CA ASN C 412 -16.80 61.72 18.14
C ASN C 412 -16.17 63.05 18.54
N VAL C 413 -14.87 63.23 18.27
CA VAL C 413 -14.10 64.39 18.71
C VAL C 413 -14.11 65.50 17.65
N LEU C 414 -14.00 65.12 16.37
CA LEU C 414 -14.07 66.06 15.25
C LEU C 414 -15.50 66.20 14.70
N GLY C 415 -16.40 65.29 15.09
CA GLY C 415 -17.81 65.32 14.71
C GLY C 415 -18.04 64.83 13.27
N TRP C 416 -17.01 64.24 12.63
CA TRP C 416 -17.05 63.67 11.29
C TRP C 416 -17.75 62.30 11.32
N GLN C 417 -19.03 62.28 11.73
CA GLN C 417 -19.81 61.08 12.05
C GLN C 417 -19.89 60.04 10.92
N ASP C 418 -19.70 60.50 9.67
CA ASP C 418 -19.60 59.68 8.46
C ASP C 418 -18.33 58.81 8.42
N ALA C 419 -17.23 59.24 9.07
CA ALA C 419 -15.85 58.83 8.79
C ALA C 419 -15.62 57.33 8.86
N ASN C 420 -14.76 56.82 7.98
CA ASN C 420 -14.47 55.39 7.86
C ASN C 420 -13.18 55.20 7.05
N SER C 421 -12.87 53.94 6.73
CA SER C 421 -11.89 53.58 5.72
C SER C 421 -12.47 53.58 4.31
N THR C 422 -11.59 53.71 3.33
CA THR C 422 -11.87 53.41 1.93
C THR C 422 -12.10 51.90 1.65
N GLU C 423 -11.79 51.02 2.60
CA GLU C 423 -12.13 49.61 2.47
C GLU C 423 -13.61 49.38 2.76
N PHE C 424 -14.12 49.96 3.85
CA PHE C 424 -15.42 49.62 4.43
C PHE C 424 -16.56 50.50 3.92
N ASP C 425 -16.32 51.79 3.71
CA ASP C 425 -17.28 52.73 3.12
C ASP C 425 -16.55 53.74 2.20
N PRO C 426 -16.17 53.32 0.98
CA PRO C 426 -15.49 54.18 -0.01
C PRO C 426 -16.23 55.45 -0.45
N THR C 427 -17.53 55.55 -0.18
CA THR C 427 -18.40 56.68 -0.49
C THR C 427 -18.29 57.84 0.53
N THR C 428 -17.58 57.62 1.65
CA THR C 428 -17.47 58.56 2.78
C THR C 428 -16.74 59.88 2.42
N SER C 429 -17.21 61.00 2.98
CA SER C 429 -16.65 62.33 2.73
C SER C 429 -15.40 62.63 3.59
N HIS C 430 -15.20 61.86 4.66
CA HIS C 430 -14.00 61.87 5.50
C HIS C 430 -13.34 60.47 5.47
N PRO C 431 -12.64 60.12 4.37
CA PRO C 431 -11.82 58.89 4.33
C PRO C 431 -10.53 59.09 5.14
N VAL C 432 -10.60 58.89 6.46
CA VAL C 432 -9.53 59.22 7.39
C VAL C 432 -8.38 58.21 7.41
N VAL C 433 -8.65 57.02 6.89
CA VAL C 433 -7.66 56.01 6.55
C VAL C 433 -7.99 55.59 5.11
N VAL C 434 -6.94 55.56 4.27
CA VAL C 434 -7.03 55.40 2.84
C VAL C 434 -6.13 54.24 2.40
N ASP C 435 -6.46 53.64 1.25
CA ASP C 435 -5.61 52.71 0.50
C ASP C 435 -4.32 53.44 0.08
N MET C 436 -3.17 52.92 0.51
CA MET C 436 -1.86 53.53 0.33
C MET C 436 -0.81 52.42 0.18
N PRO C 437 -0.81 51.71 -0.97
CA PRO C 437 0.20 50.67 -1.23
C PRO C 437 1.63 51.24 -1.32
N GLU C 438 2.63 50.38 -1.13
CA GLU C 438 4.03 50.73 -1.28
C GLU C 438 4.36 51.01 -2.75
N HIS C 439 4.85 52.23 -3.00
CA HIS C 439 5.30 52.75 -4.29
C HIS C 439 6.66 52.17 -4.74
N THR C 447 2.29 47.56 -3.84
CA THR C 447 2.13 46.33 -3.05
C THR C 447 1.73 46.64 -1.59
N MET C 448 1.47 45.59 -0.81
CA MET C 448 1.19 45.65 0.62
C MET C 448 2.42 46.12 1.41
N ARG C 449 2.23 46.90 2.46
CA ARG C 449 3.26 47.20 3.45
C ARG C 449 3.41 45.97 4.34
N LEU C 450 4.30 45.09 3.88
CA LEU C 450 4.41 43.70 4.29
C LEU C 450 5.87 43.41 4.62
N GLY C 451 6.11 43.01 5.87
CA GLY C 451 7.44 42.69 6.36
C GLY C 451 7.97 43.81 7.25
N LYS C 452 9.26 43.71 7.60
CA LYS C 452 9.99 44.60 8.50
C LYS C 452 10.20 45.97 7.86
N ARG C 453 9.58 47.00 8.45
CA ARG C 453 9.84 48.40 8.15
C ARG C 453 10.38 49.05 9.43
N ARG C 454 11.12 50.15 9.26
CA ARG C 454 11.60 50.98 10.36
C ARG C 454 10.60 52.12 10.60
N THR C 455 10.14 52.22 11.85
CA THR C 455 9.35 53.34 12.34
C THR C 455 10.29 54.25 13.14
N LEU C 456 10.19 55.56 12.94
CA LEU C 456 10.88 56.58 13.71
C LEU C 456 9.87 57.13 14.73
N PHE C 457 10.30 57.29 15.99
CA PHE C 457 9.56 58.06 16.97
C PHE C 457 9.83 59.54 16.75
N GLN C 458 8.78 60.29 16.40
CA GLN C 458 8.88 61.69 15.99
C GLN C 458 9.04 62.68 17.16
N THR C 459 9.21 62.20 18.39
CA THR C 459 9.11 62.99 19.60
C THR C 459 9.67 62.20 20.81
N LYS C 460 9.70 62.87 21.96
CA LYS C 460 9.81 62.28 23.29
C LYS C 460 8.46 62.22 24.02
N ASN C 461 7.41 62.94 23.58
CA ASN C 461 6.09 62.92 24.22
C ASN C 461 5.31 61.66 23.79
N SER C 462 5.80 60.51 24.26
CA SER C 462 5.26 59.20 23.96
C SER C 462 5.62 58.28 25.13
N VAL C 463 4.61 57.61 25.72
CA VAL C 463 4.85 56.50 26.63
C VAL C 463 5.41 55.29 25.86
N MET C 464 4.97 55.13 24.60
CA MET C 464 5.41 54.06 23.71
C MET C 464 6.91 54.09 23.43
N ARG C 465 7.47 55.28 23.19
CA ARG C 465 8.91 55.44 23.02
C ARG C 465 9.69 54.96 24.25
N LYS C 466 9.20 55.30 25.45
CA LYS C 466 9.82 54.95 26.73
C LYS C 466 9.73 53.44 27.01
N LEU C 467 8.61 52.81 26.63
CA LEU C 467 8.44 51.36 26.66
C LEU C 467 9.41 50.65 25.70
N TYR C 468 9.64 51.22 24.50
CA TYR C 468 10.71 50.85 23.56
C TYR C 468 12.10 51.40 23.99
N GLY C 469 12.36 51.51 25.30
CA GLY C 469 13.69 51.80 25.87
C GLY C 469 14.18 53.24 25.65
N ASP C 470 13.29 54.14 25.21
CA ASP C 470 13.55 55.53 24.81
C ASP C 470 14.32 55.61 23.47
N ALA C 471 14.27 54.52 22.68
CA ALA C 471 14.87 54.43 21.35
C ALA C 471 14.23 55.40 20.35
N ASP C 472 15.05 55.96 19.46
CA ASP C 472 14.65 56.90 18.40
C ASP C 472 13.85 56.21 17.29
N TYR C 473 14.12 54.93 17.07
CA TYR C 473 13.44 54.10 16.10
C TYR C 473 13.21 52.71 16.67
N LEU C 474 12.35 51.97 15.97
CA LEU C 474 12.11 50.55 16.14
C LEU C 474 11.92 49.98 14.74
N GLU C 475 12.05 48.65 14.60
CA GLU C 475 11.84 47.95 13.35
C GLU C 475 10.88 46.80 13.66
N GLU C 476 9.69 46.82 13.02
CA GLU C 476 8.59 45.92 13.30
C GLU C 476 7.94 45.44 12.01
N ARG C 477 7.32 44.26 12.05
CA ARG C 477 6.68 43.64 10.89
C ARG C 477 5.25 44.15 10.70
N HIS C 478 5.03 44.70 9.51
CA HIS C 478 3.79 45.26 9.04
C HIS C 478 3.09 44.23 8.12
N ARG C 479 1.78 44.36 7.88
CA ARG C 479 1.01 43.55 6.94
C ARG C 479 -0.30 44.26 6.56
N HIS C 480 -0.22 45.39 5.87
CA HIS C 480 -1.41 46.20 5.56
C HIS C 480 -1.26 46.96 4.24
N ARG C 481 -2.36 47.29 3.56
CA ARG C 481 -2.35 48.20 2.41
C ARG C 481 -2.79 49.62 2.76
N PHE C 482 -3.66 49.76 3.74
CA PHE C 482 -4.25 51.04 4.13
C PHE C 482 -3.36 51.79 5.14
N GLU C 483 -3.38 53.10 5.12
CA GLU C 483 -2.71 54.00 6.06
C GLU C 483 -3.58 55.22 6.36
N VAL C 484 -3.26 55.90 7.45
CA VAL C 484 -3.89 57.14 7.89
C VAL C 484 -3.70 58.25 6.83
N ASN C 485 -4.78 58.98 6.54
CA ASN C 485 -4.81 60.04 5.54
C ASN C 485 -4.01 61.27 6.02
N PRO C 486 -2.94 61.67 5.27
CA PRO C 486 -2.10 62.81 5.66
C PRO C 486 -2.78 64.19 5.53
N VAL C 487 -3.91 64.30 4.81
CA VAL C 487 -4.70 65.53 4.74
C VAL C 487 -5.41 65.76 6.08
N TRP C 488 -6.24 64.78 6.48
CA TRP C 488 -7.03 64.83 7.70
C TRP C 488 -6.18 64.83 8.99
N LYS C 489 -4.96 64.29 8.92
CA LYS C 489 -3.94 64.27 9.99
C LYS C 489 -3.78 65.62 10.70
N LYS C 490 -3.85 66.71 9.93
CA LYS C 490 -3.73 68.09 10.40
C LYS C 490 -4.82 68.48 11.42
N CYS C 491 -6.00 67.85 11.33
CA CYS C 491 -7.11 68.06 12.25
C CYS C 491 -7.06 67.07 13.42
N LEU C 492 -6.53 65.86 13.17
CA LEU C 492 -6.44 64.77 14.15
C LEU C 492 -5.41 65.06 15.25
N LEU C 497 -4.94 63.36 18.88
CA LEU C 497 -4.58 62.05 18.35
C LEU C 497 -3.16 62.14 17.78
N LYS C 498 -2.16 61.98 18.65
CA LYS C 498 -0.76 62.26 18.37
C LYS C 498 -0.11 61.04 17.69
N PHE C 499 0.21 61.17 16.40
CA PHE C 499 0.89 60.15 15.60
C PHE C 499 2.39 60.09 15.92
N VAL C 500 2.70 59.59 17.13
CA VAL C 500 4.03 59.51 17.72
C VAL C 500 5.07 58.68 16.93
N GLY C 501 4.63 57.67 16.18
CA GLY C 501 5.50 56.81 15.38
C GLY C 501 5.11 57.01 13.92
N GLN C 502 6.09 57.29 13.07
CA GLN C 502 5.92 57.56 11.64
C GLN C 502 7.05 56.83 10.90
N ASP C 503 6.87 56.55 9.61
CA ASP C 503 7.92 55.93 8.79
C ASP C 503 9.06 56.92 8.51
N VAL C 504 10.16 56.40 7.98
CA VAL C 504 11.34 57.15 7.55
C VAL C 504 11.04 58.24 6.49
N GLU C 505 9.97 58.07 5.69
CA GLU C 505 9.55 59.06 4.70
C GLU C 505 8.68 60.17 5.30
N GLY C 506 8.08 59.95 6.48
CA GLY C 506 7.06 60.81 7.08
C GLY C 506 5.70 60.73 6.37
N GLU C 507 5.57 59.85 5.36
CA GLU C 507 4.39 59.61 4.55
C GLU C 507 3.30 58.84 5.32
N ARG C 508 3.73 57.94 6.21
CA ARG C 508 2.91 56.88 6.79
C ARG C 508 2.98 56.98 8.31
N MET C 509 1.82 57.02 8.96
CA MET C 509 1.70 57.04 10.42
C MET C 509 1.64 55.59 10.90
N GLU C 510 2.52 55.21 11.83
CA GLU C 510 2.75 53.82 12.19
C GLU C 510 2.50 53.52 13.68
N ILE C 511 2.51 54.54 14.54
CA ILE C 511 2.04 54.44 15.92
C ILE C 511 1.30 55.75 16.22
N VAL C 512 0.16 55.63 16.92
CA VAL C 512 -0.63 56.74 17.40
C VAL C 512 -0.89 56.56 18.90
N GLU C 513 -0.97 57.68 19.63
CA GLU C 513 -1.16 57.73 21.06
C GLU C 513 -2.12 58.91 21.33
N LEU C 514 -3.21 58.66 22.06
CA LEU C 514 -4.19 59.70 22.40
C LEU C 514 -3.84 60.31 23.75
N GLU C 515 -3.86 61.65 23.83
CA GLU C 515 -3.62 62.40 25.07
C GLU C 515 -4.75 62.22 26.11
N ASP C 516 -4.40 62.45 27.38
CA ASP C 516 -5.30 62.50 28.54
C ASP C 516 -5.94 61.13 28.89
N HIS C 517 -5.39 60.03 28.35
CA HIS C 517 -5.81 58.67 28.59
C HIS C 517 -4.63 57.90 29.23
N PRO C 518 -4.90 57.03 30.23
CA PRO C 518 -3.88 56.10 30.80
C PRO C 518 -3.00 55.33 29.81
N PHE C 519 -3.59 54.80 28.73
CA PHE C 519 -2.89 54.03 27.70
C PHE C 519 -3.91 53.80 26.58
N PHE C 520 -3.87 54.64 25.54
CA PHE C 520 -4.69 54.46 24.35
C PHE C 520 -3.71 54.60 23.20
N VAL C 521 -3.26 53.45 22.71
CA VAL C 521 -2.22 53.33 21.71
C VAL C 521 -2.79 52.55 20.52
N GLY C 522 -2.51 53.04 19.31
CA GLY C 522 -2.65 52.26 18.11
C GLY C 522 -1.23 52.02 17.60
N VAL C 523 -0.95 50.80 17.14
CA VAL C 523 0.25 50.44 16.39
C VAL C 523 -0.24 49.87 15.04
N GLN C 524 0.35 50.34 13.94
CA GLN C 524 -0.07 49.96 12.59
C GLN C 524 0.53 48.60 12.18
N TYR C 525 1.66 48.26 12.79
CA TYR C 525 2.36 46.99 12.64
C TYR C 525 1.75 45.89 13.53
N HIS C 526 2.40 44.74 13.56
CA HIS C 526 2.09 43.58 14.39
C HIS C 526 3.17 43.34 15.44
N PRO C 527 3.10 43.92 16.64
CA PRO C 527 4.13 43.73 17.67
C PRO C 527 4.34 42.27 18.09
N GLU C 528 3.26 41.49 18.07
CA GLU C 528 3.18 40.10 18.52
C GLU C 528 4.20 39.17 17.86
N PHE C 529 4.53 39.45 16.60
CA PHE C 529 5.49 38.68 15.80
C PHE C 529 6.95 38.76 16.34
N LEU C 530 7.23 39.77 17.17
CA LEU C 530 8.54 39.96 17.81
C LEU C 530 8.45 39.86 19.34
N SER C 531 7.35 39.30 19.87
CA SER C 531 7.24 39.00 21.30
C SER C 531 7.92 37.65 21.59
N ARG C 532 8.73 37.61 22.65
CA ARG C 532 9.38 36.42 23.18
C ARG C 532 9.06 36.35 24.69
N PRO C 533 9.10 35.18 25.34
CA PRO C 533 8.96 35.10 26.81
C PRO C 533 9.95 35.97 27.60
N ILE C 534 11.20 35.97 27.14
CA ILE C 534 12.31 36.77 27.66
C ILE C 534 12.23 38.27 27.32
N LYS C 535 11.29 38.69 26.45
CA LYS C 535 11.14 40.06 25.99
C LYS C 535 9.75 40.21 25.35
N PRO C 536 8.69 40.50 26.15
CA PRO C 536 7.37 40.84 25.58
C PRO C 536 7.44 42.12 24.74
N SER C 537 6.64 42.22 23.67
CA SER C 537 6.60 43.47 22.90
C SER C 537 6.04 44.63 23.76
N PRO C 538 6.78 45.76 23.83
CA PRO C 538 6.40 46.88 24.68
C PRO C 538 4.97 47.47 24.58
N PRO C 539 4.27 47.44 23.42
CA PRO C 539 2.84 47.83 23.42
C PRO C 539 1.91 46.85 24.15
N TYR C 540 2.18 45.55 24.05
CA TYR C 540 1.45 44.49 24.76
C TYR C 540 1.79 44.50 26.25
N PHE C 541 3.04 44.82 26.57
CA PHE C 541 3.53 44.95 27.94
C PHE C 541 2.96 46.20 28.61
N GLY C 542 3.00 47.34 27.91
CA GLY C 542 2.44 48.61 28.33
C GLY C 542 0.93 48.52 28.57
N LEU C 543 0.19 47.82 27.70
CA LEU C 543 -1.23 47.53 27.87
C LEU C 543 -1.51 46.72 29.14
N LEU C 544 -0.78 45.63 29.36
CA LEU C 544 -0.90 44.78 30.54
C LEU C 544 -0.53 45.53 31.84
N LEU C 545 0.55 46.31 31.78
CA LEU C 545 0.97 47.21 32.85
C LEU C 545 -0.09 48.26 33.18
N ALA C 546 -0.72 48.83 32.14
CA ALA C 546 -1.74 49.85 32.27
C ALA C 546 -3.04 49.30 32.89
N SER C 547 -3.48 48.17 32.42
CA SER C 547 -4.70 47.52 32.89
C SER C 547 -4.62 47.13 34.37
N VAL C 548 -3.43 46.85 34.91
CA VAL C 548 -3.21 46.62 36.35
C VAL C 548 -2.65 47.86 37.10
N GLY C 549 -2.53 49.00 36.44
CA GLY C 549 -2.08 50.30 36.98
C GLY C 549 -0.56 50.42 37.13
N ARG C 550 0.16 49.30 37.14
CA ARG C 550 1.61 49.13 37.34
C ARG C 550 2.51 49.92 36.36
N LEU C 551 1.94 50.37 35.22
CA LEU C 551 2.60 51.28 34.25
C LEU C 551 3.13 52.57 34.89
N SER C 552 2.37 53.08 35.87
CA SER C 552 2.73 54.26 36.67
C SER C 552 4.00 54.08 37.50
N HIS C 553 4.32 52.84 37.88
CA HIS C 553 5.56 52.48 38.56
C HIS C 553 6.66 52.16 37.55
N TYR C 554 6.29 51.59 36.39
CA TYR C 554 7.21 51.20 35.34
C TYR C 554 7.88 52.43 34.69
N LEU C 555 7.07 53.40 34.23
CA LEU C 555 7.56 54.66 33.65
C LEU C 555 8.29 55.56 34.66
N GLN C 556 8.00 55.36 35.95
CA GLN C 556 8.64 56.02 37.08
C GLN C 556 10.06 55.46 37.37
N MET D 1 -29.22 -14.74 1.23
CA MET D 1 -29.52 -14.14 2.53
C MET D 1 -29.71 -12.61 2.43
N LYS D 2 -29.49 -11.91 3.54
CA LYS D 2 -29.17 -10.50 3.58
C LYS D 2 -28.02 -10.39 4.60
N TYR D 3 -26.97 -9.68 4.25
CA TYR D 3 -25.76 -9.54 5.04
C TYR D 3 -25.45 -8.08 5.31
N ILE D 4 -25.05 -7.78 6.54
CA ILE D 4 -24.48 -6.50 6.91
C ILE D 4 -23.11 -6.82 7.54
N LEU D 5 -22.02 -6.44 6.88
CA LEU D 5 -20.70 -6.49 7.47
C LEU D 5 -20.48 -5.20 8.29
N VAL D 6 -19.81 -5.31 9.44
CA VAL D 6 -19.46 -4.20 10.29
C VAL D 6 -17.94 -4.26 10.54
N THR D 7 -17.18 -3.33 9.94
CA THR D 7 -15.72 -3.27 10.00
C THR D 7 -15.26 -2.13 10.93
N GLY D 8 -14.11 -2.34 11.61
CA GLY D 8 -13.53 -1.37 12.52
C GLY D 8 -12.45 -0.57 11.82
N GLY D 9 -12.35 0.72 12.16
CA GLY D 9 -11.57 1.66 11.39
C GLY D 9 -10.23 2.03 12.01
N VAL D 10 -10.24 2.66 13.18
CA VAL D 10 -9.10 3.43 13.70
C VAL D 10 -8.45 2.74 14.91
N ILE D 11 -9.30 2.19 15.78
CA ILE D 11 -8.95 1.49 17.00
C ILE D 11 -10.08 0.48 17.28
N SER D 12 -9.81 -0.46 18.18
CA SER D 12 -10.80 -1.28 18.86
C SER D 12 -11.41 -0.50 20.05
N GLY D 13 -12.37 -1.11 20.74
CA GLY D 13 -12.93 -0.58 22.01
C GLY D 13 -14.04 0.45 21.78
N ILE D 14 -14.08 1.10 20.61
CA ILE D 14 -15.04 2.12 20.18
C ILE D 14 -16.51 1.70 20.04
N GLY D 15 -16.87 0.52 20.53
CA GLY D 15 -18.26 0.10 20.68
C GLY D 15 -18.82 -0.49 19.38
N LYS D 16 -17.97 -0.92 18.45
CA LYS D 16 -18.37 -1.61 17.21
C LYS D 16 -19.30 -2.82 17.42
N GLY D 17 -19.07 -3.56 18.51
CA GLY D 17 -19.91 -4.70 18.89
C GLY D 17 -21.27 -4.24 19.41
N ILE D 18 -21.36 -3.04 20.00
CA ILE D 18 -22.61 -2.44 20.42
C ILE D 18 -23.39 -1.94 19.19
N ILE D 19 -22.70 -1.38 18.19
CA ILE D 19 -23.28 -0.99 16.91
C ILE D 19 -23.87 -2.19 16.15
N ALA D 20 -23.10 -3.28 16.02
CA ALA D 20 -23.56 -4.54 15.43
C ALA D 20 -24.80 -5.11 16.13
N SER D 21 -24.77 -5.12 17.48
CA SER D 21 -25.87 -5.55 18.32
C SER D 21 -27.11 -4.64 18.20
N SER D 22 -26.89 -3.32 18.15
CA SER D 22 -27.94 -2.31 17.99
C SER D 22 -28.60 -2.41 16.61
N VAL D 23 -27.81 -2.58 15.55
CA VAL D 23 -28.29 -2.83 14.20
C VAL D 23 -29.12 -4.14 14.12
N GLY D 24 -28.67 -5.19 14.83
CA GLY D 24 -29.41 -6.45 14.95
C GLY D 24 -30.76 -6.28 15.67
N THR D 25 -30.83 -5.47 16.75
CA THR D 25 -32.08 -5.26 17.49
C THR D 25 -33.06 -4.35 16.70
N ILE D 26 -32.51 -3.41 15.91
CA ILE D 26 -33.23 -2.59 14.95
C ILE D 26 -33.89 -3.45 13.83
N LEU D 27 -33.11 -4.35 13.23
CA LEU D 27 -33.60 -5.33 12.25
C LEU D 27 -34.67 -6.25 12.85
N LYS D 28 -34.44 -6.73 14.08
CA LYS D 28 -35.38 -7.58 14.80
C LYS D 28 -36.70 -6.85 15.13
N SER D 29 -36.61 -5.56 15.46
CA SER D 29 -37.77 -4.67 15.63
C SER D 29 -38.54 -4.40 14.33
N CYS D 30 -37.91 -4.62 13.16
CA CYS D 30 -38.56 -4.60 11.85
C CYS D 30 -39.27 -5.93 11.53
N GLY D 31 -39.29 -6.89 12.48
CA GLY D 31 -40.00 -8.16 12.35
C GLY D 31 -39.12 -9.24 11.70
N LEU D 32 -37.82 -8.99 11.52
CA LEU D 32 -36.90 -9.95 10.91
C LEU D 32 -36.34 -10.92 11.97
N HIS D 33 -36.19 -12.18 11.59
CA HIS D 33 -35.32 -13.14 12.27
C HIS D 33 -33.88 -12.76 11.92
N VAL D 34 -33.00 -12.68 12.92
CA VAL D 34 -31.65 -12.16 12.75
C VAL D 34 -30.66 -13.09 13.48
N THR D 35 -29.56 -13.39 12.82
CA THR D 35 -28.41 -14.08 13.36
C THR D 35 -27.21 -13.11 13.30
N SER D 36 -26.09 -13.49 13.92
CA SER D 36 -24.89 -12.67 13.96
C SER D 36 -23.66 -13.56 14.04
N ILE D 37 -22.55 -13.06 13.48
CA ILE D 37 -21.26 -13.73 13.44
C ILE D 37 -20.20 -12.70 13.87
N LYS D 38 -19.27 -13.11 14.72
CA LYS D 38 -18.09 -12.36 15.07
C LYS D 38 -16.91 -13.06 14.37
N ILE D 39 -16.13 -12.30 13.61
CA ILE D 39 -14.84 -12.74 13.13
C ILE D 39 -13.80 -12.07 14.03
N ASP D 40 -12.94 -12.87 14.66
CA ASP D 40 -11.81 -12.43 15.44
C ASP D 40 -10.51 -12.84 14.72
N PRO D 41 -9.80 -11.88 14.09
CA PRO D 41 -8.50 -12.13 13.46
C PRO D 41 -7.34 -12.53 14.40
N TYR D 42 -7.54 -13.52 15.27
CA TYR D 42 -6.51 -14.19 16.05
C TYR D 42 -6.41 -15.64 15.59
N ILE D 43 -5.28 -16.27 15.94
CA ILE D 43 -4.89 -17.62 15.50
C ILE D 43 -5.48 -18.69 16.45
N ASN D 44 -6.11 -18.26 17.53
CA ASN D 44 -6.70 -19.11 18.56
C ASN D 44 -7.97 -19.78 18.04
N ILE D 45 -8.11 -21.08 18.30
CA ILE D 45 -9.34 -21.82 18.11
C ILE D 45 -10.15 -21.64 19.39
N ASP D 46 -11.07 -20.67 19.34
CA ASP D 46 -11.92 -20.22 20.45
C ASP D 46 -11.13 -19.40 21.48
N ALA D 47 -11.86 -18.73 22.40
CA ALA D 47 -11.29 -17.84 23.42
C ALA D 47 -10.93 -18.59 24.71
N GLY D 48 -11.21 -19.90 24.75
CA GLY D 48 -11.10 -20.83 25.87
C GLY D 48 -9.67 -21.08 26.39
N THR D 49 -8.78 -20.09 26.27
CA THR D 49 -7.39 -20.15 26.68
C THR D 49 -6.88 -18.76 27.14
N PHE D 50 -7.70 -17.71 27.05
CA PHE D 50 -7.30 -16.36 27.39
C PHE D 50 -7.32 -16.11 28.90
N SER D 51 -6.20 -15.62 29.43
CA SER D 51 -6.12 -14.94 30.73
C SER D 51 -6.97 -13.65 30.63
N PRO D 52 -8.08 -13.50 31.38
CA PRO D 52 -9.13 -12.49 31.10
C PRO D 52 -8.70 -11.02 31.03
N TYR D 53 -7.45 -10.67 31.32
CA TYR D 53 -6.90 -9.34 31.08
C TYR D 53 -6.72 -9.02 29.59
N GLU D 54 -6.69 -10.05 28.73
CA GLU D 54 -6.66 -9.96 27.28
C GLU D 54 -7.97 -10.57 26.76
N HIS D 55 -8.74 -9.78 26.00
CA HIS D 55 -10.05 -10.14 25.41
C HIS D 55 -11.00 -10.70 26.47
N GLY D 56 -11.19 -9.89 27.52
CA GLY D 56 -11.74 -10.29 28.81
C GLY D 56 -13.20 -10.73 28.71
N GLU D 57 -13.57 -11.62 29.64
CA GLU D 57 -14.88 -12.26 29.79
C GLU D 57 -15.14 -13.19 28.60
N VAL D 58 -14.67 -14.44 28.72
CA VAL D 58 -15.01 -15.48 27.76
C VAL D 58 -16.46 -15.92 28.07
N PHE D 59 -17.32 -15.70 27.09
CA PHE D 59 -18.74 -15.93 27.16
C PHE D 59 -18.97 -17.38 26.73
N VAL D 60 -19.68 -18.16 27.54
CA VAL D 60 -19.89 -19.58 27.26
C VAL D 60 -21.30 -19.80 26.71
N LEU D 61 -21.33 -20.26 25.46
CA LEU D 61 -22.51 -20.66 24.72
C LEU D 61 -23.02 -22.03 25.18
N ASP D 62 -24.26 -22.37 24.77
CA ASP D 62 -24.93 -23.63 25.09
C ASP D 62 -24.15 -24.89 24.73
N ASP D 63 -23.46 -24.86 23.57
CA ASP D 63 -22.64 -25.96 23.06
C ASP D 63 -21.26 -26.05 23.74
N GLY D 64 -20.95 -25.13 24.66
CA GLY D 64 -19.66 -25.10 25.35
C GLY D 64 -18.66 -24.20 24.62
N GLY D 65 -19.11 -23.39 23.66
CA GLY D 65 -18.26 -22.42 22.96
C GLY D 65 -17.85 -21.29 23.90
N GLU D 66 -16.59 -21.30 24.32
CA GLU D 66 -15.91 -20.22 25.05
C GLU D 66 -15.49 -19.16 24.02
N VAL D 67 -16.33 -18.15 23.82
CA VAL D 67 -16.19 -17.14 22.77
C VAL D 67 -16.05 -15.74 23.38
N ASP D 68 -15.75 -14.75 22.52
CA ASP D 68 -15.62 -13.34 22.88
C ASP D 68 -16.94 -12.75 23.45
N LEU D 69 -16.83 -11.75 24.33
CA LEU D 69 -17.96 -11.06 24.96
C LEU D 69 -18.99 -10.44 24.00
N ASP D 70 -18.58 -10.08 22.76
CA ASP D 70 -19.47 -9.57 21.72
C ASP D 70 -20.55 -10.56 21.29
N LEU D 71 -20.27 -11.87 21.33
CA LEU D 71 -21.28 -12.91 21.12
C LEU D 71 -22.36 -12.87 22.22
N GLY D 72 -21.96 -12.46 23.43
CA GLY D 72 -22.84 -12.26 24.56
C GLY D 72 -23.65 -10.97 24.41
N ASN D 73 -23.09 -9.92 23.81
CA ASN D 73 -23.82 -8.70 23.46
C ASN D 73 -24.91 -9.00 22.43
N TYR D 74 -24.61 -9.83 21.42
CA TYR D 74 -25.61 -10.30 20.45
C TYR D 74 -26.78 -11.02 21.15
N GLU D 75 -26.49 -11.97 22.05
CA GLU D 75 -27.51 -12.67 22.84
C GLU D 75 -28.34 -11.78 23.80
N ARG D 76 -27.91 -10.56 24.08
CA ARG D 76 -28.61 -9.65 25.00
C ARG D 76 -29.38 -8.54 24.27
N PHE D 77 -28.90 -8.10 23.11
CA PHE D 77 -29.64 -7.19 22.24
C PHE D 77 -30.68 -7.92 21.37
N LEU D 78 -30.41 -9.17 21.00
CA LEU D 78 -31.25 -10.01 20.18
C LEU D 78 -31.56 -11.27 20.99
N ASP D 79 -32.80 -11.74 20.93
CA ASP D 79 -33.25 -13.01 21.55
C ASP D 79 -32.78 -14.19 20.70
N ILE D 80 -31.49 -14.52 20.81
CA ILE D 80 -30.81 -15.57 20.07
C ILE D 80 -29.95 -16.43 21.02
N ARG D 81 -29.59 -17.62 20.56
CA ARG D 81 -28.73 -18.60 21.21
C ARG D 81 -27.76 -19.10 20.13
N LEU D 82 -26.48 -18.71 20.24
CA LEU D 82 -25.47 -18.93 19.21
C LEU D 82 -24.71 -20.25 19.40
N THR D 83 -23.98 -20.65 18.35
CA THR D 83 -23.10 -21.82 18.33
C THR D 83 -21.63 -21.34 18.26
N LYS D 84 -20.66 -22.22 18.59
CA LYS D 84 -19.23 -21.94 18.61
C LYS D 84 -18.73 -21.20 17.35
N ASP D 85 -19.20 -21.70 16.21
CA ASP D 85 -18.78 -21.30 14.88
C ASP D 85 -19.34 -19.96 14.42
N ASN D 86 -20.24 -19.36 15.22
CA ASN D 86 -20.59 -17.94 15.12
C ASN D 86 -19.41 -17.05 15.58
N ASN D 87 -18.43 -17.60 16.30
CA ASN D 87 -17.12 -16.98 16.47
C ASN D 87 -16.17 -17.64 15.46
N LEU D 88 -15.94 -16.97 14.34
CA LEU D 88 -14.96 -17.35 13.32
C LEU D 88 -13.60 -16.75 13.69
N THR D 89 -12.51 -17.45 13.38
CA THR D 89 -11.15 -17.00 13.65
C THR D 89 -10.23 -17.47 12.50
N THR D 90 -9.02 -16.88 12.40
CA THR D 90 -8.01 -17.36 11.45
C THR D 90 -7.55 -18.79 11.81
N GLY D 91 -7.47 -19.11 13.10
CA GLY D 91 -7.08 -20.44 13.58
C GLY D 91 -8.06 -21.50 13.09
N LYS D 92 -9.36 -21.22 13.22
CA LYS D 92 -10.44 -22.10 12.79
C LYS D 92 -10.48 -22.28 11.27
N ILE D 93 -10.36 -21.18 10.52
CA ILE D 93 -10.49 -21.23 9.06
C ILE D 93 -9.23 -21.80 8.38
N TYR D 94 -8.02 -21.47 8.87
CA TYR D 94 -6.78 -22.04 8.37
C TYR D 94 -6.68 -23.54 8.71
N GLN D 95 -7.05 -23.94 9.93
CA GLN D 95 -7.08 -25.35 10.34
C GLN D 95 -8.08 -26.17 9.51
N TYR D 96 -9.25 -25.60 9.21
CA TYR D 96 -10.24 -26.14 8.30
C TYR D 96 -9.66 -26.44 6.90
N VAL D 97 -9.05 -25.43 6.28
CA VAL D 97 -8.40 -25.54 4.98
C VAL D 97 -7.21 -26.51 4.97
N ILE D 98 -6.38 -26.51 6.02
CA ILE D 98 -5.25 -27.42 6.18
C ILE D 98 -5.71 -28.88 6.29
N ASN D 99 -6.72 -29.16 7.12
CA ASN D 99 -7.29 -30.49 7.28
C ASN D 99 -7.94 -30.99 5.97
N LYS D 100 -8.63 -30.08 5.28
CA LYS D 100 -9.26 -30.30 3.97
C LYS D 100 -8.21 -30.58 2.86
N GLU D 101 -7.05 -29.92 2.94
CA GLU D 101 -5.88 -30.18 2.10
C GLU D 101 -5.28 -31.57 2.36
N ARG D 102 -5.01 -31.89 3.64
CA ARG D 102 -4.49 -33.19 4.07
C ARG D 102 -5.42 -34.37 3.70
N LYS D 103 -6.73 -34.14 3.72
CA LYS D 103 -7.77 -35.04 3.20
C LYS D 103 -7.71 -35.26 1.67
N GLY D 104 -7.06 -34.35 0.93
CA GLY D 104 -7.00 -34.39 -0.53
C GLY D 104 -8.25 -33.79 -1.18
N ASP D 105 -9.12 -33.12 -0.41
CA ASP D 105 -10.39 -32.55 -0.88
C ASP D 105 -10.23 -31.37 -1.86
N TYR D 106 -9.05 -30.74 -1.85
CA TYR D 106 -8.63 -29.74 -2.83
C TYR D 106 -7.98 -30.36 -4.09
N LEU D 107 -8.11 -31.68 -4.27
CA LEU D 107 -7.93 -32.42 -5.52
C LEU D 107 -6.50 -32.32 -6.11
N GLY D 108 -5.51 -32.27 -5.23
CA GLY D 108 -4.08 -32.23 -5.59
C GLY D 108 -3.64 -30.88 -6.15
N LYS D 109 -4.48 -29.84 -6.10
CA LYS D 109 -4.12 -28.49 -6.51
C LYS D 109 -3.30 -27.78 -5.41
N THR D 110 -2.72 -26.63 -5.76
CA THR D 110 -2.21 -25.65 -4.79
C THR D 110 -3.38 -25.14 -3.92
N VAL D 111 -3.13 -24.95 -2.63
CA VAL D 111 -4.04 -24.24 -1.74
C VAL D 111 -3.26 -23.03 -1.20
N GLN D 112 -3.95 -21.90 -1.16
CA GLN D 112 -3.37 -20.59 -0.94
C GLN D 112 -4.49 -19.67 -0.47
N VAL D 113 -4.13 -18.58 0.20
CA VAL D 113 -5.08 -17.72 0.92
C VAL D 113 -6.20 -17.18 0.01
N VAL D 114 -5.80 -16.62 -1.12
CA VAL D 114 -6.70 -16.30 -2.21
C VAL D 114 -6.42 -17.34 -3.32
N PRO D 115 -7.41 -18.15 -3.73
CA PRO D 115 -8.82 -18.10 -3.33
C PRO D 115 -9.18 -18.82 -2.02
N HIS D 116 -8.52 -19.94 -1.70
CA HIS D 116 -9.06 -21.04 -0.89
C HIS D 116 -9.49 -20.71 0.54
N ILE D 117 -8.73 -19.85 1.24
CA ILE D 117 -9.09 -19.37 2.57
C ILE D 117 -10.27 -18.37 2.48
N THR D 118 -10.21 -17.47 1.49
CA THR D 118 -11.25 -16.49 1.26
C THR D 118 -12.58 -17.12 0.75
N ASP D 119 -12.51 -18.27 0.06
CA ASP D 119 -13.64 -19.15 -0.22
C ASP D 119 -14.22 -19.72 1.08
N ALA D 120 -13.36 -20.35 1.89
CA ALA D 120 -13.70 -20.97 3.17
C ALA D 120 -14.42 -20.03 4.15
N ILE D 121 -14.00 -18.76 4.19
CA ILE D 121 -14.68 -17.69 4.93
C ILE D 121 -16.13 -17.49 4.45
N GLN D 122 -16.35 -17.41 3.13
CA GLN D 122 -17.67 -17.27 2.52
C GLN D 122 -18.56 -18.49 2.76
N GLU D 123 -18.00 -19.70 2.65
CA GLU D 123 -18.65 -20.95 3.02
C GLU D 123 -19.15 -20.96 4.47
N TRP D 124 -18.31 -20.45 5.38
CA TRP D 124 -18.57 -20.36 6.81
C TRP D 124 -19.73 -19.39 7.10
N VAL D 125 -19.63 -18.20 6.51
CA VAL D 125 -20.62 -17.13 6.60
C VAL D 125 -21.99 -17.52 5.98
N MET D 126 -21.97 -18.37 4.94
CA MET D 126 -23.17 -18.97 4.36
C MET D 126 -23.81 -20.00 5.29
N ARG D 127 -23.01 -20.91 5.85
CA ARG D 127 -23.45 -21.93 6.82
C ARG D 127 -24.11 -21.31 8.06
N GLN D 128 -23.38 -20.44 8.77
CA GLN D 128 -23.80 -19.87 10.04
C GLN D 128 -24.95 -18.86 9.94
N ALA D 129 -25.19 -18.34 8.73
CA ALA D 129 -26.34 -17.48 8.44
C ALA D 129 -27.66 -18.25 8.31
N LEU D 130 -27.59 -19.52 7.90
CA LEU D 130 -28.76 -20.36 7.71
C LEU D 130 -29.29 -20.96 9.01
N ILE D 131 -28.44 -21.04 10.05
CA ILE D 131 -28.79 -21.64 11.34
C ILE D 131 -29.80 -20.75 12.09
N PRO D 132 -31.01 -21.28 12.43
CA PRO D 132 -31.99 -20.55 13.24
C PRO D 132 -31.57 -20.45 14.72
N VAL D 133 -30.66 -19.51 14.99
CA VAL D 133 -30.18 -19.18 16.33
C VAL D 133 -31.22 -18.45 17.19
N ASP D 134 -32.24 -17.86 16.54
CA ASP D 134 -33.40 -17.21 17.16
C ASP D 134 -34.21 -18.18 18.03
N GLU D 135 -35.01 -17.61 18.94
CA GLU D 135 -35.90 -18.33 19.86
C GLU D 135 -37.05 -19.15 19.20
N ASP D 136 -37.01 -19.34 17.88
CA ASP D 136 -37.90 -20.19 17.11
C ASP D 136 -37.08 -20.68 15.91
N GLY D 137 -37.43 -21.85 15.39
CA GLY D 137 -36.66 -22.60 14.37
C GLY D 137 -36.78 -22.04 12.95
N LEU D 138 -37.17 -20.77 12.80
CA LEU D 138 -37.33 -20.09 11.51
C LEU D 138 -35.98 -19.49 11.09
N GLU D 139 -35.67 -19.62 9.79
CA GLU D 139 -34.40 -19.20 9.19
C GLU D 139 -34.18 -17.68 9.34
N PRO D 140 -32.96 -17.24 9.72
CA PRO D 140 -32.59 -15.81 9.73
C PRO D 140 -32.80 -15.12 8.37
N GLN D 141 -33.50 -13.98 8.41
CA GLN D 141 -33.77 -13.15 7.25
C GLN D 141 -32.62 -12.16 6.98
N VAL D 142 -31.73 -11.96 7.96
CA VAL D 142 -30.54 -11.13 7.84
C VAL D 142 -29.46 -11.61 8.84
N CYS D 143 -28.20 -11.42 8.48
CA CYS D 143 -27.03 -11.81 9.26
C CYS D 143 -26.12 -10.59 9.42
N VAL D 144 -25.87 -10.15 10.65
CA VAL D 144 -24.92 -9.08 10.95
C VAL D 144 -23.55 -9.71 11.27
N ILE D 145 -22.56 -9.46 10.43
CA ILE D 145 -21.22 -10.02 10.56
C ILE D 145 -20.31 -8.90 11.06
N GLU D 146 -19.64 -9.10 12.20
CA GLU D 146 -18.68 -8.13 12.71
C GLU D 146 -17.26 -8.63 12.45
N LEU D 147 -16.44 -7.81 11.81
CA LEU D 147 -15.01 -8.04 11.70
C LEU D 147 -14.32 -7.31 12.86
N GLY D 148 -13.75 -8.11 13.77
CA GLY D 148 -13.00 -7.69 14.92
C GLY D 148 -11.69 -7.02 14.51
N GLY D 149 -11.29 -6.00 15.27
CA GLY D 149 -10.03 -5.29 15.07
C GLY D 149 -10.22 -4.17 14.05
N THR D 150 -9.10 -3.69 13.53
CA THR D 150 -9.04 -2.62 12.54
C THR D 150 -8.64 -3.23 11.19
N VAL D 151 -9.24 -2.71 10.12
CA VAL D 151 -8.94 -3.10 8.75
C VAL D 151 -7.52 -2.64 8.34
N GLY D 152 -6.87 -3.47 7.52
CA GLY D 152 -5.55 -3.19 6.99
C GLY D 152 -4.42 -3.67 7.92
N ASP D 153 -4.77 -4.28 9.06
CA ASP D 153 -3.88 -5.18 9.80
C ASP D 153 -3.81 -6.50 9.04
N ILE D 154 -2.64 -7.13 9.04
CA ILE D 154 -2.32 -8.32 8.24
C ILE D 154 -3.31 -9.50 8.41
N GLU D 155 -3.85 -9.67 9.62
CA GLU D 155 -4.81 -10.69 9.96
C GLU D 155 -6.23 -10.42 9.42
N SER D 156 -6.60 -9.14 9.20
CA SER D 156 -7.94 -8.78 8.75
C SER D 156 -8.08 -8.79 7.21
N MET D 157 -6.94 -8.76 6.49
CA MET D 157 -6.89 -8.75 5.02
C MET D 157 -7.59 -9.92 4.30
N PRO D 158 -7.45 -11.19 4.75
CA PRO D 158 -8.19 -12.33 4.17
C PRO D 158 -9.71 -12.18 4.22
N PHE D 159 -10.22 -11.66 5.34
CA PHE D 159 -11.65 -11.49 5.56
C PHE D 159 -12.21 -10.37 4.69
N ILE D 160 -11.53 -9.22 4.60
CA ILE D 160 -11.97 -8.16 3.69
C ILE D 160 -11.90 -8.59 2.21
N GLU D 161 -10.88 -9.35 1.82
CA GLU D 161 -10.79 -9.97 0.50
C GLU D 161 -11.94 -10.95 0.21
N ALA D 162 -12.32 -11.77 1.21
CA ALA D 162 -13.50 -12.62 1.16
C ALA D 162 -14.80 -11.83 0.96
N PHE D 163 -14.99 -10.75 1.73
CA PHE D 163 -16.17 -9.89 1.58
C PHE D 163 -16.19 -9.07 0.28
N ARG D 164 -15.00 -8.74 -0.24
CA ARG D 164 -14.82 -8.12 -1.54
C ARG D 164 -15.28 -9.03 -2.70
N GLN D 165 -15.12 -10.34 -2.55
CA GLN D 165 -15.68 -11.34 -3.44
C GLN D 165 -17.19 -11.52 -3.19
N PHE D 166 -17.56 -11.62 -1.90
CA PHE D 166 -18.89 -11.96 -1.43
C PHE D 166 -19.98 -11.03 -1.97
N GLN D 167 -19.70 -9.71 -2.00
CA GLN D 167 -20.55 -8.66 -2.57
C GLN D 167 -20.87 -8.81 -4.07
N PHE D 168 -20.17 -9.72 -4.77
CA PHE D 168 -20.38 -10.05 -6.16
C PHE D 168 -20.84 -11.52 -6.34
N LYS D 169 -20.76 -12.33 -5.27
CA LYS D 169 -21.21 -13.72 -5.23
C LYS D 169 -22.71 -13.75 -4.91
N VAL D 170 -23.07 -13.15 -3.77
CA VAL D 170 -24.42 -12.68 -3.52
C VAL D 170 -24.53 -11.27 -4.17
N LYS D 171 -25.75 -10.81 -4.48
CA LYS D 171 -25.93 -9.53 -5.16
C LYS D 171 -25.87 -8.39 -4.14
N ARG D 172 -25.74 -7.14 -4.62
CA ARG D 172 -25.55 -5.98 -3.74
C ARG D 172 -26.73 -5.74 -2.79
N GLU D 173 -27.95 -6.09 -3.21
CA GLU D 173 -29.14 -6.11 -2.34
C GLU D 173 -29.02 -7.11 -1.16
N ASN D 174 -28.11 -8.08 -1.25
CA ASN D 174 -27.87 -9.07 -0.22
C ASN D 174 -26.65 -8.72 0.65
N PHE D 175 -25.90 -7.66 0.35
CA PHE D 175 -24.67 -7.36 1.08
C PHE D 175 -24.50 -5.85 1.25
N CYS D 176 -24.52 -5.40 2.50
CA CYS D 176 -24.25 -4.04 2.94
C CYS D 176 -23.00 -4.07 3.85
N ASN D 177 -22.29 -2.95 3.95
CA ASN D 177 -21.09 -2.81 4.77
C ASN D 177 -21.16 -1.49 5.57
N ILE D 178 -21.09 -1.59 6.91
CA ILE D 178 -20.93 -0.46 7.80
C ILE D 178 -19.43 -0.37 8.18
N HIS D 179 -18.88 0.84 8.20
CA HIS D 179 -17.57 1.10 8.78
C HIS D 179 -17.76 1.88 10.08
N VAL D 180 -17.29 1.32 11.20
CA VAL D 180 -17.28 1.97 12.50
C VAL D 180 -15.88 2.55 12.72
N SER D 181 -15.81 3.89 12.68
CA SER D 181 -14.59 4.66 12.82
C SER D 181 -14.62 5.44 14.15
N LEU D 182 -13.50 6.11 14.46
CA LEU D 182 -13.36 7.04 15.56
C LEU D 182 -13.12 8.41 14.93
N VAL D 183 -13.77 9.44 15.47
CA VAL D 183 -13.44 10.84 15.19
C VAL D 183 -12.92 11.43 16.52
N PRO D 184 -11.58 11.40 16.75
CA PRO D 184 -11.02 11.94 17.99
C PRO D 184 -11.16 13.46 18.11
N GLN D 185 -11.28 13.94 19.36
CA GLN D 185 -11.41 15.36 19.68
C GLN D 185 -10.34 15.69 20.74
N PRO D 186 -9.08 15.95 20.33
CA PRO D 186 -7.94 16.06 21.26
C PRO D 186 -8.02 17.26 22.20
N SER D 187 -7.50 17.09 23.43
CA SER D 187 -7.18 18.18 24.37
C SER D 187 -6.20 19.21 23.77
N SER D 188 -5.31 18.72 22.90
CA SER D 188 -4.34 19.49 22.14
C SER D 188 -4.95 20.38 21.04
N THR D 189 -6.24 20.21 20.69
CA THR D 189 -6.80 20.76 19.46
C THR D 189 -8.25 21.26 19.54
N GLY D 190 -9.12 20.57 20.29
CA GLY D 190 -10.54 20.91 20.48
C GLY D 190 -11.43 20.57 19.26
N GLU D 191 -10.88 20.61 18.04
CA GLU D 191 -11.50 20.16 16.79
C GLU D 191 -11.78 18.65 16.81
N GLN D 192 -12.86 18.25 16.12
CA GLN D 192 -13.19 16.87 15.80
C GLN D 192 -12.44 16.46 14.54
N LYS D 193 -11.39 15.65 14.70
CA LYS D 193 -10.42 15.34 13.67
C LYS D 193 -10.90 14.16 12.82
N THR D 194 -11.43 14.45 11.62
CA THR D 194 -11.92 13.45 10.68
C THR D 194 -10.83 12.66 9.95
N LYS D 195 -9.59 13.16 9.91
CA LYS D 195 -8.46 12.58 9.19
C LYS D 195 -8.27 11.03 9.30
N PRO D 196 -8.27 10.44 10.51
CA PRO D 196 -8.24 8.97 10.66
C PRO D 196 -9.40 8.22 9.98
N THR D 197 -10.62 8.75 10.02
CA THR D 197 -11.77 8.21 9.29
C THR D 197 -11.59 8.23 7.77
N GLN D 198 -11.03 9.33 7.23
CA GLN D 198 -10.72 9.48 5.81
C GLN D 198 -9.72 8.43 5.34
N ASN D 199 -8.61 8.32 6.10
CA ASN D 199 -7.50 7.40 5.83
C ASN D 199 -7.92 5.94 6.00
N SER D 200 -8.76 5.66 7.00
CA SER D 200 -9.33 4.34 7.25
C SER D 200 -10.28 3.90 6.12
N VAL D 201 -11.17 4.79 5.67
CA VAL D 201 -12.06 4.51 4.55
C VAL D 201 -11.31 4.46 3.19
N ARG D 202 -10.26 5.27 3.04
CA ARG D 202 -9.30 5.19 1.92
C ARG D 202 -8.62 3.81 1.86
N GLU D 203 -8.15 3.32 3.01
CA GLU D 203 -7.57 2.00 3.18
C GLU D 203 -8.56 0.86 2.89
N LEU D 204 -9.79 0.97 3.44
CA LEU D 204 -10.88 0.01 3.22
C LEU D 204 -11.27 -0.11 1.74
N ARG D 205 -11.33 1.01 1.03
CA ARG D 205 -11.59 1.05 -0.41
C ARG D 205 -10.41 0.50 -1.23
N GLY D 206 -9.19 0.62 -0.72
CA GLY D 206 -8.00 -0.04 -1.27
C GLY D 206 -8.09 -1.56 -1.16
N LEU D 207 -8.75 -2.06 -0.11
CA LEU D 207 -9.09 -3.47 0.09
C LEU D 207 -10.40 -3.87 -0.65
N GLY D 208 -11.05 -2.91 -1.32
CA GLY D 208 -12.16 -3.15 -2.23
C GLY D 208 -13.54 -3.13 -1.57
N LEU D 209 -13.67 -2.60 -0.34
CA LEU D 209 -14.94 -2.41 0.33
C LEU D 209 -15.24 -0.92 0.42
N SER D 210 -16.45 -0.52 0.01
CA SER D 210 -16.99 0.79 0.34
C SER D 210 -17.72 0.66 1.69
N PRO D 211 -17.63 1.68 2.56
CA PRO D 211 -18.71 1.93 3.53
C PRO D 211 -20.00 2.29 2.77
N ASP D 212 -21.06 1.53 3.04
CA ASP D 212 -22.44 1.92 2.72
C ASP D 212 -22.96 2.85 3.82
N LEU D 213 -22.57 2.60 5.07
CA LEU D 213 -22.73 3.52 6.19
C LEU D 213 -21.35 3.78 6.80
N VAL D 214 -21.07 5.03 7.16
CA VAL D 214 -19.92 5.40 7.97
C VAL D 214 -20.47 5.80 9.34
N VAL D 215 -20.20 4.98 10.35
CA VAL D 215 -20.55 5.26 11.73
C VAL D 215 -19.31 5.82 12.43
N CYS D 216 -19.42 7.07 12.87
CA CYS D 216 -18.39 7.77 13.60
C CYS D 216 -18.67 7.54 15.08
N ARG D 217 -17.75 6.89 15.80
CA ARG D 217 -17.72 6.96 17.25
C ARG D 217 -17.18 8.34 17.64
N CYS D 218 -18.11 9.20 18.01
CA CYS D 218 -17.89 10.54 18.50
C CYS D 218 -17.82 10.46 20.03
N SER D 219 -17.21 11.45 20.68
CA SER D 219 -17.48 11.72 22.09
C SER D 219 -18.74 12.59 22.14
N ASN D 220 -18.54 13.90 21.94
CA ASN D 220 -19.59 14.89 21.70
C ASN D 220 -20.05 14.78 20.24
N PRO D 221 -21.34 15.04 19.94
CA PRO D 221 -21.90 15.01 18.58
C PRO D 221 -21.08 15.74 17.50
N LEU D 222 -21.04 15.20 16.28
CA LEU D 222 -20.39 15.85 15.14
C LEU D 222 -21.05 17.19 14.80
N ASP D 223 -20.22 18.19 14.47
CA ASP D 223 -20.69 19.37 13.74
C ASP D 223 -21.04 18.96 12.29
N THR D 224 -21.94 19.74 11.69
CA THR D 224 -22.34 19.71 10.29
C THR D 224 -21.12 19.72 9.34
N SER D 225 -20.16 20.62 9.56
CA SER D 225 -18.94 20.76 8.77
C SER D 225 -18.08 19.49 8.75
N VAL D 226 -17.99 18.82 9.91
CA VAL D 226 -17.24 17.58 10.12
C VAL D 226 -17.95 16.41 9.43
N LYS D 227 -19.29 16.34 9.53
CA LYS D 227 -20.11 15.37 8.80
C LYS D 227 -19.98 15.54 7.27
N GLU D 228 -20.04 16.79 6.80
CA GLU D 228 -19.85 17.13 5.39
C GLU D 228 -18.44 16.76 4.88
N LYS D 229 -17.40 17.09 5.65
CA LYS D 229 -16.01 16.70 5.37
C LYS D 229 -15.84 15.16 5.32
N ILE D 230 -16.45 14.43 6.25
CA ILE D 230 -16.49 12.97 6.23
C ILE D 230 -17.22 12.44 4.97
N SER D 231 -18.39 12.99 4.65
CA SER D 231 -19.16 12.63 3.46
C SER D 231 -18.37 12.82 2.16
N MET D 232 -17.66 13.95 2.07
CA MET D 232 -16.75 14.32 0.98
C MET D 232 -15.60 13.32 0.83
N PHE D 233 -14.76 13.21 1.85
CA PHE D 233 -13.53 12.41 1.80
C PHE D 233 -13.73 10.89 1.86
N CYS D 234 -14.89 10.44 2.37
CA CYS D 234 -15.32 9.04 2.30
C CYS D 234 -16.13 8.76 1.03
N HIS D 235 -16.47 9.81 0.26
CA HIS D 235 -17.22 9.81 -0.99
C HIS D 235 -18.56 9.08 -0.88
N VAL D 236 -19.36 9.52 0.09
CA VAL D 236 -20.65 8.93 0.44
C VAL D 236 -21.61 10.07 0.83
N GLU D 237 -22.92 9.83 0.67
CA GLU D 237 -24.02 10.73 1.02
C GLU D 237 -24.05 11.07 2.54
N PRO D 238 -24.17 12.35 2.94
CA PRO D 238 -24.39 12.77 4.35
C PRO D 238 -25.39 11.99 5.21
N GLU D 239 -26.55 11.59 4.64
CA GLU D 239 -27.54 10.71 5.26
C GLU D 239 -26.97 9.35 5.74
N GLN D 240 -25.91 8.88 5.06
CA GLN D 240 -25.22 7.63 5.38
C GLN D 240 -23.99 7.84 6.29
N VAL D 241 -23.74 9.08 6.72
CA VAL D 241 -22.74 9.38 7.73
C VAL D 241 -23.48 9.54 9.07
N ILE D 242 -23.20 8.61 9.99
CA ILE D 242 -23.83 8.51 11.29
C ILE D 242 -22.81 8.92 12.37
N CYS D 243 -23.27 9.66 13.38
CA CYS D 243 -22.55 9.86 14.62
C CYS D 243 -23.23 9.01 15.69
N VAL D 244 -22.46 8.14 16.34
CA VAL D 244 -22.83 7.58 17.62
C VAL D 244 -21.95 8.30 18.66
N HIS D 245 -22.61 9.09 19.51
CA HIS D 245 -21.98 9.92 20.53
C HIS D 245 -22.27 9.32 21.90
N ASP D 246 -21.58 9.86 22.92
CA ASP D 246 -21.82 9.55 24.33
C ASP D 246 -23.28 9.84 24.72
N VAL D 247 -23.92 8.85 25.36
CA VAL D 247 -25.30 8.86 25.81
C VAL D 247 -25.38 8.25 27.22
N SER D 248 -26.45 8.54 27.95
CA SER D 248 -26.63 8.24 29.38
C SER D 248 -26.68 6.75 29.74
N SER D 249 -27.07 5.90 28.79
CA SER D 249 -27.21 4.47 28.97
C SER D 249 -27.05 3.78 27.62
N ILE D 250 -26.66 2.50 27.68
CA ILE D 250 -26.58 1.56 26.58
C ILE D 250 -27.89 1.48 25.76
N TYR D 251 -29.02 1.66 26.47
CA TYR D 251 -30.37 1.57 25.94
C TYR D 251 -30.70 2.64 24.91
N ARG D 252 -29.95 3.76 24.91
CA ARG D 252 -30.10 4.83 23.94
C ARG D 252 -29.31 4.60 22.64
N VAL D 253 -28.39 3.63 22.57
CA VAL D 253 -27.57 3.43 21.38
C VAL D 253 -28.36 2.97 20.12
N PRO D 254 -29.32 2.02 20.24
CA PRO D 254 -30.27 1.75 19.14
C PRO D 254 -31.15 2.94 18.75
N LEU D 255 -31.58 3.72 19.75
CA LEU D 255 -32.45 4.89 19.58
C LEU D 255 -31.75 6.02 18.81
N LEU D 256 -30.45 6.19 19.04
CA LEU D 256 -29.61 7.14 18.32
C LEU D 256 -29.41 6.72 16.86
N LEU D 257 -29.17 5.41 16.63
CA LEU D 257 -29.09 4.84 15.29
C LEU D 257 -30.43 4.91 14.53
N GLU D 258 -31.53 4.70 15.25
CA GLU D 258 -32.90 4.90 14.77
C GLU D 258 -33.15 6.34 14.31
N GLU D 259 -32.83 7.31 15.18
CA GLU D 259 -32.88 8.75 14.91
C GLU D 259 -32.02 9.14 13.69
N GLN D 260 -30.81 8.57 13.61
CA GLN D 260 -29.89 8.69 12.50
C GLN D 260 -30.32 8.00 11.19
N GLY D 261 -31.45 7.29 11.17
CA GLY D 261 -32.11 6.83 9.95
C GLY D 261 -31.58 5.48 9.44
N VAL D 262 -30.80 4.73 10.22
CA VAL D 262 -30.19 3.48 9.73
C VAL D 262 -31.24 2.40 9.39
N VAL D 263 -32.37 2.41 10.11
CA VAL D 263 -33.53 1.53 9.91
C VAL D 263 -34.07 1.68 8.47
N ASP D 264 -34.38 2.94 8.12
CA ASP D 264 -34.89 3.41 6.84
C ASP D 264 -33.90 3.10 5.72
N TYR D 265 -32.60 3.32 6.00
CA TYR D 265 -31.51 2.97 5.11
C TYR D 265 -31.47 1.47 4.81
N PHE D 266 -31.36 0.62 5.84
CA PHE D 266 -31.30 -0.83 5.67
C PHE D 266 -32.55 -1.43 5.00
N LEU D 267 -33.73 -0.91 5.31
CA LEU D 267 -34.99 -1.28 4.67
C LEU D 267 -34.94 -1.13 3.14
N ARG D 268 -34.46 0.02 2.66
CA ARG D 268 -34.30 0.26 1.21
C ARG D 268 -33.05 -0.43 0.64
N ARG D 269 -31.92 -0.33 1.34
CA ARG D 269 -30.61 -0.78 0.89
C ARG D 269 -30.49 -2.30 0.74
N LEU D 270 -31.18 -3.06 1.62
CA LEU D 270 -31.21 -4.52 1.59
C LEU D 270 -32.55 -5.04 1.03
N ASP D 271 -33.46 -4.14 0.64
CA ASP D 271 -34.79 -4.42 0.08
C ASP D 271 -35.61 -5.35 1.01
N LEU D 272 -35.75 -4.96 2.26
CA LEU D 272 -36.34 -5.76 3.32
C LEU D 272 -37.88 -5.60 3.32
N PRO D 273 -38.62 -6.69 3.64
CA PRO D 273 -40.09 -6.62 3.77
C PRO D 273 -40.58 -5.80 4.98
N LEU D 282 -37.98 -1.17 19.71
CA LEU D 282 -37.25 -0.02 20.26
C LEU D 282 -38.04 0.88 21.23
N MET D 283 -39.37 0.78 21.26
CA MET D 283 -40.22 1.41 22.28
C MET D 283 -39.92 0.92 23.71
N LYS D 284 -39.50 -0.34 23.85
CA LYS D 284 -39.00 -0.89 25.11
C LYS D 284 -37.67 -0.24 25.52
N TRP D 285 -36.85 0.09 24.53
CA TRP D 285 -35.54 0.72 24.70
C TRP D 285 -35.65 2.20 25.09
N LYS D 286 -36.73 2.88 24.66
CA LYS D 286 -37.16 4.18 25.20
C LYS D 286 -37.42 4.04 26.71
N GLU D 287 -38.29 3.08 27.07
CA GLU D 287 -38.70 2.81 28.44
C GLU D 287 -37.50 2.47 29.33
N MET D 288 -36.65 1.51 28.94
CA MET D 288 -35.45 1.12 29.70
C MET D 288 -34.47 2.28 29.95
N ALA D 289 -34.26 3.13 28.94
CA ALA D 289 -33.43 4.32 29.05
C ALA D 289 -34.03 5.37 29.99
N ASP D 290 -35.30 5.72 29.75
CA ASP D 290 -36.05 6.69 30.55
C ASP D 290 -36.27 6.22 31.99
N ARG D 291 -36.44 4.92 32.19
CA ARG D 291 -36.50 4.28 33.50
C ARG D 291 -35.15 4.42 34.22
N TYR D 292 -34.04 4.08 33.55
CA TYR D 292 -32.69 4.18 34.09
C TYR D 292 -32.37 5.61 34.57
N ASP D 293 -32.68 6.59 33.72
CA ASP D 293 -32.48 8.02 33.98
C ASP D 293 -33.40 8.61 35.07
N ARG D 294 -34.37 7.85 35.60
CA ARG D 294 -35.24 8.29 36.69
C ARG D 294 -35.14 7.39 37.95
N LEU D 295 -34.13 6.50 38.02
CA LEU D 295 -33.88 5.72 39.24
C LEU D 295 -33.21 6.60 40.29
N LEU D 296 -33.97 6.98 41.32
CA LEU D 296 -33.52 7.88 42.38
C LEU D 296 -32.84 7.12 43.53
N GLU D 297 -33.34 5.92 43.85
CA GLU D 297 -32.78 5.04 44.86
C GLU D 297 -31.61 4.22 44.26
N THR D 298 -30.78 3.69 45.14
CA THR D 298 -29.55 3.02 44.76
C THR D 298 -29.37 1.76 45.58
N CYS D 299 -28.59 0.83 45.05
CA CYS D 299 -28.14 -0.38 45.69
C CYS D 299 -26.63 -0.46 45.48
N SER D 300 -25.90 -0.85 46.50
CA SER D 300 -24.46 -0.97 46.43
C SER D 300 -24.08 -2.44 46.56
N ILE D 301 -23.38 -2.98 45.57
CA ILE D 301 -23.08 -4.42 45.50
C ILE D 301 -21.56 -4.63 45.44
N ALA D 302 -21.00 -5.44 46.33
CA ALA D 302 -19.58 -5.79 46.28
C ALA D 302 -19.34 -6.83 45.21
N LEU D 303 -18.42 -6.56 44.29
CA LEU D 303 -17.89 -7.56 43.37
C LEU D 303 -16.45 -7.85 43.79
N VAL D 304 -16.22 -9.01 44.39
CA VAL D 304 -14.89 -9.44 44.85
C VAL D 304 -14.22 -10.33 43.80
N GLY D 305 -13.30 -9.76 43.03
CA GLY D 305 -12.73 -10.38 41.83
C GLY D 305 -11.26 -10.77 41.95
N LYS D 306 -10.60 -10.85 40.80
CA LYS D 306 -9.14 -11.01 40.62
C LYS D 306 -8.76 -10.18 39.39
N TYR D 307 -9.63 -10.21 38.38
CA TYR D 307 -9.30 -9.79 37.02
C TYR D 307 -9.65 -8.32 36.76
N ASP D 312 -13.67 -5.28 32.91
CA ASP D 312 -14.05 -5.89 31.62
C ASP D 312 -14.14 -7.42 31.64
N SER D 313 -13.34 -8.08 32.49
CA SER D 313 -13.41 -9.52 32.75
C SER D 313 -14.75 -9.98 33.35
N TYR D 314 -15.50 -9.07 33.95
CA TYR D 314 -16.79 -9.34 34.57
C TYR D 314 -17.91 -8.66 33.79
N ALA D 315 -17.73 -8.42 32.49
CA ALA D 315 -18.68 -7.74 31.62
C ALA D 315 -20.11 -8.29 31.69
N SER D 316 -20.29 -9.60 31.47
CA SER D 316 -21.60 -10.26 31.64
C SER D 316 -22.17 -10.13 33.05
N VAL D 317 -21.30 -10.27 34.07
CA VAL D 317 -21.66 -10.19 35.49
C VAL D 317 -22.18 -8.80 35.84
N ILE D 318 -21.43 -7.76 35.49
CA ILE D 318 -21.82 -6.35 35.66
C ILE D 318 -23.15 -6.03 34.97
N LYS D 319 -23.34 -6.52 33.75
CA LYS D 319 -24.57 -6.37 32.98
C LYS D 319 -25.77 -7.07 33.65
N ALA D 320 -25.56 -8.29 34.17
CA ALA D 320 -26.57 -9.06 34.90
C ALA D 320 -27.03 -8.38 36.19
N LEU D 321 -26.09 -7.80 36.91
CA LEU D 321 -26.38 -6.96 38.07
C LEU D 321 -27.17 -5.72 37.66
N GLU D 322 -26.83 -5.06 36.57
CA GLU D 322 -27.49 -3.85 36.08
C GLU D 322 -28.91 -4.12 35.52
N HIS D 323 -29.15 -5.29 34.92
CA HIS D 323 -30.50 -5.76 34.57
C HIS D 323 -31.37 -5.92 35.82
N SER D 324 -30.78 -6.56 36.84
CA SER D 324 -31.40 -6.82 38.14
C SER D 324 -31.73 -5.51 38.87
N ALA D 325 -30.79 -4.55 38.86
CA ALA D 325 -30.92 -3.20 39.39
C ALA D 325 -32.07 -2.42 38.73
N LEU D 326 -32.09 -2.42 37.39
CA LEU D 326 -33.14 -1.79 36.59
C LEU D 326 -34.54 -2.38 36.87
N ALA D 327 -34.58 -3.70 37.13
CA ALA D 327 -35.79 -4.46 37.45
C ALA D 327 -36.34 -4.18 38.86
N ILE D 328 -35.46 -4.07 39.88
CA ILE D 328 -35.87 -3.64 41.22
C ILE D 328 -36.14 -2.12 41.30
N ASN D 329 -35.63 -1.38 40.31
CA ASN D 329 -35.75 0.07 40.08
C ASN D 329 -34.81 0.89 40.97
N HIS D 330 -33.59 0.39 41.16
CA HIS D 330 -32.50 1.10 41.84
C HIS D 330 -31.36 1.32 40.86
N LYS D 331 -30.59 2.40 41.05
CA LYS D 331 -29.22 2.48 40.56
C LYS D 331 -28.32 1.41 41.23
N LEU D 332 -27.20 1.11 40.59
CA LEU D 332 -26.23 0.15 41.09
C LEU D 332 -24.89 0.87 41.25
N GLU D 333 -24.24 0.63 42.40
CA GLU D 333 -22.92 1.13 42.72
C GLU D 333 -22.08 -0.12 43.02
N ILE D 334 -21.42 -0.67 41.99
CA ILE D 334 -20.59 -1.88 42.10
C ILE D 334 -19.26 -1.51 42.75
N LYS D 335 -19.06 -1.99 43.97
CA LYS D 335 -17.80 -1.85 44.70
C LYS D 335 -16.83 -2.89 44.19
N TYR D 336 -16.06 -2.54 43.16
CA TYR D 336 -14.97 -3.36 42.64
C TYR D 336 -13.82 -3.42 43.64
N ILE D 337 -13.60 -4.65 44.11
CA ILE D 337 -12.67 -5.09 45.12
C ILE D 337 -11.75 -6.14 44.50
N ASP D 338 -10.45 -5.92 44.52
CA ASP D 338 -9.46 -6.97 44.28
C ASP D 338 -9.43 -7.90 45.49
N SER D 339 -9.75 -9.18 45.33
CA SER D 339 -9.76 -10.12 46.44
C SER D 339 -8.37 -10.34 47.09
N ALA D 340 -7.28 -10.04 46.40
CA ALA D 340 -5.94 -10.08 46.97
C ALA D 340 -5.65 -8.90 47.92
N ASP D 341 -6.38 -7.77 47.84
CA ASP D 341 -6.29 -6.69 48.82
C ASP D 341 -6.92 -7.07 50.17
N LEU D 342 -7.95 -7.92 50.18
CA LEU D 342 -8.60 -8.39 51.41
C LEU D 342 -7.75 -9.40 52.18
N GLU D 343 -6.74 -10.02 51.55
CA GLU D 343 -5.89 -11.00 52.19
C GLU D 343 -4.90 -10.33 53.17
N PRO D 344 -4.63 -10.93 54.35
CA PRO D 344 -3.89 -10.26 55.43
C PRO D 344 -2.44 -9.90 55.05
N ILE D 345 -1.89 -10.57 54.04
CA ILE D 345 -0.58 -10.37 53.43
C ILE D 345 -0.44 -8.92 52.88
N THR D 346 -1.49 -8.42 52.22
CA THR D 346 -1.54 -7.04 51.73
C THR D 346 -1.47 -6.01 52.86
N SER D 347 -1.99 -6.33 54.05
CA SER D 347 -1.92 -5.44 55.22
C SER D 347 -0.48 -5.22 55.73
N GLN D 348 0.45 -6.11 55.37
CA GLN D 348 1.85 -6.02 55.79
C GLN D 348 2.62 -5.05 54.89
N GLU D 349 2.32 -5.05 53.59
CA GLU D 349 3.01 -4.23 52.58
C GLU D 349 2.29 -2.89 52.35
N GLU D 350 0.96 -2.95 52.19
CA GLU D 350 0.12 -1.85 51.76
C GLU D 350 -1.19 -1.86 52.58
N PRO D 351 -1.13 -1.51 53.88
CA PRO D 351 -2.34 -1.41 54.72
C PRO D 351 -3.43 -0.47 54.18
N VAL D 352 -3.05 0.54 53.40
CA VAL D 352 -3.96 1.39 52.63
C VAL D 352 -4.86 0.61 51.64
N ARG D 353 -4.31 -0.37 50.92
CA ARG D 353 -5.08 -1.22 50.01
C ARG D 353 -6.06 -2.11 50.79
N TYR D 354 -5.55 -2.72 51.87
CA TYR D 354 -6.33 -3.58 52.75
C TYR D 354 -7.55 -2.86 53.36
N HIS D 355 -7.30 -1.69 53.96
CA HIS D 355 -8.35 -0.94 54.64
C HIS D 355 -9.33 -0.29 53.66
N GLU D 356 -8.91 0.11 52.46
CA GLU D 356 -9.84 0.56 51.42
C GLU D 356 -10.71 -0.58 50.88
N ALA D 357 -10.11 -1.75 50.63
CA ALA D 357 -10.82 -2.95 50.19
C ALA D 357 -11.84 -3.44 51.24
N TRP D 358 -11.49 -3.43 52.52
CA TRP D 358 -12.41 -3.77 53.62
C TRP D 358 -13.43 -2.66 53.96
N GLN D 359 -13.14 -1.37 53.77
CA GLN D 359 -14.19 -0.35 53.81
C GLN D 359 -15.23 -0.55 52.69
N LYS D 360 -14.77 -0.86 51.46
CA LYS D 360 -15.65 -1.20 50.34
C LYS D 360 -16.54 -2.39 50.66
N LEU D 361 -15.97 -3.54 51.01
CA LEU D 361 -16.75 -4.75 51.25
C LEU D 361 -17.76 -4.57 52.38
N CYS D 362 -17.38 -3.89 53.46
CA CYS D 362 -18.24 -3.80 54.64
C CYS D 362 -19.42 -2.84 54.47
N SER D 363 -19.26 -1.81 53.66
CA SER D 363 -20.32 -0.84 53.36
C SER D 363 -21.27 -1.28 52.25
N ALA D 364 -21.02 -2.39 51.56
CA ALA D 364 -21.93 -2.95 50.54
C ALA D 364 -23.27 -3.42 51.12
N HIS D 365 -24.33 -3.41 50.30
CA HIS D 365 -25.65 -3.94 50.65
C HIS D 365 -25.76 -5.45 50.39
N GLY D 366 -24.90 -6.00 49.55
CA GLY D 366 -24.77 -7.43 49.28
C GLY D 366 -23.46 -7.69 48.54
N VAL D 367 -23.11 -8.96 48.35
CA VAL D 367 -21.85 -9.40 47.78
C VAL D 367 -22.06 -10.40 46.63
N LEU D 368 -21.19 -10.31 45.64
CA LEU D 368 -21.11 -11.22 44.51
C LEU D 368 -19.68 -11.75 44.37
N VAL D 369 -19.55 -13.06 44.28
CA VAL D 369 -18.26 -13.78 44.26
C VAL D 369 -18.18 -14.59 42.96
N PRO D 370 -17.69 -14.00 41.86
CA PRO D 370 -17.81 -14.58 40.54
C PRO D 370 -16.77 -15.67 40.23
N GLY D 371 -16.90 -16.32 39.08
CA GLY D 371 -16.07 -17.46 38.70
C GLY D 371 -14.59 -17.14 38.47
N GLY D 372 -13.77 -18.18 38.42
CA GLY D 372 -12.36 -18.10 38.02
C GLY D 372 -11.59 -19.38 38.29
N PHE D 373 -10.26 -19.32 38.13
CA PHE D 373 -9.31 -20.42 38.31
C PHE D 373 -7.99 -19.88 38.91
N GLY D 374 -7.21 -20.75 39.55
CA GLY D 374 -5.92 -20.40 40.15
C GLY D 374 -6.03 -19.82 41.57
N VAL D 375 -4.90 -19.74 42.28
CA VAL D 375 -4.89 -19.50 43.73
C VAL D 375 -5.14 -18.03 44.11
N ARG D 376 -4.83 -17.06 43.23
CA ARG D 376 -5.00 -15.62 43.53
C ARG D 376 -6.39 -15.34 44.10
N GLY D 377 -6.46 -14.55 45.16
CA GLY D 377 -7.71 -14.08 45.74
C GLY D 377 -8.57 -15.16 46.41
N THR D 378 -8.10 -16.40 46.51
CA THR D 378 -8.92 -17.53 47.03
C THR D 378 -9.21 -17.38 48.52
N GLU D 379 -8.22 -17.05 49.34
CA GLU D 379 -8.46 -16.80 50.76
C GLU D 379 -9.24 -15.50 50.98
N GLY D 380 -9.04 -14.50 50.13
CA GLY D 380 -9.84 -13.28 50.13
C GLY D 380 -11.32 -13.50 49.80
N LYS D 381 -11.63 -14.38 48.84
CA LYS D 381 -12.99 -14.75 48.50
C LYS D 381 -13.63 -15.55 49.62
N ILE D 382 -12.89 -16.48 50.23
CA ILE D 382 -13.31 -17.22 51.42
C ILE D 382 -13.61 -16.26 52.58
N GLN D 383 -12.81 -15.23 52.82
CA GLN D 383 -13.07 -14.20 53.83
C GLN D 383 -14.24 -13.27 53.48
N ALA D 384 -14.47 -12.95 52.20
CA ALA D 384 -15.63 -12.16 51.78
C ALA D 384 -16.94 -12.93 51.93
N ILE D 385 -16.92 -14.24 51.70
CA ILE D 385 -18.02 -15.15 52.02
C ILE D 385 -18.18 -15.28 53.55
N ALA D 386 -17.09 -15.31 54.32
CA ALA D 386 -17.14 -15.30 55.79
C ALA D 386 -17.87 -14.06 56.32
N TRP D 387 -17.50 -12.89 55.81
CA TRP D 387 -18.16 -11.62 56.08
C TRP D 387 -19.64 -11.66 55.74
N ALA D 388 -20.00 -12.26 54.60
CA ALA D 388 -21.39 -12.48 54.25
C ALA D 388 -22.12 -13.36 55.25
N ARG D 389 -21.51 -14.41 55.81
CA ARG D 389 -22.15 -15.28 56.79
C ARG D 389 -22.44 -14.51 58.09
N ASN D 390 -21.37 -13.98 58.71
CA ASN D 390 -21.43 -13.49 60.09
C ASN D 390 -22.10 -12.11 60.23
N GLN D 391 -22.03 -11.26 59.20
CA GLN D 391 -22.73 -9.97 59.18
C GLN D 391 -24.11 -10.08 58.51
N LYS D 392 -24.45 -11.25 57.97
CA LYS D 392 -25.70 -11.56 57.24
C LYS D 392 -25.93 -10.69 55.99
N LYS D 393 -24.87 -10.19 55.34
CA LYS D 393 -25.02 -9.52 54.04
C LYS D 393 -25.42 -10.57 52.99
N PRO D 394 -26.44 -10.33 52.15
CA PRO D 394 -26.78 -11.16 51.00
C PRO D 394 -25.61 -11.49 50.08
N PHE D 395 -25.44 -12.76 49.75
CA PHE D 395 -24.34 -13.33 48.98
C PHE D 395 -24.86 -14.16 47.81
N LEU D 396 -24.30 -13.90 46.63
CA LEU D 396 -24.29 -14.85 45.53
C LEU D 396 -22.85 -15.24 45.22
N GLY D 397 -22.54 -16.53 45.24
CA GLY D 397 -21.30 -17.06 44.67
C GLY D 397 -21.61 -17.68 43.33
N VAL D 398 -20.88 -17.31 42.29
CA VAL D 398 -21.04 -17.82 40.92
C VAL D 398 -19.83 -18.65 40.53
N CYS D 399 -20.04 -19.88 40.10
CA CYS D 399 -19.04 -20.89 39.79
C CYS D 399 -18.05 -21.15 40.92
N LEU D 400 -16.93 -20.44 40.96
CA LEU D 400 -15.94 -20.59 42.02
C LEU D 400 -16.49 -20.10 43.36
N GLY D 401 -17.26 -19.00 43.40
CA GLY D 401 -17.82 -18.50 44.64
C GLY D 401 -18.64 -19.53 45.42
N MET D 402 -19.30 -20.46 44.73
CA MET D 402 -20.03 -21.58 45.33
C MET D 402 -19.06 -22.55 46.04
N GLN D 403 -18.01 -22.94 45.34
CA GLN D 403 -17.01 -23.86 45.83
C GLN D 403 -16.34 -23.30 47.07
N LEU D 404 -16.02 -22.01 47.06
CA LEU D 404 -15.40 -21.33 48.18
C LEU D 404 -16.34 -21.13 49.37
N ALA D 405 -17.65 -21.17 49.16
CA ALA D 405 -18.66 -21.16 50.21
C ALA D 405 -18.74 -22.48 50.96
N VAL D 406 -18.54 -23.59 50.25
CA VAL D 406 -18.41 -24.92 50.84
C VAL D 406 -17.15 -25.01 51.73
N VAL D 407 -16.06 -24.45 51.24
CA VAL D 407 -14.79 -24.26 51.96
C VAL D 407 -14.96 -23.40 53.21
N GLU D 408 -15.54 -22.21 53.09
CA GLU D 408 -15.76 -21.29 54.21
C GLU D 408 -16.69 -21.88 55.29
N PHE D 409 -17.78 -22.55 54.89
CA PHE D 409 -18.66 -23.30 55.80
C PHE D 409 -17.87 -24.38 56.56
N SER D 410 -17.13 -25.23 55.81
CA SER D 410 -16.35 -26.33 56.34
C SER D 410 -15.32 -25.92 57.41
N ARG D 411 -14.62 -24.81 57.14
CA ARG D 411 -13.61 -24.23 58.01
C ARG D 411 -14.19 -23.72 59.33
N ASN D 412 -15.40 -23.16 59.34
CA ASN D 412 -15.95 -22.45 60.50
C ASN D 412 -17.05 -23.22 61.22
N VAL D 413 -17.92 -23.91 60.49
CA VAL D 413 -19.11 -24.57 61.03
C VAL D 413 -18.80 -26.04 61.37
N LEU D 414 -18.02 -26.72 60.53
CA LEU D 414 -17.60 -28.11 60.77
C LEU D 414 -16.23 -28.16 61.49
N GLY D 415 -15.51 -27.04 61.53
CA GLY D 415 -14.23 -26.91 62.23
C GLY D 415 -13.07 -27.53 61.43
N TRP D 416 -13.31 -27.89 60.16
CA TRP D 416 -12.33 -28.45 59.23
C TRP D 416 -11.41 -27.34 58.69
N GLN D 417 -10.68 -26.66 59.59
CA GLN D 417 -9.93 -25.43 59.34
C GLN D 417 -8.90 -25.53 58.19
N ASP D 418 -8.45 -26.76 57.90
CA ASP D 418 -7.58 -27.09 56.77
C ASP D 418 -8.27 -26.94 55.40
N ALA D 419 -9.60 -27.08 55.32
CA ALA D 419 -10.36 -27.42 54.11
C ALA D 419 -10.14 -26.46 52.95
N ASN D 420 -10.11 -26.99 51.74
CA ASN D 420 -9.86 -26.24 50.51
C ASN D 420 -10.30 -27.06 49.29
N SER D 421 -9.99 -26.55 48.11
CA SER D 421 -10.04 -27.32 46.86
C SER D 421 -8.77 -28.14 46.63
N THR D 422 -8.89 -29.17 45.81
CA THR D 422 -7.78 -29.88 45.19
C THR D 422 -7.00 -29.02 44.16
N GLU D 423 -7.54 -27.87 43.75
CA GLU D 423 -6.79 -26.95 42.90
C GLU D 423 -5.77 -26.16 43.72
N PHE D 424 -6.19 -25.63 44.87
CA PHE D 424 -5.45 -24.61 45.62
C PHE D 424 -4.55 -25.21 46.70
N ASP D 425 -4.97 -26.27 47.39
CA ASP D 425 -4.18 -27.02 48.36
C ASP D 425 -4.49 -28.53 48.27
N PRO D 426 -3.94 -29.23 47.26
CA PRO D 426 -4.13 -30.68 47.06
C PRO D 426 -3.69 -31.60 48.21
N THR D 427 -2.88 -31.09 49.14
CA THR D 427 -2.38 -31.79 50.33
C THR D 427 -3.40 -31.85 51.49
N THR D 428 -4.52 -31.14 51.38
CA THR D 428 -5.54 -30.99 52.43
C THR D 428 -6.27 -32.31 52.78
N SER D 429 -6.57 -32.51 54.07
CA SER D 429 -7.23 -33.72 54.58
C SER D 429 -8.77 -33.67 54.40
N HIS D 430 -9.33 -32.47 54.18
CA HIS D 430 -10.72 -32.24 53.83
C HIS D 430 -10.79 -31.55 52.45
N PRO D 431 -10.58 -32.30 51.34
CA PRO D 431 -10.82 -31.77 49.99
C PRO D 431 -12.33 -31.71 49.70
N VAL D 432 -12.99 -30.63 50.14
CA VAL D 432 -14.44 -30.50 50.13
C VAL D 432 -15.02 -30.16 48.75
N VAL D 433 -14.17 -29.67 47.86
CA VAL D 433 -14.43 -29.55 46.44
C VAL D 433 -13.21 -30.19 45.75
N VAL D 434 -13.50 -31.06 44.79
CA VAL D 434 -12.55 -31.94 44.13
C VAL D 434 -12.64 -31.76 42.61
N ASP D 435 -11.54 -32.08 41.91
CA ASP D 435 -11.48 -32.24 40.46
C ASP D 435 -12.42 -33.40 40.05
N MET D 436 -13.39 -33.08 39.18
CA MET D 436 -14.45 -33.99 38.77
C MET D 436 -14.83 -33.69 37.32
N PRO D 437 -13.96 -34.03 36.35
CA PRO D 437 -14.27 -33.83 34.93
C PRO D 437 -15.45 -34.69 34.46
N GLU D 438 -16.08 -34.28 33.34
CA GLU D 438 -17.15 -35.03 32.71
C GLU D 438 -16.63 -36.34 32.11
N HIS D 439 -17.20 -37.45 32.58
CA HIS D 439 -16.94 -38.82 32.16
C HIS D 439 -17.54 -39.15 30.77
N THR D 447 -13.42 -34.25 30.46
CA THR D 447 -13.39 -32.85 30.01
C THR D 447 -14.04 -31.92 31.05
N MET D 448 -13.99 -30.61 30.79
CA MET D 448 -14.63 -29.56 31.58
C MET D 448 -16.16 -29.67 31.50
N ARG D 449 -16.86 -29.39 32.60
CA ARG D 449 -18.31 -29.19 32.60
C ARG D 449 -18.58 -27.81 32.01
N LEU D 450 -18.74 -27.82 30.69
CA LEU D 450 -18.64 -26.66 29.82
C LEU D 450 -19.85 -26.66 28.90
N GLY D 451 -20.65 -25.60 28.98
CA GLY D 451 -21.86 -25.43 28.18
C GLY D 451 -23.10 -25.69 29.02
N LYS D 452 -24.26 -25.75 28.33
CA LYS D 452 -25.59 -25.92 28.89
C LYS D 452 -25.78 -27.32 29.48
N ARG D 453 -25.96 -27.39 30.80
CA ARG D 453 -26.39 -28.59 31.51
C ARG D 453 -27.73 -28.27 32.17
N ARG D 454 -28.52 -29.32 32.44
CA ARG D 454 -29.77 -29.23 33.19
C ARG D 454 -29.48 -29.50 34.67
N THR D 455 -29.88 -28.56 35.53
CA THR D 455 -29.91 -28.72 36.96
C THR D 455 -31.36 -29.01 37.38
N LEU D 456 -31.54 -29.98 38.28
CA LEU D 456 -32.81 -30.30 38.91
C LEU D 456 -32.81 -29.65 40.30
N PHE D 457 -33.91 -29.01 40.67
CA PHE D 457 -34.15 -28.59 42.04
C PHE D 457 -34.66 -29.79 42.83
N GLN D 458 -33.88 -30.21 43.83
CA GLN D 458 -34.12 -31.44 44.59
C GLN D 458 -35.21 -31.31 45.66
N THR D 459 -35.92 -30.18 45.73
CA THR D 459 -36.79 -29.82 46.84
C THR D 459 -37.69 -28.62 46.44
N LYS D 460 -38.58 -28.25 47.37
CA LYS D 460 -39.27 -26.97 47.43
C LYS D 460 -38.66 -26.02 48.47
N ASN D 461 -37.81 -26.50 49.41
CA ASN D 461 -37.18 -25.64 50.42
C ASN D 461 -35.98 -24.89 49.84
N SER D 462 -36.28 -23.96 48.92
CA SER D 462 -35.32 -23.16 48.19
C SER D 462 -36.00 -21.86 47.82
N VAL D 463 -35.39 -20.72 48.17
CA VAL D 463 -35.77 -19.42 47.63
C VAL D 463 -35.40 -19.34 46.14
N MET D 464 -34.29 -19.99 45.77
CA MET D 464 -33.79 -20.05 44.40
C MET D 464 -34.75 -20.70 43.43
N ARG D 465 -35.39 -21.81 43.84
CA ARG D 465 -36.43 -22.45 43.04
C ARG D 465 -37.61 -21.50 42.74
N LYS D 466 -38.03 -20.74 43.76
CA LYS D 466 -39.14 -19.80 43.68
C LYS D 466 -38.80 -18.59 42.78
N LEU D 467 -37.55 -18.12 42.83
CA LEU D 467 -37.01 -17.11 41.93
C LEU D 467 -36.98 -17.61 40.48
N TYR D 468 -36.61 -18.88 40.25
CA TYR D 468 -36.77 -19.62 38.99
C TYR D 468 -38.24 -20.08 38.73
N GLY D 469 -39.24 -19.31 39.20
CA GLY D 469 -40.65 -19.48 38.85
C GLY D 469 -41.31 -20.72 39.49
N ASP D 470 -40.65 -21.35 40.46
CA ASP D 470 -41.02 -22.62 41.12
C ASP D 470 -40.84 -23.83 40.17
N ALA D 471 -40.02 -23.66 39.12
CA ALA D 471 -39.67 -24.71 38.17
C ALA D 471 -38.89 -25.87 38.82
N ASP D 472 -39.15 -27.09 38.37
CA ASP D 472 -38.51 -28.32 38.83
C ASP D 472 -37.05 -28.42 38.37
N TYR D 473 -36.75 -27.82 37.21
CA TYR D 473 -35.42 -27.76 36.64
C TYR D 473 -35.18 -26.39 36.03
N LEU D 474 -33.90 -26.15 35.73
CA LEU D 474 -33.40 -25.04 34.94
C LEU D 474 -32.28 -25.60 34.08
N GLU D 475 -31.90 -24.87 33.02
CA GLU D 475 -30.80 -25.22 32.14
C GLU D 475 -29.92 -23.99 32.02
N GLU D 476 -28.67 -24.10 32.47
CA GLU D 476 -27.73 -22.99 32.59
C GLU D 476 -26.34 -23.41 32.11
N ARG D 477 -25.55 -22.42 31.66
CA ARG D 477 -24.21 -22.65 31.13
C ARG D 477 -23.17 -22.69 32.24
N HIS D 478 -22.46 -23.82 32.28
CA HIS D 478 -21.41 -24.16 33.20
C HIS D 478 -20.05 -23.93 32.52
N ARG D 479 -18.95 -23.82 33.28
CA ARG D 479 -17.57 -23.72 32.78
C ARG D 479 -16.58 -24.06 33.88
N HIS D 480 -16.56 -25.29 34.35
CA HIS D 480 -15.71 -25.69 35.49
C HIS D 480 -15.28 -27.16 35.40
N ARG D 481 -14.15 -27.53 36.00
CA ARG D 481 -13.74 -28.94 36.16
C ARG D 481 -14.03 -29.48 37.55
N PHE D 482 -13.99 -28.63 38.57
CA PHE D 482 -14.15 -29.01 39.97
C PHE D 482 -15.61 -29.04 40.39
N GLU D 483 -15.98 -29.91 41.31
CA GLU D 483 -17.30 -30.03 41.93
C GLU D 483 -17.17 -30.36 43.41
N VAL D 484 -18.24 -30.13 44.15
CA VAL D 484 -18.40 -30.44 45.57
C VAL D 484 -18.24 -31.96 45.81
N ASN D 485 -17.47 -32.32 46.83
CA ASN D 485 -17.16 -33.70 47.20
C ASN D 485 -18.41 -34.41 47.78
N PRO D 486 -18.90 -35.50 47.13
CA PRO D 486 -20.10 -36.21 47.60
C PRO D 486 -19.91 -37.01 48.91
N VAL D 487 -18.67 -37.25 49.35
CA VAL D 487 -18.39 -37.87 50.65
C VAL D 487 -18.70 -36.87 51.77
N TRP D 488 -18.01 -35.72 51.73
CA TRP D 488 -18.14 -34.65 52.72
C TRP D 488 -19.54 -33.99 52.76
N LYS D 489 -20.27 -34.05 51.63
CA LYS D 489 -21.66 -33.59 51.46
C LYS D 489 -22.60 -34.01 52.60
N LYS D 490 -22.41 -35.24 53.09
CA LYS D 490 -23.18 -35.84 54.19
C LYS D 490 -23.05 -35.06 55.52
N CYS D 491 -21.93 -34.37 55.72
CA CYS D 491 -21.69 -33.53 56.89
C CYS D 491 -22.13 -32.08 56.64
N LEU D 492 -22.03 -31.63 55.38
CA LEU D 492 -22.34 -30.26 54.96
C LEU D 492 -23.85 -29.98 55.01
N LEU D 497 -25.84 -26.47 55.01
CA LEU D 497 -25.42 -26.08 53.67
C LEU D 497 -26.19 -26.97 52.67
N LYS D 498 -27.41 -26.54 52.33
CA LYS D 498 -28.38 -27.32 51.59
C LYS D 498 -28.12 -27.20 50.08
N PHE D 499 -27.65 -28.28 49.46
CA PHE D 499 -27.40 -28.38 48.02
C PHE D 499 -28.70 -28.55 47.23
N VAL D 500 -29.50 -27.47 47.19
CA VAL D 500 -30.83 -27.39 46.59
C VAL D 500 -30.91 -27.71 45.08
N GLY D 501 -29.85 -27.45 44.32
CA GLY D 501 -29.78 -27.71 42.89
C GLY D 501 -28.69 -28.75 42.67
N GLN D 502 -29.02 -29.83 41.95
CA GLN D 502 -28.14 -30.94 41.65
C GLN D 502 -28.34 -31.32 40.18
N ASP D 503 -27.36 -31.99 39.56
CA ASP D 503 -27.49 -32.47 38.18
C ASP D 503 -28.49 -33.65 38.09
N VAL D 504 -28.86 -34.00 36.86
CA VAL D 504 -29.72 -35.13 36.53
C VAL D 504 -29.20 -36.50 37.04
N GLU D 505 -27.87 -36.63 37.22
CA GLU D 505 -27.26 -37.84 37.75
C GLU D 505 -27.27 -37.90 39.29
N GLY D 506 -27.44 -36.75 39.97
CA GLY D 506 -27.28 -36.59 41.41
C GLY D 506 -25.80 -36.64 41.86
N GLU D 507 -24.87 -36.74 40.90
CA GLU D 507 -23.42 -36.80 41.10
C GLU D 507 -22.83 -35.44 41.51
N ARG D 508 -23.42 -34.37 40.99
CA ARG D 508 -22.83 -33.03 40.96
C ARG D 508 -23.80 -32.05 41.61
N MET D 509 -23.31 -31.28 42.58
CA MET D 509 -24.07 -30.23 43.26
C MET D 509 -23.88 -28.94 42.46
N GLU D 510 -24.98 -28.30 42.07
CA GLU D 510 -24.97 -27.21 41.10
C GLU D 510 -25.56 -25.89 41.64
N ILE D 511 -26.37 -25.95 42.71
CA ILE D 511 -26.78 -24.78 43.48
C ILE D 511 -26.77 -25.20 44.95
N VAL D 512 -26.30 -24.30 45.81
CA VAL D 512 -26.30 -24.46 47.25
C VAL D 512 -26.93 -23.21 47.88
N GLU D 513 -27.62 -23.40 49.01
CA GLU D 513 -28.33 -22.38 49.74
C GLU D 513 -28.11 -22.67 51.24
N LEU D 514 -27.64 -21.69 52.00
CA LEU D 514 -27.40 -21.83 53.44
C LEU D 514 -28.64 -21.39 54.21
N GLU D 515 -29.05 -22.18 55.20
CA GLU D 515 -30.18 -21.88 56.08
C GLU D 515 -29.88 -20.70 57.04
N ASP D 516 -30.96 -20.07 57.52
CA ASP D 516 -30.96 -19.02 58.55
C ASP D 516 -30.28 -17.70 58.10
N HIS D 517 -30.07 -17.52 56.79
CA HIS D 517 -29.49 -16.34 56.18
C HIS D 517 -30.53 -15.74 55.21
N PRO D 518 -30.67 -14.39 55.16
CA PRO D 518 -31.49 -13.69 54.14
C PRO D 518 -31.36 -14.14 52.69
N PHE D 519 -30.12 -14.37 52.22
CA PHE D 519 -29.83 -14.81 50.85
C PHE D 519 -28.34 -15.15 50.83
N PHE D 520 -28.00 -16.43 50.98
CA PHE D 520 -26.63 -16.91 50.85
C PHE D 520 -26.73 -18.10 49.91
N VAL D 521 -26.46 -17.83 48.63
CA VAL D 521 -26.63 -18.76 47.54
C VAL D 521 -25.27 -18.92 46.83
N GLY D 522 -24.92 -20.16 46.52
CA GLY D 522 -23.88 -20.46 45.57
C GLY D 522 -24.59 -21.08 44.37
N VAL D 523 -24.18 -20.69 43.16
CA VAL D 523 -24.54 -21.33 41.90
C VAL D 523 -23.21 -21.76 41.24
N GLN D 524 -23.16 -23.01 40.77
CA GLN D 524 -21.94 -23.60 40.20
C GLN D 524 -21.76 -23.18 38.73
N TYR D 525 -22.87 -22.85 38.08
CA TYR D 525 -22.94 -22.33 36.72
C TYR D 525 -22.68 -20.82 36.66
N HIS D 526 -22.86 -20.24 35.49
CA HIS D 526 -22.76 -18.81 35.20
C HIS D 526 -24.13 -18.25 34.82
N PRO D 527 -24.94 -17.75 35.76
CA PRO D 527 -26.26 -17.20 35.44
C PRO D 527 -26.25 -16.02 34.46
N GLU D 528 -25.19 -15.21 34.53
CA GLU D 528 -24.99 -13.97 33.80
C GLU D 528 -25.11 -14.13 32.28
N PHE D 529 -24.70 -15.30 31.77
CA PHE D 529 -24.73 -15.63 30.34
C PHE D 529 -26.17 -15.73 29.76
N LEU D 530 -27.17 -15.89 30.64
CA LEU D 530 -28.58 -15.94 30.27
C LEU D 530 -29.38 -14.78 30.88
N SER D 531 -28.70 -13.72 31.34
CA SER D 531 -29.37 -12.49 31.77
C SER D 531 -29.66 -11.62 30.55
N ARG D 532 -30.88 -11.08 30.48
CA ARG D 532 -31.33 -10.13 29.48
C ARG D 532 -31.95 -8.93 30.23
N PRO D 533 -32.02 -7.72 29.64
CA PRO D 533 -32.75 -6.59 30.27
C PRO D 533 -34.22 -6.89 30.62
N ILE D 534 -34.89 -7.58 29.71
CA ILE D 534 -36.27 -8.06 29.83
C ILE D 534 -36.45 -9.25 30.80
N LYS D 535 -35.35 -9.86 31.29
CA LYS D 535 -35.36 -11.03 32.15
C LYS D 535 -33.98 -11.16 32.81
N PRO D 536 -33.73 -10.48 33.95
CA PRO D 536 -32.50 -10.72 34.73
C PRO D 536 -32.44 -12.17 35.25
N SER D 537 -31.24 -12.75 35.36
CA SER D 537 -31.12 -14.08 35.94
C SER D 537 -31.54 -14.07 37.43
N PRO D 538 -32.47 -14.97 37.82
CA PRO D 538 -33.01 -14.99 39.18
C PRO D 538 -32.03 -15.02 40.38
N PRO D 539 -30.82 -15.62 40.30
CA PRO D 539 -29.85 -15.46 41.41
C PRO D 539 -29.29 -14.04 41.57
N TYR D 540 -29.05 -13.34 40.45
CA TYR D 540 -28.61 -11.94 40.42
C TYR D 540 -29.74 -11.00 40.83
N PHE D 541 -30.97 -11.35 40.45
CA PHE D 541 -32.17 -10.61 40.82
C PHE D 541 -32.50 -10.78 42.31
N GLY D 542 -32.45 -12.03 42.79
CA GLY D 542 -32.64 -12.40 44.19
C GLY D 542 -31.62 -11.73 45.10
N LEU D 543 -30.35 -11.67 44.69
CA LEU D 543 -29.29 -10.95 45.40
C LEU D 543 -29.58 -9.45 45.50
N LEU D 544 -29.95 -8.81 44.40
CA LEU D 544 -30.30 -7.38 44.35
C LEU D 544 -31.55 -7.07 45.19
N LEU D 545 -32.56 -7.93 45.08
CA LEU D 545 -33.77 -7.89 45.90
C LEU D 545 -33.47 -8.03 47.39
N ALA D 546 -32.55 -8.94 47.74
CA ALA D 546 -32.15 -9.22 49.11
C ALA D 546 -31.37 -8.05 49.73
N SER D 547 -30.42 -7.51 49.00
CA SER D 547 -29.59 -6.41 49.45
C SER D 547 -30.40 -5.14 49.74
N VAL D 548 -31.54 -4.93 49.06
CA VAL D 548 -32.49 -3.83 49.36
C VAL D 548 -33.71 -4.27 50.20
N GLY D 549 -33.74 -5.51 50.67
CA GLY D 549 -34.78 -6.10 51.53
C GLY D 549 -36.05 -6.53 50.79
N ARG D 550 -36.28 -6.00 49.58
CA ARG D 550 -37.44 -6.17 48.71
C ARG D 550 -37.78 -7.63 48.33
N LEU D 551 -36.82 -8.57 48.52
CA LEU D 551 -37.01 -10.02 48.38
C LEU D 551 -38.16 -10.57 49.23
N SER D 552 -38.31 -9.99 50.43
CA SER D 552 -39.39 -10.31 51.38
C SER D 552 -40.79 -9.97 50.84
N HIS D 553 -40.89 -8.99 49.94
CA HIS D 553 -42.12 -8.64 49.25
C HIS D 553 -42.27 -9.45 47.96
N TYR D 554 -41.15 -9.80 47.31
CA TYR D 554 -41.11 -10.56 46.07
C TYR D 554 -41.60 -12.01 46.28
N LEU D 555 -41.00 -12.72 47.24
CA LEU D 555 -41.39 -14.09 47.61
C LEU D 555 -42.80 -14.18 48.22
N GLN D 556 -43.28 -13.06 48.77
CA GLN D 556 -44.62 -12.88 49.32
C GLN D 556 -45.70 -12.73 48.21
#